data_1A85
# 
_entry.id   1A85 
# 
_audit_conform.dict_name       mmcif_pdbx.dic 
_audit_conform.dict_version    5.385 
_audit_conform.dict_location   http://mmcif.pdb.org/dictionaries/ascii/mmcif_pdbx.dic 
# 
loop_
_database_2.database_id 
_database_2.database_code 
_database_2.pdbx_database_accession 
_database_2.pdbx_DOI 
PDB   1A85         pdb_00001a85 10.2210/pdb1a85/pdb 
WWPDB D_1000170512 ?            ?                   
# 
loop_
_pdbx_audit_revision_history.ordinal 
_pdbx_audit_revision_history.data_content_type 
_pdbx_audit_revision_history.major_revision 
_pdbx_audit_revision_history.minor_revision 
_pdbx_audit_revision_history.revision_date 
1 'Structure model' 1 0 1999-04-27 
2 'Structure model' 1 1 2008-03-24 
3 'Structure model' 1 2 2011-07-13 
4 'Structure model' 1 3 2012-12-12 
5 'Structure model' 1 4 2024-02-07 
# 
_pdbx_audit_revision_details.ordinal             1 
_pdbx_audit_revision_details.revision_ordinal    1 
_pdbx_audit_revision_details.data_content_type   'Structure model' 
_pdbx_audit_revision_details.provider            repository 
_pdbx_audit_revision_details.type                'Initial release' 
_pdbx_audit_revision_details.description         ? 
_pdbx_audit_revision_details.details             ? 
# 
loop_
_pdbx_audit_revision_group.ordinal 
_pdbx_audit_revision_group.revision_ordinal 
_pdbx_audit_revision_group.data_content_type 
_pdbx_audit_revision_group.group 
1  2 'Structure model' 'Version format compliance' 
2  3 'Structure model' 'Atomic model'              
3  3 'Structure model' 'Database references'       
4  3 'Structure model' 'Derived calculations'      
5  3 'Structure model' 'Non-polymer description'   
6  3 'Structure model' 'Structure summary'         
7  3 'Structure model' 'Version format compliance' 
8  4 'Structure model' Other                       
9  5 'Structure model' 'Data collection'           
10 5 'Structure model' 'Database references'       
11 5 'Structure model' 'Derived calculations'      
12 5 'Structure model' Other                       
# 
loop_
_pdbx_audit_revision_category.ordinal 
_pdbx_audit_revision_category.revision_ordinal 
_pdbx_audit_revision_category.data_content_type 
_pdbx_audit_revision_category.category 
1 5 'Structure model' chem_comp_atom         
2 5 'Structure model' chem_comp_bond         
3 5 'Structure model' database_2             
4 5 'Structure model' pdbx_database_status   
5 5 'Structure model' pdbx_struct_conn_angle 
6 5 'Structure model' struct_conn            
7 5 'Structure model' struct_site            
# 
loop_
_pdbx_audit_revision_item.ordinal 
_pdbx_audit_revision_item.revision_ordinal 
_pdbx_audit_revision_item.data_content_type 
_pdbx_audit_revision_item.item 
1  5 'Structure model' '_database_2.pdbx_DOI'                        
2  5 'Structure model' '_database_2.pdbx_database_accession'         
3  5 'Structure model' '_pdbx_database_status.process_site'          
4  5 'Structure model' '_pdbx_struct_conn_angle.ptnr1_auth_comp_id'  
5  5 'Structure model' '_pdbx_struct_conn_angle.ptnr1_auth_seq_id'   
6  5 'Structure model' '_pdbx_struct_conn_angle.ptnr1_label_asym_id' 
7  5 'Structure model' '_pdbx_struct_conn_angle.ptnr1_label_atom_id' 
8  5 'Structure model' '_pdbx_struct_conn_angle.ptnr1_label_comp_id' 
9  5 'Structure model' '_pdbx_struct_conn_angle.ptnr1_label_seq_id'  
10 5 'Structure model' '_pdbx_struct_conn_angle.ptnr2_auth_comp_id'  
11 5 'Structure model' '_pdbx_struct_conn_angle.ptnr2_auth_seq_id'   
12 5 'Structure model' '_pdbx_struct_conn_angle.ptnr2_label_asym_id' 
13 5 'Structure model' '_pdbx_struct_conn_angle.ptnr2_label_atom_id' 
14 5 'Structure model' '_pdbx_struct_conn_angle.ptnr2_label_comp_id' 
15 5 'Structure model' '_pdbx_struct_conn_angle.ptnr3_auth_comp_id'  
16 5 'Structure model' '_pdbx_struct_conn_angle.ptnr3_auth_seq_id'   
17 5 'Structure model' '_pdbx_struct_conn_angle.ptnr3_label_asym_id' 
18 5 'Structure model' '_pdbx_struct_conn_angle.ptnr3_label_atom_id' 
19 5 'Structure model' '_pdbx_struct_conn_angle.ptnr3_label_comp_id' 
20 5 'Structure model' '_pdbx_struct_conn_angle.ptnr3_label_seq_id'  
21 5 'Structure model' '_pdbx_struct_conn_angle.value'               
22 5 'Structure model' '_struct_conn.pdbx_dist_value'                
23 5 'Structure model' '_struct_conn.ptnr1_auth_comp_id'             
24 5 'Structure model' '_struct_conn.ptnr1_auth_seq_id'              
25 5 'Structure model' '_struct_conn.ptnr1_label_asym_id'            
26 5 'Structure model' '_struct_conn.ptnr1_label_atom_id'            
27 5 'Structure model' '_struct_conn.ptnr1_label_comp_id'            
28 5 'Structure model' '_struct_conn.ptnr1_label_seq_id'             
29 5 'Structure model' '_struct_conn.ptnr2_auth_comp_id'             
30 5 'Structure model' '_struct_conn.ptnr2_auth_seq_id'              
31 5 'Structure model' '_struct_conn.ptnr2_label_asym_id'            
32 5 'Structure model' '_struct_conn.ptnr2_label_atom_id'            
33 5 'Structure model' '_struct_conn.ptnr2_label_comp_id'            
34 5 'Structure model' '_struct_conn.ptnr2_label_seq_id'             
35 5 'Structure model' '_struct_site.pdbx_auth_asym_id'              
36 5 'Structure model' '_struct_site.pdbx_auth_comp_id'              
37 5 'Structure model' '_struct_site.pdbx_auth_seq_id'               
# 
_pdbx_database_status.status_code                     REL 
_pdbx_database_status.entry_id                        1A85 
_pdbx_database_status.recvd_initial_deposition_date   1998-04-03 
_pdbx_database_status.deposit_site                    ? 
_pdbx_database_status.process_site                    BNL 
_pdbx_database_status.SG_entry                        . 
_pdbx_database_status.pdb_format_compatible           Y 
_pdbx_database_status.status_code_mr                  ? 
_pdbx_database_status.status_code_sf                  ? 
_pdbx_database_status.status_code_cs                  ? 
_pdbx_database_status.status_code_nmr_data            ? 
_pdbx_database_status.methods_development_category    ? 
# 
loop_
_audit_author.name 
_audit_author.pdbx_ordinal 
'Brandstetter, H.' 1 
'Roedern, E.G.V.'  2 
'Grams, F.'        3 
'Engh, R.A.'       4 
# 
_citation.id                        primary 
_citation.title                     
;Structure of malonic acid-based inhibitors bound to human neutrophil collagenase. A new binding mode explains apparently anomalous data.
;
_citation.journal_abbrev            'Protein Sci.' 
_citation.journal_volume            7 
_citation.page_first                1303 
_citation.page_last                 1309 
_citation.year                      1998 
_citation.journal_id_ASTM           PRCIEI 
_citation.country                   US 
_citation.journal_id_ISSN           0961-8368 
_citation.journal_id_CSD            0795 
_citation.book_publisher            ? 
_citation.pdbx_database_id_PubMed   9655333 
_citation.pdbx_database_id_DOI      ? 
# 
loop_
_citation_author.citation_id 
_citation_author.name 
_citation_author.ordinal 
_citation_author.identifier_ORCID 
primary 'Brandstetter, H.'  1 ? 
primary 'Engh, R.A.'        2 ? 
primary 'Von Roedern, E.G.' 3 ? 
primary 'Moroder, L.'       4 ? 
primary 'Huber, R.'         5 ? 
primary 'Bode, W.'          6 ? 
primary 'Grams, F.'         7 ? 
# 
loop_
_entity.id 
_entity.type 
_entity.src_method 
_entity.pdbx_description 
_entity.formula_weight 
_entity.pdbx_number_of_molecules 
_entity.pdbx_ec 
_entity.pdbx_mutation 
_entity.pdbx_fragment 
_entity.details 
1 polymer     nat MMP-8                                                                                   17612.115 1 3.4.24.34 ? 
? ? 
2 non-polymer syn 'CALCIUM ION'                                                                           40.078    2 ?         ? 
? ? 
3 non-polymer syn 'ZINC ION'                                                                              65.409    2 ?         ? 
? ? 
4 non-polymer syn 'N~1~-(3-aminobenzyl)-N~2~-[(2R)-2-(hydroxycarbamoyl)-4-methylpentanoyl]-L-aspartamide' 393.437   1 ?         ? 
? ? 
# 
_entity_name_com.entity_id   1 
_entity_name_com.name        'MATRIX METALLOPROTEINASE-8' 
# 
_entity_poly.entity_id                      1 
_entity_poly.type                           'polypeptide(L)' 
_entity_poly.nstd_linkage                   no 
_entity_poly.nstd_monomer                   no 
_entity_poly.pdbx_seq_one_letter_code       
;NPKWERTNLTYRIRNYTPQLSEAEVERAIKDAFELWSVASPLIFTRISQGEADINIAFYQRDHGDNSPFDGPNGILAHAF
QPGQGIGGDAHFDAEETWTNTSANYNLFLVAAHEFGHSLGLAHSSDPGALMYPNYAFRETSNYSLPQDDIDGIQAIYG
;
_entity_poly.pdbx_seq_one_letter_code_can   
;NPKWERTNLTYRIRNYTPQLSEAEVERAIKDAFELWSVASPLIFTRISQGEADINIAFYQRDHGDNSPFDGPNGILAHAF
QPGQGIGGDAHFDAEETWTNTSANYNLFLVAAHEFGHSLGLAHSSDPGALMYPNYAFRETSNYSLPQDDIDGIQAIYG
;
_entity_poly.pdbx_strand_id                 A 
_entity_poly.pdbx_target_identifier         ? 
# 
loop_
_pdbx_entity_nonpoly.entity_id 
_pdbx_entity_nonpoly.name 
_pdbx_entity_nonpoly.comp_id 
2 'CALCIUM ION'                                                                           CA  
3 'ZINC ION'                                                                              ZN  
4 'N~1~-(3-aminobenzyl)-N~2~-[(2R)-2-(hydroxycarbamoyl)-4-methylpentanoyl]-L-aspartamide' 0DY 
# 
loop_
_entity_poly_seq.entity_id 
_entity_poly_seq.num 
_entity_poly_seq.mon_id 
_entity_poly_seq.hetero 
1 1   ASN n 
1 2   PRO n 
1 3   LYS n 
1 4   TRP n 
1 5   GLU n 
1 6   ARG n 
1 7   THR n 
1 8   ASN n 
1 9   LEU n 
1 10  THR n 
1 11  TYR n 
1 12  ARG n 
1 13  ILE n 
1 14  ARG n 
1 15  ASN n 
1 16  TYR n 
1 17  THR n 
1 18  PRO n 
1 19  GLN n 
1 20  LEU n 
1 21  SER n 
1 22  GLU n 
1 23  ALA n 
1 24  GLU n 
1 25  VAL n 
1 26  GLU n 
1 27  ARG n 
1 28  ALA n 
1 29  ILE n 
1 30  LYS n 
1 31  ASP n 
1 32  ALA n 
1 33  PHE n 
1 34  GLU n 
1 35  LEU n 
1 36  TRP n 
1 37  SER n 
1 38  VAL n 
1 39  ALA n 
1 40  SER n 
1 41  PRO n 
1 42  LEU n 
1 43  ILE n 
1 44  PHE n 
1 45  THR n 
1 46  ARG n 
1 47  ILE n 
1 48  SER n 
1 49  GLN n 
1 50  GLY n 
1 51  GLU n 
1 52  ALA n 
1 53  ASP n 
1 54  ILE n 
1 55  ASN n 
1 56  ILE n 
1 57  ALA n 
1 58  PHE n 
1 59  TYR n 
1 60  GLN n 
1 61  ARG n 
1 62  ASP n 
1 63  HIS n 
1 64  GLY n 
1 65  ASP n 
1 66  ASN n 
1 67  SER n 
1 68  PRO n 
1 69  PHE n 
1 70  ASP n 
1 71  GLY n 
1 72  PRO n 
1 73  ASN n 
1 74  GLY n 
1 75  ILE n 
1 76  LEU n 
1 77  ALA n 
1 78  HIS n 
1 79  ALA n 
1 80  PHE n 
1 81  GLN n 
1 82  PRO n 
1 83  GLY n 
1 84  GLN n 
1 85  GLY n 
1 86  ILE n 
1 87  GLY n 
1 88  GLY n 
1 89  ASP n 
1 90  ALA n 
1 91  HIS n 
1 92  PHE n 
1 93  ASP n 
1 94  ALA n 
1 95  GLU n 
1 96  GLU n 
1 97  THR n 
1 98  TRP n 
1 99  THR n 
1 100 ASN n 
1 101 THR n 
1 102 SER n 
1 103 ALA n 
1 104 ASN n 
1 105 TYR n 
1 106 ASN n 
1 107 LEU n 
1 108 PHE n 
1 109 LEU n 
1 110 VAL n 
1 111 ALA n 
1 112 ALA n 
1 113 HIS n 
1 114 GLU n 
1 115 PHE n 
1 116 GLY n 
1 117 HIS n 
1 118 SER n 
1 119 LEU n 
1 120 GLY n 
1 121 LEU n 
1 122 ALA n 
1 123 HIS n 
1 124 SER n 
1 125 SER n 
1 126 ASP n 
1 127 PRO n 
1 128 GLY n 
1 129 ALA n 
1 130 LEU n 
1 131 MET n 
1 132 TYR n 
1 133 PRO n 
1 134 ASN n 
1 135 TYR n 
1 136 ALA n 
1 137 PHE n 
1 138 ARG n 
1 139 GLU n 
1 140 THR n 
1 141 SER n 
1 142 ASN n 
1 143 TYR n 
1 144 SER n 
1 145 LEU n 
1 146 PRO n 
1 147 GLN n 
1 148 ASP n 
1 149 ASP n 
1 150 ILE n 
1 151 ASP n 
1 152 GLY n 
1 153 ILE n 
1 154 GLN n 
1 155 ALA n 
1 156 ILE n 
1 157 TYR n 
1 158 GLY n 
# 
_entity_src_nat.entity_id                  1 
_entity_src_nat.pdbx_src_id                1 
_entity_src_nat.pdbx_alt_source_flag       sample 
_entity_src_nat.pdbx_beg_seq_num           ? 
_entity_src_nat.pdbx_end_seq_num           ? 
_entity_src_nat.common_name                human 
_entity_src_nat.pdbx_organism_scientific   'Homo sapiens' 
_entity_src_nat.pdbx_ncbi_taxonomy_id      9606 
_entity_src_nat.genus                      Homo 
_entity_src_nat.species                    ? 
_entity_src_nat.strain                     ? 
_entity_src_nat.tissue                     ? 
_entity_src_nat.tissue_fraction            ? 
_entity_src_nat.pdbx_secretion             ? 
_entity_src_nat.pdbx_fragment              ? 
_entity_src_nat.pdbx_variant               ? 
_entity_src_nat.pdbx_cell_line             ? 
_entity_src_nat.pdbx_atcc                  ? 
_entity_src_nat.pdbx_cellular_location     ? 
_entity_src_nat.pdbx_organ                 ? 
_entity_src_nat.pdbx_organelle             ? 
_entity_src_nat.pdbx_cell                  ? 
_entity_src_nat.pdbx_plasmid_name          ? 
_entity_src_nat.pdbx_plasmid_details       ? 
_entity_src_nat.details                    ? 
# 
loop_
_chem_comp.id 
_chem_comp.type 
_chem_comp.mon_nstd_flag 
_chem_comp.name 
_chem_comp.pdbx_synonyms 
_chem_comp.formula 
_chem_comp.formula_weight 
0DY peptide-like        . 'N~1~-(3-aminobenzyl)-N~2~-[(2R)-2-(hydroxycarbamoyl)-4-methylpentanoyl]-L-aspartamide' 
'HONH-iBM-Asn-NHBn(m-NH2)' 'C18 H27 N5 O5'  393.437 
ALA 'L-peptide linking' y ALANINE                                                                                 ? 'C3 H7 N O2' 
89.093  
ARG 'L-peptide linking' y ARGININE                                                                                ? 
'C6 H15 N4 O2 1' 175.209 
ASN 'L-peptide linking' y ASPARAGINE                                                                              ? 'C4 H8 N2 O3' 
132.118 
ASP 'L-peptide linking' y 'ASPARTIC ACID'                                                                         ? 'C4 H7 N O4' 
133.103 
CA  non-polymer         . 'CALCIUM ION'                                                                           ? 'Ca 2' 40.078  
GLN 'L-peptide linking' y GLUTAMINE                                                                               ? 'C5 H10 N2 O3' 
146.144 
GLU 'L-peptide linking' y 'GLUTAMIC ACID'                                                                         ? 'C5 H9 N O4' 
147.129 
GLY 'peptide linking'   y GLYCINE                                                                                 ? 'C2 H5 N O2' 
75.067  
HIS 'L-peptide linking' y HISTIDINE                                                                               ? 
'C6 H10 N3 O2 1' 156.162 
ILE 'L-peptide linking' y ISOLEUCINE                                                                              ? 'C6 H13 N O2' 
131.173 
LEU 'L-peptide linking' y LEUCINE                                                                                 ? 'C6 H13 N O2' 
131.173 
LYS 'L-peptide linking' y LYSINE                                                                                  ? 
'C6 H15 N2 O2 1' 147.195 
MET 'L-peptide linking' y METHIONINE                                                                              ? 
'C5 H11 N O2 S'  149.211 
PHE 'L-peptide linking' y PHENYLALANINE                                                                           ? 'C9 H11 N O2' 
165.189 
PRO 'L-peptide linking' y PROLINE                                                                                 ? 'C5 H9 N O2' 
115.130 
SER 'L-peptide linking' y SERINE                                                                                  ? 'C3 H7 N O3' 
105.093 
THR 'L-peptide linking' y THREONINE                                                                               ? 'C4 H9 N O3' 
119.119 
TRP 'L-peptide linking' y TRYPTOPHAN                                                                              ? 
'C11 H12 N2 O2'  204.225 
TYR 'L-peptide linking' y TYROSINE                                                                                ? 'C9 H11 N O3' 
181.189 
VAL 'L-peptide linking' y VALINE                                                                                  ? 'C5 H11 N O2' 
117.146 
ZN  non-polymer         . 'ZINC ION'                                                                              ? 'Zn 2' 65.409  
# 
loop_
_pdbx_poly_seq_scheme.asym_id 
_pdbx_poly_seq_scheme.entity_id 
_pdbx_poly_seq_scheme.seq_id 
_pdbx_poly_seq_scheme.mon_id 
_pdbx_poly_seq_scheme.ndb_seq_num 
_pdbx_poly_seq_scheme.pdb_seq_num 
_pdbx_poly_seq_scheme.auth_seq_num 
_pdbx_poly_seq_scheme.pdb_mon_id 
_pdbx_poly_seq_scheme.auth_mon_id 
_pdbx_poly_seq_scheme.pdb_strand_id 
_pdbx_poly_seq_scheme.pdb_ins_code 
_pdbx_poly_seq_scheme.hetero 
A 1 1   ASN 1   85  85  ASN ASN A . n 
A 1 2   PRO 2   86  86  PRO PRO A . n 
A 1 3   LYS 3   87  87  LYS LYS A . n 
A 1 4   TRP 4   88  88  TRP TRP A . n 
A 1 5   GLU 5   89  89  GLU GLU A . n 
A 1 6   ARG 6   90  90  ARG ARG A . n 
A 1 7   THR 7   91  91  THR THR A . n 
A 1 8   ASN 8   92  92  ASN ASN A . n 
A 1 9   LEU 9   93  93  LEU LEU A . n 
A 1 10  THR 10  94  94  THR THR A . n 
A 1 11  TYR 11  95  95  TYR TYR A . n 
A 1 12  ARG 12  96  96  ARG ARG A . n 
A 1 13  ILE 13  97  97  ILE ILE A . n 
A 1 14  ARG 14  98  98  ARG ARG A . n 
A 1 15  ASN 15  99  99  ASN ASN A . n 
A 1 16  TYR 16  100 100 TYR TYR A . n 
A 1 17  THR 17  101 101 THR THR A . n 
A 1 18  PRO 18  102 102 PRO PRO A . n 
A 1 19  GLN 19  103 103 GLN GLN A . n 
A 1 20  LEU 20  104 104 LEU LEU A . n 
A 1 21  SER 21  105 105 SER SER A . n 
A 1 22  GLU 22  106 106 GLU GLU A . n 
A 1 23  ALA 23  107 107 ALA ALA A . n 
A 1 24  GLU 24  108 108 GLU GLU A . n 
A 1 25  VAL 25  109 109 VAL VAL A . n 
A 1 26  GLU 26  110 110 GLU GLU A . n 
A 1 27  ARG 27  111 111 ARG ARG A . n 
A 1 28  ALA 28  112 112 ALA ALA A . n 
A 1 29  ILE 29  113 113 ILE ILE A . n 
A 1 30  LYS 30  114 114 LYS LYS A . n 
A 1 31  ASP 31  115 115 ASP ASP A . n 
A 1 32  ALA 32  116 116 ALA ALA A . n 
A 1 33  PHE 33  117 117 PHE PHE A . n 
A 1 34  GLU 34  118 118 GLU GLU A . n 
A 1 35  LEU 35  119 119 LEU LEU A . n 
A 1 36  TRP 36  120 120 TRP TRP A . n 
A 1 37  SER 37  121 121 SER SER A . n 
A 1 38  VAL 38  122 122 VAL VAL A . n 
A 1 39  ALA 39  123 123 ALA ALA A . n 
A 1 40  SER 40  124 124 SER SER A . n 
A 1 41  PRO 41  125 125 PRO PRO A . n 
A 1 42  LEU 42  126 126 LEU LEU A . n 
A 1 43  ILE 43  127 127 ILE ILE A . n 
A 1 44  PHE 44  128 128 PHE PHE A . n 
A 1 45  THR 45  129 129 THR THR A . n 
A 1 46  ARG 46  130 130 ARG ARG A . n 
A 1 47  ILE 47  131 131 ILE ILE A . n 
A 1 48  SER 48  132 132 SER SER A . n 
A 1 49  GLN 49  133 133 GLN GLN A . n 
A 1 50  GLY 50  134 134 GLY GLY A . n 
A 1 51  GLU 51  135 135 GLU GLU A . n 
A 1 52  ALA 52  136 136 ALA ALA A . n 
A 1 53  ASP 53  137 137 ASP ASP A . n 
A 1 54  ILE 54  138 138 ILE ILE A . n 
A 1 55  ASN 55  139 139 ASN ASN A . n 
A 1 56  ILE 56  140 140 ILE ILE A . n 
A 1 57  ALA 57  141 141 ALA ALA A . n 
A 1 58  PHE 58  142 142 PHE PHE A . n 
A 1 59  TYR 59  143 143 TYR TYR A . n 
A 1 60  GLN 60  144 144 GLN GLN A . n 
A 1 61  ARG 61  145 145 ARG ARG A . n 
A 1 62  ASP 62  146 146 ASP ASP A . n 
A 1 63  HIS 63  147 147 HIS HIS A . n 
A 1 64  GLY 64  148 148 GLY GLY A . n 
A 1 65  ASP 65  149 149 ASP ASP A . n 
A 1 66  ASN 66  150 150 ASN ASN A . n 
A 1 67  SER 67  151 151 SER SER A . n 
A 1 68  PRO 68  152 152 PRO PRO A . n 
A 1 69  PHE 69  153 153 PHE PHE A . n 
A 1 70  ASP 70  154 154 ASP ASP A . n 
A 1 71  GLY 71  155 155 GLY GLY A . n 
A 1 72  PRO 72  156 156 PRO PRO A . n 
A 1 73  ASN 73  157 157 ASN ASN A . n 
A 1 74  GLY 74  158 158 GLY GLY A . n 
A 1 75  ILE 75  159 159 ILE ILE A . n 
A 1 76  LEU 76  160 160 LEU LEU A . n 
A 1 77  ALA 77  161 161 ALA ALA A . n 
A 1 78  HIS 78  162 162 HIS HIS A . n 
A 1 79  ALA 79  163 163 ALA ALA A . n 
A 1 80  PHE 80  164 164 PHE PHE A . n 
A 1 81  GLN 81  165 165 GLN GLN A . n 
A 1 82  PRO 82  166 166 PRO PRO A . n 
A 1 83  GLY 83  167 167 GLY GLY A . n 
A 1 84  GLN 84  168 168 GLN GLN A . n 
A 1 85  GLY 85  169 169 GLY GLY A . n 
A 1 86  ILE 86  170 170 ILE ILE A . n 
A 1 87  GLY 87  171 171 GLY GLY A . n 
A 1 88  GLY 88  172 172 GLY GLY A . n 
A 1 89  ASP 89  173 173 ASP ASP A . n 
A 1 90  ALA 90  174 174 ALA ALA A . n 
A 1 91  HIS 91  175 175 HIS HIS A . n 
A 1 92  PHE 92  176 176 PHE PHE A . n 
A 1 93  ASP 93  177 177 ASP ASP A . n 
A 1 94  ALA 94  178 178 ALA ALA A . n 
A 1 95  GLU 95  179 179 GLU GLU A . n 
A 1 96  GLU 96  180 180 GLU GLU A . n 
A 1 97  THR 97  181 181 THR THR A . n 
A 1 98  TRP 98  182 182 TRP TRP A . n 
A 1 99  THR 99  183 183 THR THR A . n 
A 1 100 ASN 100 184 184 ASN ASN A . n 
A 1 101 THR 101 185 185 THR THR A . n 
A 1 102 SER 102 186 186 SER SER A . n 
A 1 103 ALA 103 187 187 ALA ALA A . n 
A 1 104 ASN 104 188 188 ASN ASN A . n 
A 1 105 TYR 105 189 189 TYR TYR A . n 
A 1 106 ASN 106 190 190 ASN ASN A . n 
A 1 107 LEU 107 191 191 LEU LEU A . n 
A 1 108 PHE 108 192 192 PHE PHE A . n 
A 1 109 LEU 109 193 193 LEU LEU A . n 
A 1 110 VAL 110 194 194 VAL VAL A . n 
A 1 111 ALA 111 195 195 ALA ALA A . n 
A 1 112 ALA 112 196 196 ALA ALA A . n 
A 1 113 HIS 113 197 197 HIS HIS A . n 
A 1 114 GLU 114 198 198 GLU GLU A . n 
A 1 115 PHE 115 199 199 PHE PHE A . n 
A 1 116 GLY 116 200 200 GLY GLY A . n 
A 1 117 HIS 117 201 201 HIS HIS A . n 
A 1 118 SER 118 202 202 SER SER A . n 
A 1 119 LEU 119 203 203 LEU LEU A . n 
A 1 120 GLY 120 204 204 GLY GLY A . n 
A 1 121 LEU 121 205 205 LEU LEU A . n 
A 1 122 ALA 122 206 206 ALA ALA A . n 
A 1 123 HIS 123 207 207 HIS HIS A . n 
A 1 124 SER 124 208 208 SER SER A . n 
A 1 125 SER 125 209 209 SER SER A . n 
A 1 126 ASP 126 210 210 ASP ASP A . n 
A 1 127 PRO 127 211 211 PRO PRO A . n 
A 1 128 GLY 128 212 212 GLY GLY A . n 
A 1 129 ALA 129 213 213 ALA ALA A . n 
A 1 130 LEU 130 214 214 LEU LEU A . n 
A 1 131 MET 131 215 215 MET MET A . n 
A 1 132 TYR 132 216 216 TYR TYR A . n 
A 1 133 PRO 133 217 217 PRO PRO A . n 
A 1 134 ASN 134 218 218 ASN ASN A . n 
A 1 135 TYR 135 219 219 TYR TYR A . n 
A 1 136 ALA 136 220 220 ALA ALA A . n 
A 1 137 PHE 137 221 221 PHE PHE A . n 
A 1 138 ARG 138 222 222 ARG ARG A . n 
A 1 139 GLU 139 223 223 GLU GLU A . n 
A 1 140 THR 140 224 224 THR THR A . n 
A 1 141 SER 141 225 225 SER SER A . n 
A 1 142 ASN 142 226 226 ASN ASN A . n 
A 1 143 TYR 143 227 227 TYR TYR A . n 
A 1 144 SER 144 228 228 SER SER A . n 
A 1 145 LEU 145 229 229 LEU LEU A . n 
A 1 146 PRO 146 230 230 PRO PRO A . n 
A 1 147 GLN 147 231 231 GLN GLN A . n 
A 1 148 ASP 148 232 232 ASP ASP A . n 
A 1 149 ASP 149 233 233 ASP ASP A . n 
A 1 150 ILE 150 234 234 ILE ILE A . n 
A 1 151 ASP 151 235 235 ASP ASP A . n 
A 1 152 GLY 152 236 236 GLY GLY A . n 
A 1 153 ILE 153 237 237 ILE ILE A . n 
A 1 154 GLN 154 238 238 GLN GLN A . n 
A 1 155 ALA 155 239 239 ALA ALA A . n 
A 1 156 ILE 156 240 240 ILE ILE A . n 
A 1 157 TYR 157 241 241 TYR TYR A . n 
A 1 158 GLY 158 242 242 GLY GLY A . n 
# 
loop_
_pdbx_nonpoly_scheme.asym_id 
_pdbx_nonpoly_scheme.entity_id 
_pdbx_nonpoly_scheme.mon_id 
_pdbx_nonpoly_scheme.ndb_seq_num 
_pdbx_nonpoly_scheme.pdb_seq_num 
_pdbx_nonpoly_scheme.auth_seq_num 
_pdbx_nonpoly_scheme.pdb_mon_id 
_pdbx_nonpoly_scheme.auth_mon_id 
_pdbx_nonpoly_scheme.pdb_strand_id 
_pdbx_nonpoly_scheme.pdb_ins_code 
B 2 CA  1 996 996 CA  CA  A . 
C 2 CA  1 997 997 CA  CA  A . 
D 3 ZN  1 998 998 ZN  ZN  A . 
E 3 ZN  1 999 999 ZN  ZN  A . 
F 4 0DY 1 1   1   0DY HMI A . 
# 
loop_
_pdbx_unobs_or_zero_occ_atoms.id 
_pdbx_unobs_or_zero_occ_atoms.PDB_model_num 
_pdbx_unobs_or_zero_occ_atoms.polymer_flag 
_pdbx_unobs_or_zero_occ_atoms.occupancy_flag 
_pdbx_unobs_or_zero_occ_atoms.auth_asym_id 
_pdbx_unobs_or_zero_occ_atoms.auth_comp_id 
_pdbx_unobs_or_zero_occ_atoms.auth_seq_id 
_pdbx_unobs_or_zero_occ_atoms.PDB_ins_code 
_pdbx_unobs_or_zero_occ_atoms.auth_atom_id 
_pdbx_unobs_or_zero_occ_atoms.label_alt_id 
_pdbx_unobs_or_zero_occ_atoms.label_asym_id 
_pdbx_unobs_or_zero_occ_atoms.label_comp_id 
_pdbx_unobs_or_zero_occ_atoms.label_seq_id 
_pdbx_unobs_or_zero_occ_atoms.label_atom_id 
1  1 Y 0 A MET 215 ? CE  ? A MET 131 CE  
2  1 Y 0 A ARG 222 ? CD  ? A ARG 138 CD  
3  1 Y 0 A ARG 222 ? NE  ? A ARG 138 NE  
4  1 Y 0 A ARG 222 ? CZ  ? A ARG 138 CZ  
5  1 Y 0 A ARG 222 ? NH1 ? A ARG 138 NH1 
6  1 Y 0 A ARG 222 ? NH2 ? A ARG 138 NH2 
7  1 Y 1 A GLY 242 ? O   ? A GLY 158 O   
8  1 N 0 A 0DY 1   ? CG  ? F 0DY ?   CG  
9  1 N 0 A 0DY 1   ? CD1 ? F 0DY ?   CD1 
10 1 N 0 A 0DY 1   ? CD2 ? F 0DY ?   CD2 
# 
_software.name             X-PLOR 
_software.classification   refinement 
_software.version          . 
_software.citation_id      ? 
_software.pdbx_ordinal     1 
# 
_cell.entry_id           1A85 
_cell.length_a           33.140 
_cell.length_b           69.430 
_cell.length_c           72.620 
_cell.angle_alpha        90.00 
_cell.angle_beta         90.00 
_cell.angle_gamma        90.00 
_cell.Z_PDB              4 
_cell.pdbx_unique_axis   ? 
# 
_symmetry.entry_id                         1A85 
_symmetry.space_group_name_H-M             'P 21 21 21' 
_symmetry.pdbx_full_space_group_name_H-M   ? 
_symmetry.cell_setting                     ? 
_symmetry.Int_Tables_number                19 
# 
_exptl.entry_id          1A85 
_exptl.method            'X-RAY DIFFRACTION' 
_exptl.crystals_number   ? 
# 
_exptl_crystal.id                    1 
_exptl_crystal.density_meas          ? 
_exptl_crystal.density_Matthews      2.33 
_exptl_crystal.density_percent_sol   47.0 
_exptl_crystal.description           ? 
# 
_diffrn.id                     1 
_diffrn.ambient_temp           283 
_diffrn.ambient_temp_details   ? 
_diffrn.crystal_id             1 
# 
_diffrn_detector.diffrn_id              1 
_diffrn_detector.detector               ? 
_diffrn_detector.type                   ? 
_diffrn_detector.pdbx_collection_date   1995-12 
_diffrn_detector.details                ? 
# 
_diffrn_radiation.diffrn_id                        1 
_diffrn_radiation.wavelength_id                    1 
_diffrn_radiation.pdbx_monochromatic_or_laue_m_l   M 
_diffrn_radiation.monochromator                    ? 
_diffrn_radiation.pdbx_diffrn_protocol             ? 
_diffrn_radiation.pdbx_scattering_type             x-ray 
# 
_diffrn_radiation_wavelength.id           1 
_diffrn_radiation_wavelength.wavelength   . 
_diffrn_radiation_wavelength.wt           1.0 
# 
_diffrn_source.diffrn_id                   1 
_diffrn_source.source                      ? 
_diffrn_source.type                        ? 
_diffrn_source.pdbx_synchrotron_site       ? 
_diffrn_source.pdbx_synchrotron_beamline   ? 
_diffrn_source.pdbx_wavelength             ? 
_diffrn_source.pdbx_wavelength_list        ? 
# 
_reflns.entry_id                     1A85 
_reflns.observed_criterion_sigma_I   ? 
_reflns.observed_criterion_sigma_F   ? 
_reflns.d_resolution_low             ? 
_reflns.d_resolution_high            2.0 
_reflns.number_obs                   ? 
_reflns.number_all                   ? 
_reflns.percent_possible_obs         ? 
_reflns.pdbx_Rmerge_I_obs            ? 
_reflns.pdbx_Rsym_value              ? 
_reflns.pdbx_netI_over_sigmaI        ? 
_reflns.B_iso_Wilson_estimate        ? 
_reflns.pdbx_redundancy              ? 
_reflns.pdbx_ordinal                 1 
_reflns.pdbx_diffrn_id               1 
# 
_refine.entry_id                                 1A85 
_refine.ls_number_reflns_obs                     ? 
_refine.ls_number_reflns_all                     ? 
_refine.pdbx_ls_sigma_I                          ? 
_refine.pdbx_ls_sigma_F                          ? 
_refine.pdbx_data_cutoff_high_absF               ? 
_refine.pdbx_data_cutoff_low_absF                ? 
_refine.pdbx_data_cutoff_high_rms_absF           ? 
_refine.ls_d_res_low                             ? 
_refine.ls_d_res_high                            2.0 
_refine.ls_percent_reflns_obs                    ? 
_refine.ls_R_factor_obs                          ? 
_refine.ls_R_factor_all                          ? 
_refine.ls_R_factor_R_work                       ? 
_refine.ls_R_factor_R_free                       ? 
_refine.ls_R_factor_R_free_error                 ? 
_refine.ls_R_factor_R_free_error_details         ? 
_refine.ls_percent_reflns_R_free                 ? 
_refine.ls_number_reflns_R_free                  ? 
_refine.ls_number_parameters                     ? 
_refine.ls_number_restraints                     ? 
_refine.occupancy_min                            ? 
_refine.occupancy_max                            ? 
_refine.B_iso_mean                               ? 
_refine.aniso_B[1][1]                            ? 
_refine.aniso_B[2][2]                            ? 
_refine.aniso_B[3][3]                            ? 
_refine.aniso_B[1][2]                            ? 
_refine.aniso_B[1][3]                            ? 
_refine.aniso_B[2][3]                            ? 
_refine.solvent_model_details                    ? 
_refine.solvent_model_param_ksol                 ? 
_refine.solvent_model_param_bsol                 ? 
_refine.pdbx_ls_cross_valid_method               ? 
_refine.details                                  ? 
_refine.pdbx_starting_model                      ? 
_refine.pdbx_method_to_determine_struct          ? 
_refine.pdbx_isotropic_thermal_model             ? 
_refine.pdbx_stereochemistry_target_values       ? 
_refine.pdbx_stereochem_target_val_spec_case     ? 
_refine.pdbx_R_Free_selection_details            ? 
_refine.pdbx_overall_ESU_R                       ? 
_refine.pdbx_overall_ESU_R_Free                  ? 
_refine.overall_SU_ML                            ? 
_refine.overall_SU_B                             ? 
_refine.pdbx_refine_id                           'X-RAY DIFFRACTION' 
_refine.pdbx_diffrn_id                           1 
_refine.pdbx_TLS_residual_ADP_flag               ? 
_refine.correlation_coeff_Fo_to_Fc               ? 
_refine.correlation_coeff_Fo_to_Fc_free          ? 
_refine.pdbx_solvent_vdw_probe_radii             ? 
_refine.pdbx_solvent_ion_probe_radii             ? 
_refine.pdbx_solvent_shrinkage_radii             ? 
_refine.pdbx_overall_phase_error                 ? 
_refine.overall_SU_R_Cruickshank_DPI             ? 
_refine.pdbx_overall_SU_R_free_Cruickshank_DPI   ? 
_refine.pdbx_overall_SU_R_Blow_DPI               ? 
_refine.pdbx_overall_SU_R_free_Blow_DPI          ? 
# 
_refine_hist.pdbx_refine_id                   'X-RAY DIFFRACTION' 
_refine_hist.cycle_id                         LAST 
_refine_hist.pdbx_number_atoms_protein        1247 
_refine_hist.pdbx_number_atoms_nucleic_acid   0 
_refine_hist.pdbx_number_atoms_ligand         32 
_refine_hist.number_atoms_solvent             0 
_refine_hist.number_atoms_total               1279 
_refine_hist.d_res_high                       2.0 
_refine_hist.d_res_low                        . 
# 
_struct.entry_id                  1A85 
_struct.title                     'MMP8 WITH MALONIC AND ASPARAGINE BASED INHIBITOR' 
_struct.pdbx_model_details        ? 
_struct.pdbx_CASP_flag            ? 
_struct.pdbx_model_type_details   ? 
# 
_struct_keywords.entry_id        1A85 
_struct_keywords.pdbx_keywords   'HYDROLASE/HYDROLASE INHIBITOR' 
_struct_keywords.text            'COLLAGENASE, MATRIX METALLOPROTEINASE, MALONIC ACID, MMP8, HYDROLASE-HYDROLASE INHIBITOR COMPLEX' 
# 
loop_
_struct_asym.id 
_struct_asym.pdbx_blank_PDB_chainid_flag 
_struct_asym.pdbx_modified 
_struct_asym.entity_id 
_struct_asym.details 
A N N 1 ? 
B N N 2 ? 
C N N 2 ? 
D N N 3 ? 
E N N 3 ? 
F N N 4 ? 
# 
_struct_ref.id                         1 
_struct_ref.db_name                    UNP 
_struct_ref.db_code                    MM08_HUMAN 
_struct_ref.pdbx_db_accession          P22894 
_struct_ref.entity_id                  1 
_struct_ref.pdbx_seq_one_letter_code   
;NPKWERTNLTYRIRNYTPQLSEAEVERAIKDAFELWSVASPLIFTRISQGEADINIAFYQRDHGDNSPFDGPNGILAHAF
QPGQGIGGDAHFDAEETWTNTSANYNLFLVAAHEFGHSLGLAHSSDPGALMYPNYAFRETSNYSLPQDDIDGIQAIYG
;
_struct_ref.pdbx_align_begin           319 
_struct_ref.pdbx_db_isoform            ? 
# 
_struct_ref_seq.align_id                      1 
_struct_ref_seq.ref_id                        1 
_struct_ref_seq.pdbx_PDB_id_code              1A85 
_struct_ref_seq.pdbx_strand_id                A 
_struct_ref_seq.seq_align_beg                 1 
_struct_ref_seq.pdbx_seq_align_beg_ins_code   ? 
_struct_ref_seq.seq_align_end                 158 
_struct_ref_seq.pdbx_seq_align_end_ins_code   ? 
_struct_ref_seq.pdbx_db_accession             P22894 
_struct_ref_seq.db_align_beg                  105 
_struct_ref_seq.pdbx_db_align_beg_ins_code    ? 
_struct_ref_seq.db_align_end                  262 
_struct_ref_seq.pdbx_db_align_end_ins_code    ? 
_struct_ref_seq.pdbx_auth_seq_align_beg       85 
_struct_ref_seq.pdbx_auth_seq_align_end       242 
# 
_pdbx_struct_assembly.id                   1 
_pdbx_struct_assembly.details              author_and_software_defined_assembly 
_pdbx_struct_assembly.method_details       PISA 
_pdbx_struct_assembly.oligomeric_details   monomeric 
_pdbx_struct_assembly.oligomeric_count     1 
# 
_pdbx_struct_assembly_gen.assembly_id       1 
_pdbx_struct_assembly_gen.oper_expression   1 
_pdbx_struct_assembly_gen.asym_id_list      A,B,C,D,E,F 
# 
_pdbx_struct_oper_list.id                   1 
_pdbx_struct_oper_list.type                 'identity operation' 
_pdbx_struct_oper_list.name                 1_555 
_pdbx_struct_oper_list.symmetry_operation   x,y,z 
_pdbx_struct_oper_list.matrix[1][1]         1.0000000000 
_pdbx_struct_oper_list.matrix[1][2]         0.0000000000 
_pdbx_struct_oper_list.matrix[1][3]         0.0000000000 
_pdbx_struct_oper_list.vector[1]            0.0000000000 
_pdbx_struct_oper_list.matrix[2][1]         0.0000000000 
_pdbx_struct_oper_list.matrix[2][2]         1.0000000000 
_pdbx_struct_oper_list.matrix[2][3]         0.0000000000 
_pdbx_struct_oper_list.vector[2]            0.0000000000 
_pdbx_struct_oper_list.matrix[3][1]         0.0000000000 
_pdbx_struct_oper_list.matrix[3][2]         0.0000000000 
_pdbx_struct_oper_list.matrix[3][3]         1.0000000000 
_pdbx_struct_oper_list.vector[3]            0.0000000000 
# 
_struct_biol.id   1 
# 
loop_
_struct_conf.conf_type_id 
_struct_conf.id 
_struct_conf.pdbx_PDB_helix_id 
_struct_conf.beg_label_comp_id 
_struct_conf.beg_label_asym_id 
_struct_conf.beg_label_seq_id 
_struct_conf.pdbx_beg_PDB_ins_code 
_struct_conf.end_label_comp_id 
_struct_conf.end_label_asym_id 
_struct_conf.end_label_seq_id 
_struct_conf.pdbx_end_PDB_ins_code 
_struct_conf.beg_auth_comp_id 
_struct_conf.beg_auth_asym_id 
_struct_conf.beg_auth_seq_id 
_struct_conf.end_auth_comp_id 
_struct_conf.end_auth_asym_id 
_struct_conf.end_auth_seq_id 
_struct_conf.pdbx_PDB_helix_class 
_struct_conf.details 
_struct_conf.pdbx_PDB_helix_length 
HELX_P HELX_P1 1 GLU A 22  ? ALA A 39  ? GLU A 106 ALA A 123 1 ? 18 
HELX_P HELX_P2 2 LEU A 107 ? LEU A 119 ? LEU A 191 LEU A 203 1 ? 13 
HELX_P HELX_P3 3 GLN A 147 ? GLN A 154 ? GLN A 231 GLN A 238 1 ? 8  
# 
_struct_conf_type.id          HELX_P 
_struct_conf_type.criteria    ? 
_struct_conf_type.reference   ? 
# 
loop_
_struct_conn.id 
_struct_conn.conn_type_id 
_struct_conn.pdbx_leaving_atom_flag 
_struct_conn.pdbx_PDB_id 
_struct_conn.ptnr1_label_asym_id 
_struct_conn.ptnr1_label_comp_id 
_struct_conn.ptnr1_label_seq_id 
_struct_conn.ptnr1_label_atom_id 
_struct_conn.pdbx_ptnr1_label_alt_id 
_struct_conn.pdbx_ptnr1_PDB_ins_code 
_struct_conn.pdbx_ptnr1_standard_comp_id 
_struct_conn.ptnr1_symmetry 
_struct_conn.ptnr2_label_asym_id 
_struct_conn.ptnr2_label_comp_id 
_struct_conn.ptnr2_label_seq_id 
_struct_conn.ptnr2_label_atom_id 
_struct_conn.pdbx_ptnr2_label_alt_id 
_struct_conn.pdbx_ptnr2_PDB_ins_code 
_struct_conn.ptnr1_auth_asym_id 
_struct_conn.ptnr1_auth_comp_id 
_struct_conn.ptnr1_auth_seq_id 
_struct_conn.ptnr2_auth_asym_id 
_struct_conn.ptnr2_auth_comp_id 
_struct_conn.ptnr2_auth_seq_id 
_struct_conn.ptnr2_symmetry 
_struct_conn.pdbx_ptnr3_label_atom_id 
_struct_conn.pdbx_ptnr3_label_seq_id 
_struct_conn.pdbx_ptnr3_label_comp_id 
_struct_conn.pdbx_ptnr3_label_asym_id 
_struct_conn.pdbx_ptnr3_label_alt_id 
_struct_conn.pdbx_ptnr3_PDB_ins_code 
_struct_conn.details 
_struct_conn.pdbx_dist_value 
_struct_conn.pdbx_value_order 
_struct_conn.pdbx_role 
metalc1  metalc ? ? F 0DY .   OH  ? ? ? 1_555 E ZN . ZN ? ? A 0DY 1   A ZN 999 1_555 ? ? ? ? ? ? ? 2.158 ? ? 
metalc2  metalc ? ? F 0DY .   O1  ? ? ? 1_555 E ZN . ZN ? ? A 0DY 1   A ZN 999 1_555 ? ? ? ? ? ? ? 2.349 ? ? 
metalc3  metalc ? ? A ASP 53  O   ? ? ? 1_555 B CA . CA ? ? A ASP 137 A CA 996 1_555 ? ? ? ? ? ? ? 2.087 ? ? 
metalc4  metalc ? ? A HIS 63  NE2 ? ? ? 1_555 D ZN . ZN ? ? A HIS 147 A ZN 998 1_555 ? ? ? ? ? ? ? 2.033 ? ? 
metalc5  metalc ? ? A ASP 65  OD2 ? ? ? 1_555 D ZN . ZN ? ? A ASP 149 A ZN 998 1_555 ? ? ? ? ? ? ? 1.914 ? ? 
metalc6  metalc ? ? A ASP 70  OD1 ? ? ? 1_555 C CA . CA ? ? A ASP 154 A CA 997 1_555 ? ? ? ? ? ? ? 2.180 ? ? 
metalc7  metalc ? ? A GLY 71  O   ? ? ? 1_555 C CA . CA ? ? A GLY 155 A CA 997 1_555 ? ? ? ? ? ? ? 2.171 ? ? 
metalc8  metalc ? ? A ASN 73  O   ? ? ? 1_555 C CA . CA ? ? A ASN 157 A CA 997 1_555 ? ? ? ? ? ? ? 2.129 ? ? 
metalc9  metalc ? ? A ILE 75  O   ? ? ? 1_555 C CA . CA ? ? A ILE 159 A CA 997 1_555 ? ? ? ? ? ? ? 2.475 ? ? 
metalc10 metalc ? ? A HIS 78  NE2 ? ? ? 1_555 D ZN . ZN ? ? A HIS 162 A ZN 998 1_555 ? ? ? ? ? ? ? 2.081 ? ? 
metalc11 metalc ? ? A GLY 85  O   ? ? ? 1_555 B CA . CA ? ? A GLY 169 A CA 996 1_555 ? ? ? ? ? ? ? 2.347 ? ? 
metalc12 metalc ? ? A GLY 87  O   ? ? ? 1_555 B CA . CA ? ? A GLY 171 A CA 996 1_555 ? ? ? ? ? ? ? 2.219 ? ? 
metalc13 metalc ? ? A ASP 89  OD1 ? ? ? 1_555 B CA . CA ? ? A ASP 173 A CA 996 1_555 ? ? ? ? ? ? ? 2.392 ? ? 
metalc14 metalc ? ? A HIS 91  ND1 ? ? ? 1_555 D ZN . ZN ? ? A HIS 175 A ZN 998 1_555 ? ? ? ? ? ? ? 2.025 ? ? 
metalc15 metalc ? ? A ASP 93  OD2 ? ? ? 1_555 C CA . CA ? ? A ASP 177 A CA 997 1_555 ? ? ? ? ? ? ? 2.397 ? ? 
metalc16 metalc ? ? A GLU 96  OE2 ? ? ? 1_555 C CA . CA ? ? A GLU 180 A CA 997 1_555 ? ? ? ? ? ? ? 2.288 ? ? 
metalc17 metalc ? ? A HIS 113 NE2 ? ? ? 1_555 E ZN . ZN ? ? A HIS 197 A ZN 999 1_555 ? ? ? ? ? ? ? 1.994 ? ? 
metalc18 metalc ? ? A HIS 117 NE2 ? ? ? 1_555 E ZN . ZN ? ? A HIS 201 A ZN 999 1_555 ? ? ? ? ? ? ? 2.173 ? ? 
metalc19 metalc ? ? A HIS 123 NE2 ? ? ? 1_555 E ZN . ZN ? ? A HIS 207 A ZN 999 1_555 ? ? ? ? ? ? ? 1.991 ? ? 
# 
_struct_conn_type.id          metalc 
_struct_conn_type.criteria    ? 
_struct_conn_type.reference   ? 
# 
loop_
_pdbx_struct_conn_angle.id 
_pdbx_struct_conn_angle.ptnr1_label_atom_id 
_pdbx_struct_conn_angle.ptnr1_label_alt_id 
_pdbx_struct_conn_angle.ptnr1_label_asym_id 
_pdbx_struct_conn_angle.ptnr1_label_comp_id 
_pdbx_struct_conn_angle.ptnr1_label_seq_id 
_pdbx_struct_conn_angle.ptnr1_auth_atom_id 
_pdbx_struct_conn_angle.ptnr1_auth_asym_id 
_pdbx_struct_conn_angle.ptnr1_auth_comp_id 
_pdbx_struct_conn_angle.ptnr1_auth_seq_id 
_pdbx_struct_conn_angle.ptnr1_PDB_ins_code 
_pdbx_struct_conn_angle.ptnr1_symmetry 
_pdbx_struct_conn_angle.ptnr2_label_atom_id 
_pdbx_struct_conn_angle.ptnr2_label_alt_id 
_pdbx_struct_conn_angle.ptnr2_label_asym_id 
_pdbx_struct_conn_angle.ptnr2_label_comp_id 
_pdbx_struct_conn_angle.ptnr2_label_seq_id 
_pdbx_struct_conn_angle.ptnr2_auth_atom_id 
_pdbx_struct_conn_angle.ptnr2_auth_asym_id 
_pdbx_struct_conn_angle.ptnr2_auth_comp_id 
_pdbx_struct_conn_angle.ptnr2_auth_seq_id 
_pdbx_struct_conn_angle.ptnr2_PDB_ins_code 
_pdbx_struct_conn_angle.ptnr2_symmetry 
_pdbx_struct_conn_angle.ptnr3_label_atom_id 
_pdbx_struct_conn_angle.ptnr3_label_alt_id 
_pdbx_struct_conn_angle.ptnr3_label_asym_id 
_pdbx_struct_conn_angle.ptnr3_label_comp_id 
_pdbx_struct_conn_angle.ptnr3_label_seq_id 
_pdbx_struct_conn_angle.ptnr3_auth_atom_id 
_pdbx_struct_conn_angle.ptnr3_auth_asym_id 
_pdbx_struct_conn_angle.ptnr3_auth_comp_id 
_pdbx_struct_conn_angle.ptnr3_auth_seq_id 
_pdbx_struct_conn_angle.ptnr3_PDB_ins_code 
_pdbx_struct_conn_angle.ptnr3_symmetry 
_pdbx_struct_conn_angle.value 
_pdbx_struct_conn_angle.value_esd 
1  OH  ? F 0DY .   ? A 0DY 1   ? 1_555 ZN ? E ZN . ? A ZN 999 ? 1_555 O1  ? F 0DY .   ? A 0DY 1   ? 1_555 74.2  ? 
2  OH  ? F 0DY .   ? A 0DY 1   ? 1_555 ZN ? E ZN . ? A ZN 999 ? 1_555 NE2 ? A HIS 113 ? A HIS 197 ? 1_555 94.0  ? 
3  O1  ? F 0DY .   ? A 0DY 1   ? 1_555 ZN ? E ZN . ? A ZN 999 ? 1_555 NE2 ? A HIS 113 ? A HIS 197 ? 1_555 109.9 ? 
4  OH  ? F 0DY .   ? A 0DY 1   ? 1_555 ZN ? E ZN . ? A ZN 999 ? 1_555 NE2 ? A HIS 117 ? A HIS 201 ? 1_555 89.6  ? 
5  O1  ? F 0DY .   ? A 0DY 1   ? 1_555 ZN ? E ZN . ? A ZN 999 ? 1_555 NE2 ? A HIS 117 ? A HIS 201 ? 1_555 146.5 ? 
6  NE2 ? A HIS 113 ? A HIS 197 ? 1_555 ZN ? E ZN . ? A ZN 999 ? 1_555 NE2 ? A HIS 117 ? A HIS 201 ? 1_555 100.2 ? 
7  OH  ? F 0DY .   ? A 0DY 1   ? 1_555 ZN ? E ZN . ? A ZN 999 ? 1_555 NE2 ? A HIS 123 ? A HIS 207 ? 1_555 151.3 ? 
8  O1  ? F 0DY .   ? A 0DY 1   ? 1_555 ZN ? E ZN . ? A ZN 999 ? 1_555 NE2 ? A HIS 123 ? A HIS 207 ? 1_555 84.8  ? 
9  NE2 ? A HIS 113 ? A HIS 197 ? 1_555 ZN ? E ZN . ? A ZN 999 ? 1_555 NE2 ? A HIS 123 ? A HIS 207 ? 1_555 111.8 ? 
10 NE2 ? A HIS 117 ? A HIS 201 ? 1_555 ZN ? E ZN . ? A ZN 999 ? 1_555 NE2 ? A HIS 123 ? A HIS 207 ? 1_555 97.9  ? 
11 O   ? A ASP 53  ? A ASP 137 ? 1_555 CA ? B CA . ? A CA 996 ? 1_555 O   ? A GLY 85  ? A GLY 169 ? 1_555 160.9 ? 
12 O   ? A ASP 53  ? A ASP 137 ? 1_555 CA ? B CA . ? A CA 996 ? 1_555 O   ? A GLY 87  ? A GLY 171 ? 1_555 106.1 ? 
13 O   ? A GLY 85  ? A GLY 169 ? 1_555 CA ? B CA . ? A CA 996 ? 1_555 O   ? A GLY 87  ? A GLY 171 ? 1_555 92.9  ? 
14 O   ? A ASP 53  ? A ASP 137 ? 1_555 CA ? B CA . ? A CA 996 ? 1_555 OD1 ? A ASP 89  ? A ASP 173 ? 1_555 87.4  ? 
15 O   ? A GLY 85  ? A GLY 169 ? 1_555 CA ? B CA . ? A CA 996 ? 1_555 OD1 ? A ASP 89  ? A ASP 173 ? 1_555 96.0  ? 
16 O   ? A GLY 87  ? A GLY 171 ? 1_555 CA ? B CA . ? A CA 996 ? 1_555 OD1 ? A ASP 89  ? A ASP 173 ? 1_555 81.5  ? 
17 NE2 ? A HIS 63  ? A HIS 147 ? 1_555 ZN ? D ZN . ? A ZN 998 ? 1_555 OD2 ? A ASP 65  ? A ASP 149 ? 1_555 106.9 ? 
18 NE2 ? A HIS 63  ? A HIS 147 ? 1_555 ZN ? D ZN . ? A ZN 998 ? 1_555 NE2 ? A HIS 78  ? A HIS 162 ? 1_555 116.1 ? 
19 OD2 ? A ASP 65  ? A ASP 149 ? 1_555 ZN ? D ZN . ? A ZN 998 ? 1_555 NE2 ? A HIS 78  ? A HIS 162 ? 1_555 110.7 ? 
20 NE2 ? A HIS 63  ? A HIS 147 ? 1_555 ZN ? D ZN . ? A ZN 998 ? 1_555 ND1 ? A HIS 91  ? A HIS 175 ? 1_555 107.8 ? 
21 OD2 ? A ASP 65  ? A ASP 149 ? 1_555 ZN ? D ZN . ? A ZN 998 ? 1_555 ND1 ? A HIS 91  ? A HIS 175 ? 1_555 96.3  ? 
22 NE2 ? A HIS 78  ? A HIS 162 ? 1_555 ZN ? D ZN . ? A ZN 998 ? 1_555 ND1 ? A HIS 91  ? A HIS 175 ? 1_555 116.9 ? 
23 OD1 ? A ASP 70  ? A ASP 154 ? 1_555 CA ? C CA . ? A CA 997 ? 1_555 O   ? A GLY 71  ? A GLY 155 ? 1_555 93.4  ? 
24 OD1 ? A ASP 70  ? A ASP 154 ? 1_555 CA ? C CA . ? A CA 997 ? 1_555 O   ? A ASN 73  ? A ASN 157 ? 1_555 94.1  ? 
25 O   ? A GLY 71  ? A GLY 155 ? 1_555 CA ? C CA . ? A CA 997 ? 1_555 O   ? A ASN 73  ? A ASN 157 ? 1_555 91.7  ? 
26 OD1 ? A ASP 70  ? A ASP 154 ? 1_555 CA ? C CA . ? A CA 997 ? 1_555 O   ? A ILE 75  ? A ILE 159 ? 1_555 86.2  ? 
27 O   ? A GLY 71  ? A GLY 155 ? 1_555 CA ? C CA . ? A CA 997 ? 1_555 O   ? A ILE 75  ? A ILE 159 ? 1_555 173.9 ? 
28 O   ? A ASN 73  ? A ASN 157 ? 1_555 CA ? C CA . ? A CA 997 ? 1_555 O   ? A ILE 75  ? A ILE 159 ? 1_555 94.4  ? 
29 OD1 ? A ASP 70  ? A ASP 154 ? 1_555 CA ? C CA . ? A CA 997 ? 1_555 OD2 ? A ASP 93  ? A ASP 177 ? 1_555 94.1  ? 
30 O   ? A GLY 71  ? A GLY 155 ? 1_555 CA ? C CA . ? A CA 997 ? 1_555 OD2 ? A ASP 93  ? A ASP 177 ? 1_555 90.6  ? 
31 O   ? A ASN 73  ? A ASN 157 ? 1_555 CA ? C CA . ? A CA 997 ? 1_555 OD2 ? A ASP 93  ? A ASP 177 ? 1_555 171.3 ? 
32 O   ? A ILE 75  ? A ILE 159 ? 1_555 CA ? C CA . ? A CA 997 ? 1_555 OD2 ? A ASP 93  ? A ASP 177 ? 1_555 83.4  ? 
33 OD1 ? A ASP 70  ? A ASP 154 ? 1_555 CA ? C CA . ? A CA 997 ? 1_555 OE2 ? A GLU 96  ? A GLU 180 ? 1_555 171.5 ? 
34 O   ? A GLY 71  ? A GLY 155 ? 1_555 CA ? C CA . ? A CA 997 ? 1_555 OE2 ? A GLU 96  ? A GLU 180 ? 1_555 94.7  ? 
35 O   ? A ASN 73  ? A ASN 157 ? 1_555 CA ? C CA . ? A CA 997 ? 1_555 OE2 ? A GLU 96  ? A GLU 180 ? 1_555 88.0  ? 
36 O   ? A ILE 75  ? A ILE 159 ? 1_555 CA ? C CA . ? A CA 997 ? 1_555 OE2 ? A GLU 96  ? A GLU 180 ? 1_555 85.5  ? 
37 OD2 ? A ASP 93  ? A ASP 177 ? 1_555 CA ? C CA . ? A CA 997 ? 1_555 OE2 ? A GLU 96  ? A GLU 180 ? 1_555 83.4  ? 
# 
_struct_mon_prot_cis.pdbx_id                1 
_struct_mon_prot_cis.label_comp_id          ASN 
_struct_mon_prot_cis.label_seq_id           104 
_struct_mon_prot_cis.label_asym_id          A 
_struct_mon_prot_cis.label_alt_id           . 
_struct_mon_prot_cis.pdbx_PDB_ins_code      ? 
_struct_mon_prot_cis.auth_comp_id           ASN 
_struct_mon_prot_cis.auth_seq_id            188 
_struct_mon_prot_cis.auth_asym_id           A 
_struct_mon_prot_cis.pdbx_label_comp_id_2   TYR 
_struct_mon_prot_cis.pdbx_label_seq_id_2    105 
_struct_mon_prot_cis.pdbx_label_asym_id_2   A 
_struct_mon_prot_cis.pdbx_PDB_ins_code_2    ? 
_struct_mon_prot_cis.pdbx_auth_comp_id_2    TYR 
_struct_mon_prot_cis.pdbx_auth_seq_id_2     189 
_struct_mon_prot_cis.pdbx_auth_asym_id_2    A 
_struct_mon_prot_cis.pdbx_PDB_model_num     1 
_struct_mon_prot_cis.pdbx_omega_angle       2.73 
# 
_struct_sheet.id               A 
_struct_sheet.type             ? 
_struct_sheet.number_strands   5 
_struct_sheet.details          ? 
# 
loop_
_struct_sheet_order.sheet_id 
_struct_sheet_order.range_id_1 
_struct_sheet_order.range_id_2 
_struct_sheet_order.offset 
_struct_sheet_order.sense 
A 1 2 ? parallel      
A 2 3 ? parallel      
A 3 4 ? parallel      
A 4 5 ? anti-parallel 
# 
loop_
_struct_sheet_range.sheet_id 
_struct_sheet_range.id 
_struct_sheet_range.beg_label_comp_id 
_struct_sheet_range.beg_label_asym_id 
_struct_sheet_range.beg_label_seq_id 
_struct_sheet_range.pdbx_beg_PDB_ins_code 
_struct_sheet_range.end_label_comp_id 
_struct_sheet_range.end_label_asym_id 
_struct_sheet_range.end_label_seq_id 
_struct_sheet_range.pdbx_end_PDB_ins_code 
_struct_sheet_range.beg_auth_comp_id 
_struct_sheet_range.beg_auth_asym_id 
_struct_sheet_range.beg_auth_seq_id 
_struct_sheet_range.end_auth_comp_id 
_struct_sheet_range.end_auth_asym_id 
_struct_sheet_range.end_auth_seq_id 
A 1 ILE A 43 ? ARG A 46 ? ILE A 127 ARG A 130 
A 2 ASN A 8  ? ILE A 13 ? ASN A 92  ILE A 97  
A 3 ILE A 54 ? TYR A 59 ? ILE A 138 TYR A 143 
A 4 ALA A 90 ? ASP A 93 ? ALA A 174 ASP A 177 
A 5 ALA A 77 ? ALA A 79 ? ALA A 161 ALA A 163 
# 
loop_
_pdbx_struct_sheet_hbond.sheet_id 
_pdbx_struct_sheet_hbond.range_id_1 
_pdbx_struct_sheet_hbond.range_id_2 
_pdbx_struct_sheet_hbond.range_1_label_atom_id 
_pdbx_struct_sheet_hbond.range_1_label_comp_id 
_pdbx_struct_sheet_hbond.range_1_label_asym_id 
_pdbx_struct_sheet_hbond.range_1_label_seq_id 
_pdbx_struct_sheet_hbond.range_1_PDB_ins_code 
_pdbx_struct_sheet_hbond.range_1_auth_atom_id 
_pdbx_struct_sheet_hbond.range_1_auth_comp_id 
_pdbx_struct_sheet_hbond.range_1_auth_asym_id 
_pdbx_struct_sheet_hbond.range_1_auth_seq_id 
_pdbx_struct_sheet_hbond.range_2_label_atom_id 
_pdbx_struct_sheet_hbond.range_2_label_comp_id 
_pdbx_struct_sheet_hbond.range_2_label_asym_id 
_pdbx_struct_sheet_hbond.range_2_label_seq_id 
_pdbx_struct_sheet_hbond.range_2_PDB_ins_code 
_pdbx_struct_sheet_hbond.range_2_auth_atom_id 
_pdbx_struct_sheet_hbond.range_2_auth_comp_id 
_pdbx_struct_sheet_hbond.range_2_auth_asym_id 
_pdbx_struct_sheet_hbond.range_2_auth_seq_id 
A 1 2 O ILE A 43 ? O ILE A 127 N LEU A 9  ? N LEU A 93  
A 2 3 O ARG A 12 ? O ARG A 96  N ILE A 54 ? N ILE A 138 
A 3 4 O ALA A 57 ? O ALA A 141 N ALA A 90 ? N ALA A 174 
A 4 5 O HIS A 91 ? O HIS A 175 N HIS A 78 ? N HIS A 162 
# 
loop_
_struct_site.id 
_struct_site.pdbx_evidence_code 
_struct_site.pdbx_auth_asym_id 
_struct_site.pdbx_auth_comp_id 
_struct_site.pdbx_auth_seq_id 
_struct_site.pdbx_auth_ins_code 
_struct_site.pdbx_num_residues 
_struct_site.details 
AC1 Software A CA  996 ? 4  'BINDING SITE FOR RESIDUE CA A 996' 
AC2 Software A CA  997 ? 6  'BINDING SITE FOR RESIDUE CA A 997' 
AC3 Software A ZN  998 ? 4  'BINDING SITE FOR RESIDUE ZN A 998' 
AC4 Software A ZN  999 ? 4  'BINDING SITE FOR RESIDUE ZN A 999' 
AC5 Software A 0DY 1   ? 16 'BINDING SITE FOR RESIDUE 0DY A 1'  
# 
loop_
_struct_site_gen.id 
_struct_site_gen.site_id 
_struct_site_gen.pdbx_num_res 
_struct_site_gen.label_comp_id 
_struct_site_gen.label_asym_id 
_struct_site_gen.label_seq_id 
_struct_site_gen.pdbx_auth_ins_code 
_struct_site_gen.auth_comp_id 
_struct_site_gen.auth_asym_id 
_struct_site_gen.auth_seq_id 
_struct_site_gen.label_atom_id 
_struct_site_gen.label_alt_id 
_struct_site_gen.symmetry 
_struct_site_gen.details 
1  AC1 4  ASP A 53  ? ASP A 137 . ? 1_555 ? 
2  AC1 4  GLY A 85  ? GLY A 169 . ? 1_555 ? 
3  AC1 4  GLY A 87  ? GLY A 171 . ? 1_555 ? 
4  AC1 4  ASP A 89  ? ASP A 173 . ? 1_555 ? 
5  AC2 6  ASP A 70  ? ASP A 154 . ? 1_555 ? 
6  AC2 6  GLY A 71  ? GLY A 155 . ? 1_555 ? 
7  AC2 6  ASN A 73  ? ASN A 157 . ? 1_555 ? 
8  AC2 6  ILE A 75  ? ILE A 159 . ? 1_555 ? 
9  AC2 6  ASP A 93  ? ASP A 177 . ? 1_555 ? 
10 AC2 6  GLU A 96  ? GLU A 180 . ? 1_555 ? 
11 AC3 4  HIS A 63  ? HIS A 147 . ? 1_555 ? 
12 AC3 4  ASP A 65  ? ASP A 149 . ? 1_555 ? 
13 AC3 4  HIS A 78  ? HIS A 162 . ? 1_555 ? 
14 AC3 4  HIS A 91  ? HIS A 175 . ? 1_555 ? 
15 AC4 4  0DY F .   ? 0DY A 1   . ? 1_555 ? 
16 AC4 4  HIS A 113 ? HIS A 197 . ? 1_555 ? 
17 AC4 4  HIS A 117 ? HIS A 201 . ? 1_555 ? 
18 AC4 4  HIS A 123 ? HIS A 207 . ? 1_555 ? 
19 AC5 16 THR A 45  ? THR A 129 . ? 1_655 ? 
20 AC5 16 GLY A 74  ? GLY A 158 . ? 1_555 ? 
21 AC5 16 ILE A 75  ? ILE A 159 . ? 1_555 ? 
22 AC5 16 LEU A 76  ? LEU A 160 . ? 1_555 ? 
23 AC5 16 ALA A 77  ? ALA A 161 . ? 1_555 ? 
24 AC5 16 LEU A 109 ? LEU A 193 . ? 1_555 ? 
25 AC5 16 HIS A 113 ? HIS A 197 . ? 1_555 ? 
26 AC5 16 GLU A 114 ? GLU A 198 . ? 1_555 ? 
27 AC5 16 HIS A 117 ? HIS A 201 . ? 1_555 ? 
28 AC5 16 HIS A 123 ? HIS A 207 . ? 1_555 ? 
29 AC5 16 LEU A 130 ? LEU A 214 . ? 1_555 ? 
30 AC5 16 TYR A 132 ? TYR A 216 . ? 1_555 ? 
31 AC5 16 PRO A 133 ? PRO A 217 . ? 1_555 ? 
32 AC5 16 ASN A 134 ? ASN A 218 . ? 1_555 ? 
33 AC5 16 TYR A 135 ? TYR A 219 . ? 1_555 ? 
34 AC5 16 ZN  E .   ? ZN  A 999 . ? 1_555 ? 
# 
_pdbx_validate_symm_contact.id                1 
_pdbx_validate_symm_contact.PDB_model_num     1 
_pdbx_validate_symm_contact.auth_atom_id_1    H 
_pdbx_validate_symm_contact.auth_asym_id_1    A 
_pdbx_validate_symm_contact.auth_comp_id_1    GLN 
_pdbx_validate_symm_contact.auth_seq_id_1     144 
_pdbx_validate_symm_contact.PDB_ins_code_1    ? 
_pdbx_validate_symm_contact.label_alt_id_1    ? 
_pdbx_validate_symm_contact.site_symmetry_1   1_555 
_pdbx_validate_symm_contact.auth_atom_id_2    OE1 
_pdbx_validate_symm_contact.auth_asym_id_2    A 
_pdbx_validate_symm_contact.auth_comp_id_2    GLN 
_pdbx_validate_symm_contact.auth_seq_id_2     238 
_pdbx_validate_symm_contact.PDB_ins_code_2    ? 
_pdbx_validate_symm_contact.label_alt_id_2    ? 
_pdbx_validate_symm_contact.site_symmetry_2   3_656 
_pdbx_validate_symm_contact.dist              1.47 
# 
_pdbx_validate_rmsd_angle.id                         1 
_pdbx_validate_rmsd_angle.PDB_model_num              1 
_pdbx_validate_rmsd_angle.auth_atom_id_1             CB 
_pdbx_validate_rmsd_angle.auth_asym_id_1             A 
_pdbx_validate_rmsd_angle.auth_comp_id_1             ASP 
_pdbx_validate_rmsd_angle.auth_seq_id_1              146 
_pdbx_validate_rmsd_angle.PDB_ins_code_1             ? 
_pdbx_validate_rmsd_angle.label_alt_id_1             ? 
_pdbx_validate_rmsd_angle.auth_atom_id_2             CG 
_pdbx_validate_rmsd_angle.auth_asym_id_2             A 
_pdbx_validate_rmsd_angle.auth_comp_id_2             ASP 
_pdbx_validate_rmsd_angle.auth_seq_id_2              146 
_pdbx_validate_rmsd_angle.PDB_ins_code_2             ? 
_pdbx_validate_rmsd_angle.label_alt_id_2             ? 
_pdbx_validate_rmsd_angle.auth_atom_id_3             OD2 
_pdbx_validate_rmsd_angle.auth_asym_id_3             A 
_pdbx_validate_rmsd_angle.auth_comp_id_3             ASP 
_pdbx_validate_rmsd_angle.auth_seq_id_3              146 
_pdbx_validate_rmsd_angle.PDB_ins_code_3             ? 
_pdbx_validate_rmsd_angle.label_alt_id_3             ? 
_pdbx_validate_rmsd_angle.angle_value                111.49 
_pdbx_validate_rmsd_angle.angle_target_value         118.30 
_pdbx_validate_rmsd_angle.angle_deviation            -6.81 
_pdbx_validate_rmsd_angle.angle_standard_deviation   0.90 
_pdbx_validate_rmsd_angle.linker_flag                N 
# 
loop_
_pdbx_validate_torsion.id 
_pdbx_validate_torsion.PDB_model_num 
_pdbx_validate_torsion.auth_comp_id 
_pdbx_validate_torsion.auth_asym_id 
_pdbx_validate_torsion.auth_seq_id 
_pdbx_validate_torsion.PDB_ins_code 
_pdbx_validate_torsion.label_alt_id 
_pdbx_validate_torsion.phi 
_pdbx_validate_torsion.psi 
1 1 ARG A 145 ? ? 32.78   -117.88 
2 1 HIS A 147 ? ? -145.38 37.51   
3 1 ASN A 157 ? ? 63.41   -160.42 
4 1 THR A 185 ? ? -117.98 -160.64 
5 1 TYR A 241 ? ? -107.55 -129.16 
# 
_pdbx_molecule_features.prd_id    PRD_000249 
_pdbx_molecule_features.name      'HONH-iBM-L-Asn-NHBn(m-NH2)' 
_pdbx_molecule_features.type      Peptide-like 
_pdbx_molecule_features.class     Inhibitor 
_pdbx_molecule_features.details   ? 
# 
_pdbx_molecule.instance_id   1 
_pdbx_molecule.prd_id        PRD_000249 
_pdbx_molecule.asym_id       F 
# 
loop_
_chem_comp_atom.comp_id 
_chem_comp_atom.atom_id 
_chem_comp_atom.type_symbol 
_chem_comp_atom.pdbx_aromatic_flag 
_chem_comp_atom.pdbx_stereo_config 
_chem_comp_atom.pdbx_ordinal 
0DY N    N  N N 1   
0DY OH   O  N N 2   
0DY C1   C  N N 3   
0DY O1   O  N N 4   
0DY CA   C  N R 5   
0DY CB   C  N N 6   
0DY CG   C  N N 7   
0DY CD1  C  N N 8   
0DY CD2  C  N N 9   
0DY C    C  N N 10  
0DY O    O  N N 11  
0DY N1   N  N N 12  
0DY CA1  C  N R 13  
0DY C2   C  N N 14  
0DY O2   O  N N 15  
0DY CB1  C  N N 16  
0DY CG1  C  N N 17  
0DY OD1  O  N N 18  
0DY ND2  N  N N 19  
0DY N2   N  N N 20  
0DY CB2  C  N N 21  
0DY CG2  C  Y N 22  
0DY CD11 C  Y N 23  
0DY CE1  C  Y N 24  
0DY CD21 C  Y N 25  
0DY CE2  C  Y N 26  
0DY CZ   C  Y N 27  
0DY NE2  N  N N 28  
0DY HN   H  N N 29  
0DY HOH  H  N N 30  
0DY HA   H  N N 31  
0DY HB1  H  N N 32  
0DY HB2  H  N N 33  
0DY HG   H  N N 34  
0DY HD11 H  N N 35  
0DY HD12 H  N N 36  
0DY HD13 H  N N 37  
0DY HD21 H  N N 38  
0DY HD22 H  N N 39  
0DY HD23 H  N N 40  
0DY H    H  N N 41  
0DY HA1  H  N N 42  
0DY HB21 H  N N 43  
0DY HB3  H  N N 44  
0DY HD24 H  N N 45  
0DY HD25 H  N N 46  
0DY HN1  H  N N 47  
0DY HB11 H  N N 48  
0DY HB22 H  N N 49  
0DY HD14 H  N N 50  
0DY HC11 H  N N 51  
0DY HC21 H  N N 52  
0DY HCZ1 H  N N 53  
0DY HE21 H  N N 54  
0DY HE22 H  N N 55  
ALA N    N  N N 56  
ALA CA   C  N S 57  
ALA C    C  N N 58  
ALA O    O  N N 59  
ALA CB   C  N N 60  
ALA OXT  O  N N 61  
ALA H    H  N N 62  
ALA H2   H  N N 63  
ALA HA   H  N N 64  
ALA HB1  H  N N 65  
ALA HB2  H  N N 66  
ALA HB3  H  N N 67  
ALA HXT  H  N N 68  
ARG N    N  N N 69  
ARG CA   C  N S 70  
ARG C    C  N N 71  
ARG O    O  N N 72  
ARG CB   C  N N 73  
ARG CG   C  N N 74  
ARG CD   C  N N 75  
ARG NE   N  N N 76  
ARG CZ   C  N N 77  
ARG NH1  N  N N 78  
ARG NH2  N  N N 79  
ARG OXT  O  N N 80  
ARG H    H  N N 81  
ARG H2   H  N N 82  
ARG HA   H  N N 83  
ARG HB2  H  N N 84  
ARG HB3  H  N N 85  
ARG HG2  H  N N 86  
ARG HG3  H  N N 87  
ARG HD2  H  N N 88  
ARG HD3  H  N N 89  
ARG HE   H  N N 90  
ARG HH11 H  N N 91  
ARG HH12 H  N N 92  
ARG HH21 H  N N 93  
ARG HH22 H  N N 94  
ARG HXT  H  N N 95  
ASN N    N  N N 96  
ASN CA   C  N S 97  
ASN C    C  N N 98  
ASN O    O  N N 99  
ASN CB   C  N N 100 
ASN CG   C  N N 101 
ASN OD1  O  N N 102 
ASN ND2  N  N N 103 
ASN OXT  O  N N 104 
ASN H    H  N N 105 
ASN H2   H  N N 106 
ASN HA   H  N N 107 
ASN HB2  H  N N 108 
ASN HB3  H  N N 109 
ASN HD21 H  N N 110 
ASN HD22 H  N N 111 
ASN HXT  H  N N 112 
ASP N    N  N N 113 
ASP CA   C  N S 114 
ASP C    C  N N 115 
ASP O    O  N N 116 
ASP CB   C  N N 117 
ASP CG   C  N N 118 
ASP OD1  O  N N 119 
ASP OD2  O  N N 120 
ASP OXT  O  N N 121 
ASP H    H  N N 122 
ASP H2   H  N N 123 
ASP HA   H  N N 124 
ASP HB2  H  N N 125 
ASP HB3  H  N N 126 
ASP HD2  H  N N 127 
ASP HXT  H  N N 128 
CA  CA   CA N N 129 
GLN N    N  N N 130 
GLN CA   C  N S 131 
GLN C    C  N N 132 
GLN O    O  N N 133 
GLN CB   C  N N 134 
GLN CG   C  N N 135 
GLN CD   C  N N 136 
GLN OE1  O  N N 137 
GLN NE2  N  N N 138 
GLN OXT  O  N N 139 
GLN H    H  N N 140 
GLN H2   H  N N 141 
GLN HA   H  N N 142 
GLN HB2  H  N N 143 
GLN HB3  H  N N 144 
GLN HG2  H  N N 145 
GLN HG3  H  N N 146 
GLN HE21 H  N N 147 
GLN HE22 H  N N 148 
GLN HXT  H  N N 149 
GLU N    N  N N 150 
GLU CA   C  N S 151 
GLU C    C  N N 152 
GLU O    O  N N 153 
GLU CB   C  N N 154 
GLU CG   C  N N 155 
GLU CD   C  N N 156 
GLU OE1  O  N N 157 
GLU OE2  O  N N 158 
GLU OXT  O  N N 159 
GLU H    H  N N 160 
GLU H2   H  N N 161 
GLU HA   H  N N 162 
GLU HB2  H  N N 163 
GLU HB3  H  N N 164 
GLU HG2  H  N N 165 
GLU HG3  H  N N 166 
GLU HE2  H  N N 167 
GLU HXT  H  N N 168 
GLY N    N  N N 169 
GLY CA   C  N N 170 
GLY C    C  N N 171 
GLY O    O  N N 172 
GLY OXT  O  N N 173 
GLY H    H  N N 174 
GLY H2   H  N N 175 
GLY HA2  H  N N 176 
GLY HA3  H  N N 177 
GLY HXT  H  N N 178 
HIS N    N  N N 179 
HIS CA   C  N S 180 
HIS C    C  N N 181 
HIS O    O  N N 182 
HIS CB   C  N N 183 
HIS CG   C  Y N 184 
HIS ND1  N  Y N 185 
HIS CD2  C  Y N 186 
HIS CE1  C  Y N 187 
HIS NE2  N  Y N 188 
HIS OXT  O  N N 189 
HIS H    H  N N 190 
HIS H2   H  N N 191 
HIS HA   H  N N 192 
HIS HB2  H  N N 193 
HIS HB3  H  N N 194 
HIS HD1  H  N N 195 
HIS HD2  H  N N 196 
HIS HE1  H  N N 197 
HIS HE2  H  N N 198 
HIS HXT  H  N N 199 
ILE N    N  N N 200 
ILE CA   C  N S 201 
ILE C    C  N N 202 
ILE O    O  N N 203 
ILE CB   C  N S 204 
ILE CG1  C  N N 205 
ILE CG2  C  N N 206 
ILE CD1  C  N N 207 
ILE OXT  O  N N 208 
ILE H    H  N N 209 
ILE H2   H  N N 210 
ILE HA   H  N N 211 
ILE HB   H  N N 212 
ILE HG12 H  N N 213 
ILE HG13 H  N N 214 
ILE HG21 H  N N 215 
ILE HG22 H  N N 216 
ILE HG23 H  N N 217 
ILE HD11 H  N N 218 
ILE HD12 H  N N 219 
ILE HD13 H  N N 220 
ILE HXT  H  N N 221 
LEU N    N  N N 222 
LEU CA   C  N S 223 
LEU C    C  N N 224 
LEU O    O  N N 225 
LEU CB   C  N N 226 
LEU CG   C  N N 227 
LEU CD1  C  N N 228 
LEU CD2  C  N N 229 
LEU OXT  O  N N 230 
LEU H    H  N N 231 
LEU H2   H  N N 232 
LEU HA   H  N N 233 
LEU HB2  H  N N 234 
LEU HB3  H  N N 235 
LEU HG   H  N N 236 
LEU HD11 H  N N 237 
LEU HD12 H  N N 238 
LEU HD13 H  N N 239 
LEU HD21 H  N N 240 
LEU HD22 H  N N 241 
LEU HD23 H  N N 242 
LEU HXT  H  N N 243 
LYS N    N  N N 244 
LYS CA   C  N S 245 
LYS C    C  N N 246 
LYS O    O  N N 247 
LYS CB   C  N N 248 
LYS CG   C  N N 249 
LYS CD   C  N N 250 
LYS CE   C  N N 251 
LYS NZ   N  N N 252 
LYS OXT  O  N N 253 
LYS H    H  N N 254 
LYS H2   H  N N 255 
LYS HA   H  N N 256 
LYS HB2  H  N N 257 
LYS HB3  H  N N 258 
LYS HG2  H  N N 259 
LYS HG3  H  N N 260 
LYS HD2  H  N N 261 
LYS HD3  H  N N 262 
LYS HE2  H  N N 263 
LYS HE3  H  N N 264 
LYS HZ1  H  N N 265 
LYS HZ2  H  N N 266 
LYS HZ3  H  N N 267 
LYS HXT  H  N N 268 
MET N    N  N N 269 
MET CA   C  N S 270 
MET C    C  N N 271 
MET O    O  N N 272 
MET CB   C  N N 273 
MET CG   C  N N 274 
MET SD   S  N N 275 
MET CE   C  N N 276 
MET OXT  O  N N 277 
MET H    H  N N 278 
MET H2   H  N N 279 
MET HA   H  N N 280 
MET HB2  H  N N 281 
MET HB3  H  N N 282 
MET HG2  H  N N 283 
MET HG3  H  N N 284 
MET HE1  H  N N 285 
MET HE2  H  N N 286 
MET HE3  H  N N 287 
MET HXT  H  N N 288 
PHE N    N  N N 289 
PHE CA   C  N S 290 
PHE C    C  N N 291 
PHE O    O  N N 292 
PHE CB   C  N N 293 
PHE CG   C  Y N 294 
PHE CD1  C  Y N 295 
PHE CD2  C  Y N 296 
PHE CE1  C  Y N 297 
PHE CE2  C  Y N 298 
PHE CZ   C  Y N 299 
PHE OXT  O  N N 300 
PHE H    H  N N 301 
PHE H2   H  N N 302 
PHE HA   H  N N 303 
PHE HB2  H  N N 304 
PHE HB3  H  N N 305 
PHE HD1  H  N N 306 
PHE HD2  H  N N 307 
PHE HE1  H  N N 308 
PHE HE2  H  N N 309 
PHE HZ   H  N N 310 
PHE HXT  H  N N 311 
PRO N    N  N N 312 
PRO CA   C  N S 313 
PRO C    C  N N 314 
PRO O    O  N N 315 
PRO CB   C  N N 316 
PRO CG   C  N N 317 
PRO CD   C  N N 318 
PRO OXT  O  N N 319 
PRO H    H  N N 320 
PRO HA   H  N N 321 
PRO HB2  H  N N 322 
PRO HB3  H  N N 323 
PRO HG2  H  N N 324 
PRO HG3  H  N N 325 
PRO HD2  H  N N 326 
PRO HD3  H  N N 327 
PRO HXT  H  N N 328 
SER N    N  N N 329 
SER CA   C  N S 330 
SER C    C  N N 331 
SER O    O  N N 332 
SER CB   C  N N 333 
SER OG   O  N N 334 
SER OXT  O  N N 335 
SER H    H  N N 336 
SER H2   H  N N 337 
SER HA   H  N N 338 
SER HB2  H  N N 339 
SER HB3  H  N N 340 
SER HG   H  N N 341 
SER HXT  H  N N 342 
THR N    N  N N 343 
THR CA   C  N S 344 
THR C    C  N N 345 
THR O    O  N N 346 
THR CB   C  N R 347 
THR OG1  O  N N 348 
THR CG2  C  N N 349 
THR OXT  O  N N 350 
THR H    H  N N 351 
THR H2   H  N N 352 
THR HA   H  N N 353 
THR HB   H  N N 354 
THR HG1  H  N N 355 
THR HG21 H  N N 356 
THR HG22 H  N N 357 
THR HG23 H  N N 358 
THR HXT  H  N N 359 
TRP N    N  N N 360 
TRP CA   C  N S 361 
TRP C    C  N N 362 
TRP O    O  N N 363 
TRP CB   C  N N 364 
TRP CG   C  Y N 365 
TRP CD1  C  Y N 366 
TRP CD2  C  Y N 367 
TRP NE1  N  Y N 368 
TRP CE2  C  Y N 369 
TRP CE3  C  Y N 370 
TRP CZ2  C  Y N 371 
TRP CZ3  C  Y N 372 
TRP CH2  C  Y N 373 
TRP OXT  O  N N 374 
TRP H    H  N N 375 
TRP H2   H  N N 376 
TRP HA   H  N N 377 
TRP HB2  H  N N 378 
TRP HB3  H  N N 379 
TRP HD1  H  N N 380 
TRP HE1  H  N N 381 
TRP HE3  H  N N 382 
TRP HZ2  H  N N 383 
TRP HZ3  H  N N 384 
TRP HH2  H  N N 385 
TRP HXT  H  N N 386 
TYR N    N  N N 387 
TYR CA   C  N S 388 
TYR C    C  N N 389 
TYR O    O  N N 390 
TYR CB   C  N N 391 
TYR CG   C  Y N 392 
TYR CD1  C  Y N 393 
TYR CD2  C  Y N 394 
TYR CE1  C  Y N 395 
TYR CE2  C  Y N 396 
TYR CZ   C  Y N 397 
TYR OH   O  N N 398 
TYR OXT  O  N N 399 
TYR H    H  N N 400 
TYR H2   H  N N 401 
TYR HA   H  N N 402 
TYR HB2  H  N N 403 
TYR HB3  H  N N 404 
TYR HD1  H  N N 405 
TYR HD2  H  N N 406 
TYR HE1  H  N N 407 
TYR HE2  H  N N 408 
TYR HH   H  N N 409 
TYR HXT  H  N N 410 
VAL N    N  N N 411 
VAL CA   C  N S 412 
VAL C    C  N N 413 
VAL O    O  N N 414 
VAL CB   C  N N 415 
VAL CG1  C  N N 416 
VAL CG2  C  N N 417 
VAL OXT  O  N N 418 
VAL H    H  N N 419 
VAL H2   H  N N 420 
VAL HA   H  N N 421 
VAL HB   H  N N 422 
VAL HG11 H  N N 423 
VAL HG12 H  N N 424 
VAL HG13 H  N N 425 
VAL HG21 H  N N 426 
VAL HG22 H  N N 427 
VAL HG23 H  N N 428 
VAL HXT  H  N N 429 
ZN  ZN   ZN N N 430 
# 
loop_
_chem_comp_bond.comp_id 
_chem_comp_bond.atom_id_1 
_chem_comp_bond.atom_id_2 
_chem_comp_bond.value_order 
_chem_comp_bond.pdbx_aromatic_flag 
_chem_comp_bond.pdbx_stereo_config 
_chem_comp_bond.pdbx_ordinal 
0DY N    OH   sing N N 1   
0DY N    C1   sing N N 2   
0DY N    HN   sing N N 3   
0DY OH   HOH  sing N N 4   
0DY C1   O1   doub N N 5   
0DY C1   CA   sing N N 6   
0DY CA   CB   sing N N 7   
0DY CA   C    sing N N 8   
0DY CA   HA   sing N N 9   
0DY CB   CG   sing N N 10  
0DY CB   HB1  sing N N 11  
0DY CB   HB2  sing N N 12  
0DY CG   CD1  sing N N 13  
0DY CG   CD2  sing N N 14  
0DY CG   HG   sing N N 15  
0DY CD1  HD11 sing N N 16  
0DY CD1  HD12 sing N N 17  
0DY CD1  HD13 sing N N 18  
0DY CD2  HD21 sing N N 19  
0DY CD2  HD22 sing N N 20  
0DY CD2  HD23 sing N N 21  
0DY C    O    doub N N 22  
0DY N1   CA1  sing N N 23  
0DY N1   H    sing N N 24  
0DY CA1  C2   sing N N 25  
0DY CA1  CB1  sing N N 26  
0DY CA1  HA1  sing N N 27  
0DY C2   O2   doub N N 28  
0DY CB1  CG1  sing N N 29  
0DY CB1  HB21 sing N N 30  
0DY CB1  HB3  sing N N 31  
0DY CG1  OD1  doub N N 32  
0DY CG1  ND2  sing N N 33  
0DY ND2  HD24 sing N N 34  
0DY ND2  HD25 sing N N 35  
0DY N2   CB2  sing N N 36  
0DY N2   HN1  sing N N 37  
0DY CB2  CG2  sing N N 38  
0DY CB2  HB11 sing N N 39  
0DY CB2  HB22 sing N N 40  
0DY CG2  CD11 doub Y N 41  
0DY CG2  CD21 sing Y N 42  
0DY CD11 CE1  sing Y N 43  
0DY CD11 HD14 sing N N 44  
0DY CE1  CZ   doub Y N 45  
0DY CE1  HC11 sing N N 46  
0DY CD21 CE2  doub Y N 47  
0DY CD21 HC21 sing N N 48  
0DY CE2  CZ   sing Y N 49  
0DY CE2  NE2  sing N N 50  
0DY CZ   HCZ1 sing N N 51  
0DY NE2  HE21 sing N N 52  
0DY NE2  HE22 sing N N 53  
0DY C    N1   sing N N 54  
0DY C2   N2   sing N N 55  
ALA N    CA   sing N N 56  
ALA N    H    sing N N 57  
ALA N    H2   sing N N 58  
ALA CA   C    sing N N 59  
ALA CA   CB   sing N N 60  
ALA CA   HA   sing N N 61  
ALA C    O    doub N N 62  
ALA C    OXT  sing N N 63  
ALA CB   HB1  sing N N 64  
ALA CB   HB2  sing N N 65  
ALA CB   HB3  sing N N 66  
ALA OXT  HXT  sing N N 67  
ARG N    CA   sing N N 68  
ARG N    H    sing N N 69  
ARG N    H2   sing N N 70  
ARG CA   C    sing N N 71  
ARG CA   CB   sing N N 72  
ARG CA   HA   sing N N 73  
ARG C    O    doub N N 74  
ARG C    OXT  sing N N 75  
ARG CB   CG   sing N N 76  
ARG CB   HB2  sing N N 77  
ARG CB   HB3  sing N N 78  
ARG CG   CD   sing N N 79  
ARG CG   HG2  sing N N 80  
ARG CG   HG3  sing N N 81  
ARG CD   NE   sing N N 82  
ARG CD   HD2  sing N N 83  
ARG CD   HD3  sing N N 84  
ARG NE   CZ   sing N N 85  
ARG NE   HE   sing N N 86  
ARG CZ   NH1  sing N N 87  
ARG CZ   NH2  doub N N 88  
ARG NH1  HH11 sing N N 89  
ARG NH1  HH12 sing N N 90  
ARG NH2  HH21 sing N N 91  
ARG NH2  HH22 sing N N 92  
ARG OXT  HXT  sing N N 93  
ASN N    CA   sing N N 94  
ASN N    H    sing N N 95  
ASN N    H2   sing N N 96  
ASN CA   C    sing N N 97  
ASN CA   CB   sing N N 98  
ASN CA   HA   sing N N 99  
ASN C    O    doub N N 100 
ASN C    OXT  sing N N 101 
ASN CB   CG   sing N N 102 
ASN CB   HB2  sing N N 103 
ASN CB   HB3  sing N N 104 
ASN CG   OD1  doub N N 105 
ASN CG   ND2  sing N N 106 
ASN ND2  HD21 sing N N 107 
ASN ND2  HD22 sing N N 108 
ASN OXT  HXT  sing N N 109 
ASP N    CA   sing N N 110 
ASP N    H    sing N N 111 
ASP N    H2   sing N N 112 
ASP CA   C    sing N N 113 
ASP CA   CB   sing N N 114 
ASP CA   HA   sing N N 115 
ASP C    O    doub N N 116 
ASP C    OXT  sing N N 117 
ASP CB   CG   sing N N 118 
ASP CB   HB2  sing N N 119 
ASP CB   HB3  sing N N 120 
ASP CG   OD1  doub N N 121 
ASP CG   OD2  sing N N 122 
ASP OD2  HD2  sing N N 123 
ASP OXT  HXT  sing N N 124 
GLN N    CA   sing N N 125 
GLN N    H    sing N N 126 
GLN N    H2   sing N N 127 
GLN CA   C    sing N N 128 
GLN CA   CB   sing N N 129 
GLN CA   HA   sing N N 130 
GLN C    O    doub N N 131 
GLN C    OXT  sing N N 132 
GLN CB   CG   sing N N 133 
GLN CB   HB2  sing N N 134 
GLN CB   HB3  sing N N 135 
GLN CG   CD   sing N N 136 
GLN CG   HG2  sing N N 137 
GLN CG   HG3  sing N N 138 
GLN CD   OE1  doub N N 139 
GLN CD   NE2  sing N N 140 
GLN NE2  HE21 sing N N 141 
GLN NE2  HE22 sing N N 142 
GLN OXT  HXT  sing N N 143 
GLU N    CA   sing N N 144 
GLU N    H    sing N N 145 
GLU N    H2   sing N N 146 
GLU CA   C    sing N N 147 
GLU CA   CB   sing N N 148 
GLU CA   HA   sing N N 149 
GLU C    O    doub N N 150 
GLU C    OXT  sing N N 151 
GLU CB   CG   sing N N 152 
GLU CB   HB2  sing N N 153 
GLU CB   HB3  sing N N 154 
GLU CG   CD   sing N N 155 
GLU CG   HG2  sing N N 156 
GLU CG   HG3  sing N N 157 
GLU CD   OE1  doub N N 158 
GLU CD   OE2  sing N N 159 
GLU OE2  HE2  sing N N 160 
GLU OXT  HXT  sing N N 161 
GLY N    CA   sing N N 162 
GLY N    H    sing N N 163 
GLY N    H2   sing N N 164 
GLY CA   C    sing N N 165 
GLY CA   HA2  sing N N 166 
GLY CA   HA3  sing N N 167 
GLY C    O    doub N N 168 
GLY C    OXT  sing N N 169 
GLY OXT  HXT  sing N N 170 
HIS N    CA   sing N N 171 
HIS N    H    sing N N 172 
HIS N    H2   sing N N 173 
HIS CA   C    sing N N 174 
HIS CA   CB   sing N N 175 
HIS CA   HA   sing N N 176 
HIS C    O    doub N N 177 
HIS C    OXT  sing N N 178 
HIS CB   CG   sing N N 179 
HIS CB   HB2  sing N N 180 
HIS CB   HB3  sing N N 181 
HIS CG   ND1  sing Y N 182 
HIS CG   CD2  doub Y N 183 
HIS ND1  CE1  doub Y N 184 
HIS ND1  HD1  sing N N 185 
HIS CD2  NE2  sing Y N 186 
HIS CD2  HD2  sing N N 187 
HIS CE1  NE2  sing Y N 188 
HIS CE1  HE1  sing N N 189 
HIS NE2  HE2  sing N N 190 
HIS OXT  HXT  sing N N 191 
ILE N    CA   sing N N 192 
ILE N    H    sing N N 193 
ILE N    H2   sing N N 194 
ILE CA   C    sing N N 195 
ILE CA   CB   sing N N 196 
ILE CA   HA   sing N N 197 
ILE C    O    doub N N 198 
ILE C    OXT  sing N N 199 
ILE CB   CG1  sing N N 200 
ILE CB   CG2  sing N N 201 
ILE CB   HB   sing N N 202 
ILE CG1  CD1  sing N N 203 
ILE CG1  HG12 sing N N 204 
ILE CG1  HG13 sing N N 205 
ILE CG2  HG21 sing N N 206 
ILE CG2  HG22 sing N N 207 
ILE CG2  HG23 sing N N 208 
ILE CD1  HD11 sing N N 209 
ILE CD1  HD12 sing N N 210 
ILE CD1  HD13 sing N N 211 
ILE OXT  HXT  sing N N 212 
LEU N    CA   sing N N 213 
LEU N    H    sing N N 214 
LEU N    H2   sing N N 215 
LEU CA   C    sing N N 216 
LEU CA   CB   sing N N 217 
LEU CA   HA   sing N N 218 
LEU C    O    doub N N 219 
LEU C    OXT  sing N N 220 
LEU CB   CG   sing N N 221 
LEU CB   HB2  sing N N 222 
LEU CB   HB3  sing N N 223 
LEU CG   CD1  sing N N 224 
LEU CG   CD2  sing N N 225 
LEU CG   HG   sing N N 226 
LEU CD1  HD11 sing N N 227 
LEU CD1  HD12 sing N N 228 
LEU CD1  HD13 sing N N 229 
LEU CD2  HD21 sing N N 230 
LEU CD2  HD22 sing N N 231 
LEU CD2  HD23 sing N N 232 
LEU OXT  HXT  sing N N 233 
LYS N    CA   sing N N 234 
LYS N    H    sing N N 235 
LYS N    H2   sing N N 236 
LYS CA   C    sing N N 237 
LYS CA   CB   sing N N 238 
LYS CA   HA   sing N N 239 
LYS C    O    doub N N 240 
LYS C    OXT  sing N N 241 
LYS CB   CG   sing N N 242 
LYS CB   HB2  sing N N 243 
LYS CB   HB3  sing N N 244 
LYS CG   CD   sing N N 245 
LYS CG   HG2  sing N N 246 
LYS CG   HG3  sing N N 247 
LYS CD   CE   sing N N 248 
LYS CD   HD2  sing N N 249 
LYS CD   HD3  sing N N 250 
LYS CE   NZ   sing N N 251 
LYS CE   HE2  sing N N 252 
LYS CE   HE3  sing N N 253 
LYS NZ   HZ1  sing N N 254 
LYS NZ   HZ2  sing N N 255 
LYS NZ   HZ3  sing N N 256 
LYS OXT  HXT  sing N N 257 
MET N    CA   sing N N 258 
MET N    H    sing N N 259 
MET N    H2   sing N N 260 
MET CA   C    sing N N 261 
MET CA   CB   sing N N 262 
MET CA   HA   sing N N 263 
MET C    O    doub N N 264 
MET C    OXT  sing N N 265 
MET CB   CG   sing N N 266 
MET CB   HB2  sing N N 267 
MET CB   HB3  sing N N 268 
MET CG   SD   sing N N 269 
MET CG   HG2  sing N N 270 
MET CG   HG3  sing N N 271 
MET SD   CE   sing N N 272 
MET CE   HE1  sing N N 273 
MET CE   HE2  sing N N 274 
MET CE   HE3  sing N N 275 
MET OXT  HXT  sing N N 276 
PHE N    CA   sing N N 277 
PHE N    H    sing N N 278 
PHE N    H2   sing N N 279 
PHE CA   C    sing N N 280 
PHE CA   CB   sing N N 281 
PHE CA   HA   sing N N 282 
PHE C    O    doub N N 283 
PHE C    OXT  sing N N 284 
PHE CB   CG   sing N N 285 
PHE CB   HB2  sing N N 286 
PHE CB   HB3  sing N N 287 
PHE CG   CD1  doub Y N 288 
PHE CG   CD2  sing Y N 289 
PHE CD1  CE1  sing Y N 290 
PHE CD1  HD1  sing N N 291 
PHE CD2  CE2  doub Y N 292 
PHE CD2  HD2  sing N N 293 
PHE CE1  CZ   doub Y N 294 
PHE CE1  HE1  sing N N 295 
PHE CE2  CZ   sing Y N 296 
PHE CE2  HE2  sing N N 297 
PHE CZ   HZ   sing N N 298 
PHE OXT  HXT  sing N N 299 
PRO N    CA   sing N N 300 
PRO N    CD   sing N N 301 
PRO N    H    sing N N 302 
PRO CA   C    sing N N 303 
PRO CA   CB   sing N N 304 
PRO CA   HA   sing N N 305 
PRO C    O    doub N N 306 
PRO C    OXT  sing N N 307 
PRO CB   CG   sing N N 308 
PRO CB   HB2  sing N N 309 
PRO CB   HB3  sing N N 310 
PRO CG   CD   sing N N 311 
PRO CG   HG2  sing N N 312 
PRO CG   HG3  sing N N 313 
PRO CD   HD2  sing N N 314 
PRO CD   HD3  sing N N 315 
PRO OXT  HXT  sing N N 316 
SER N    CA   sing N N 317 
SER N    H    sing N N 318 
SER N    H2   sing N N 319 
SER CA   C    sing N N 320 
SER CA   CB   sing N N 321 
SER CA   HA   sing N N 322 
SER C    O    doub N N 323 
SER C    OXT  sing N N 324 
SER CB   OG   sing N N 325 
SER CB   HB2  sing N N 326 
SER CB   HB3  sing N N 327 
SER OG   HG   sing N N 328 
SER OXT  HXT  sing N N 329 
THR N    CA   sing N N 330 
THR N    H    sing N N 331 
THR N    H2   sing N N 332 
THR CA   C    sing N N 333 
THR CA   CB   sing N N 334 
THR CA   HA   sing N N 335 
THR C    O    doub N N 336 
THR C    OXT  sing N N 337 
THR CB   OG1  sing N N 338 
THR CB   CG2  sing N N 339 
THR CB   HB   sing N N 340 
THR OG1  HG1  sing N N 341 
THR CG2  HG21 sing N N 342 
THR CG2  HG22 sing N N 343 
THR CG2  HG23 sing N N 344 
THR OXT  HXT  sing N N 345 
TRP N    CA   sing N N 346 
TRP N    H    sing N N 347 
TRP N    H2   sing N N 348 
TRP CA   C    sing N N 349 
TRP CA   CB   sing N N 350 
TRP CA   HA   sing N N 351 
TRP C    O    doub N N 352 
TRP C    OXT  sing N N 353 
TRP CB   CG   sing N N 354 
TRP CB   HB2  sing N N 355 
TRP CB   HB3  sing N N 356 
TRP CG   CD1  doub Y N 357 
TRP CG   CD2  sing Y N 358 
TRP CD1  NE1  sing Y N 359 
TRP CD1  HD1  sing N N 360 
TRP CD2  CE2  doub Y N 361 
TRP CD2  CE3  sing Y N 362 
TRP NE1  CE2  sing Y N 363 
TRP NE1  HE1  sing N N 364 
TRP CE2  CZ2  sing Y N 365 
TRP CE3  CZ3  doub Y N 366 
TRP CE3  HE3  sing N N 367 
TRP CZ2  CH2  doub Y N 368 
TRP CZ2  HZ2  sing N N 369 
TRP CZ3  CH2  sing Y N 370 
TRP CZ3  HZ3  sing N N 371 
TRP CH2  HH2  sing N N 372 
TRP OXT  HXT  sing N N 373 
TYR N    CA   sing N N 374 
TYR N    H    sing N N 375 
TYR N    H2   sing N N 376 
TYR CA   C    sing N N 377 
TYR CA   CB   sing N N 378 
TYR CA   HA   sing N N 379 
TYR C    O    doub N N 380 
TYR C    OXT  sing N N 381 
TYR CB   CG   sing N N 382 
TYR CB   HB2  sing N N 383 
TYR CB   HB3  sing N N 384 
TYR CG   CD1  doub Y N 385 
TYR CG   CD2  sing Y N 386 
TYR CD1  CE1  sing Y N 387 
TYR CD1  HD1  sing N N 388 
TYR CD2  CE2  doub Y N 389 
TYR CD2  HD2  sing N N 390 
TYR CE1  CZ   doub Y N 391 
TYR CE1  HE1  sing N N 392 
TYR CE2  CZ   sing Y N 393 
TYR CE2  HE2  sing N N 394 
TYR CZ   OH   sing N N 395 
TYR OH   HH   sing N N 396 
TYR OXT  HXT  sing N N 397 
VAL N    CA   sing N N 398 
VAL N    H    sing N N 399 
VAL N    H2   sing N N 400 
VAL CA   C    sing N N 401 
VAL CA   CB   sing N N 402 
VAL CA   HA   sing N N 403 
VAL C    O    doub N N 404 
VAL C    OXT  sing N N 405 
VAL CB   CG1  sing N N 406 
VAL CB   CG2  sing N N 407 
VAL CB   HB   sing N N 408 
VAL CG1  HG11 sing N N 409 
VAL CG1  HG12 sing N N 410 
VAL CG1  HG13 sing N N 411 
VAL CG2  HG21 sing N N 412 
VAL CG2  HG22 sing N N 413 
VAL CG2  HG23 sing N N 414 
VAL OXT  HXT  sing N N 415 
# 
_atom_sites.entry_id                    1A85 
_atom_sites.fract_transf_matrix[1][1]   0.02941203 
_atom_sites.fract_transf_matrix[1][2]   -0.00239773 
_atom_sites.fract_transf_matrix[1][3]   0.00630191 
_atom_sites.fract_transf_matrix[2][1]   0.00291810 
_atom_sites.fract_transf_matrix[2][2]   -0.00115112 
_atom_sites.fract_transf_matrix[2][3]   -0.01405724 
_atom_sites.fract_transf_matrix[3][1]   0.00129775 
_atom_sites.fract_transf_matrix[3][2]   0.01368227 
_atom_sites.fract_transf_matrix[3][3]   -0.00085102 
_atom_sites.fract_transf_vector[1]      0.528486 
_atom_sites.fract_transf_vector[2]      0.840093 
_atom_sites.fract_transf_vector[3]      0.705813 
# 
loop_
_atom_type.symbol 
C  
CA 
H  
N  
O  
S  
ZN 
# 
loop_
_atom_site.group_PDB 
_atom_site.id 
_atom_site.type_symbol 
_atom_site.label_atom_id 
_atom_site.label_alt_id 
_atom_site.label_comp_id 
_atom_site.label_asym_id 
_atom_site.label_entity_id 
_atom_site.label_seq_id 
_atom_site.pdbx_PDB_ins_code 
_atom_site.Cartn_x 
_atom_site.Cartn_y 
_atom_site.Cartn_z 
_atom_site.occupancy 
_atom_site.B_iso_or_equiv 
_atom_site.pdbx_formal_charge 
_atom_site.auth_seq_id 
_atom_site.auth_comp_id 
_atom_site.auth_asym_id 
_atom_site.auth_atom_id 
_atom_site.pdbx_PDB_model_num 
ATOM   1    N  N    . ASN A 1 1   ? 2.592   18.942  3.887   1.00 34.02 ? 85  ASN A N    1 
ATOM   2    C  CA   . ASN A 1 1   ? 1.709   17.780  4.241   1.00 33.80 ? 85  ASN A CA   1 
ATOM   3    C  C    . ASN A 1 1   ? 0.692   17.506  3.146   1.00 32.85 ? 85  ASN A C    1 
ATOM   4    O  O    . ASN A 1 1   ? -0.409  18.090  3.150   1.00 32.88 ? 85  ASN A O    1 
ATOM   5    C  CB   . ASN A 1 1   ? 0.974   18.007  5.573   1.00 34.59 ? 85  ASN A CB   1 
ATOM   6    C  CG   . ASN A 1 1   ? -0.189  17.025  5.774   1.00 35.50 ? 85  ASN A CG   1 
ATOM   7    O  OD1  . ASN A 1 1   ? -0.044  15.824  5.531   1.00 36.28 ? 85  ASN A OD1  1 
ATOM   8    N  ND2  . ASN A 1 1   ? -1.356  17.548  6.160   1.00 35.77 ? 85  ASN A ND2  1 
ATOM   9    H  H1   . ASN A 1 1   ? 1.997   19.770  3.751   0.00 20.00 ? 85  ASN A H1   1 
ATOM   10   H  H2   . ASN A 1 1   ? 3.273   19.083  4.648   0.00 20.00 ? 85  ASN A H2   1 
ATOM   11   H  H3   . ASN A 1 1   ? 3.093   18.709  3.001   0.00 20.00 ? 85  ASN A H3   1 
ATOM   12   H  HD21 . ASN A 1 1   ? -2.119  16.949  6.298   0.00 20.00 ? 85  ASN A HD21 1 
ATOM   13   H  HD22 . ASN A 1 1   ? -1.431  18.525  6.258   0.00 20.00 ? 85  ASN A HD22 1 
ATOM   14   N  N    . PRO A 1 2   ? 1.102   16.739  2.123   1.00 32.04 ? 86  PRO A N    1 
ATOM   15   C  CA   . PRO A 1 2   ? 0.094   16.484  1.089   1.00 30.82 ? 86  PRO A CA   1 
ATOM   16   C  C    . PRO A 1 2   ? -0.980  15.636  1.745   1.00 29.14 ? 86  PRO A C    1 
ATOM   17   O  O    . PRO A 1 2   ? -0.702  14.772  2.593   1.00 28.99 ? 86  PRO A O    1 
ATOM   18   C  CB   . PRO A 1 2   ? 0.865   15.695  0.011   1.00 31.37 ? 86  PRO A CB   1 
ATOM   19   C  CG   . PRO A 1 2   ? 2.250   16.218  0.170   1.00 32.06 ? 86  PRO A CG   1 
ATOM   20   C  CD   . PRO A 1 2   ? 2.408   16.206  1.706   1.00 32.06 ? 86  PRO A CD   1 
ATOM   21   N  N    . LYS A 1 3   ? -2.216  15.983  1.440   1.00 27.24 ? 87  LYS A N    1 
ATOM   22   C  CA   . LYS A 1 3   ? -3.357  15.257  1.952   1.00 25.31 ? 87  LYS A CA   1 
ATOM   23   C  C    . LYS A 1 3   ? -4.494  15.265  0.923   1.00 23.64 ? 87  LYS A C    1 
ATOM   24   O  O    . LYS A 1 3   ? -4.565  16.120  0.030   1.00 22.97 ? 87  LYS A O    1 
ATOM   25   C  CB   . LYS A 1 3   ? -3.797  15.828  3.303   1.00 25.79 ? 87  LYS A CB   1 
ATOM   26   C  CG   . LYS A 1 3   ? -4.315  17.248  3.268   1.00 26.39 ? 87  LYS A CG   1 
ATOM   27   C  CD   . LYS A 1 3   ? -5.810  17.285  3.331   1.00 27.34 ? 87  LYS A CD   1 
ATOM   28   C  CE   . LYS A 1 3   ? -6.377  16.722  4.622   1.00 27.66 ? 87  LYS A CE   1 
ATOM   29   N  NZ   . LYS A 1 3   ? -5.947  17.554  5.759   1.00 28.67 ? 87  LYS A NZ   1 
ATOM   30   H  H    . LYS A 1 3   ? -2.374  16.743  0.861   0.00 20.00 ? 87  LYS A H    1 
ATOM   31   H  HZ1  . LYS A 1 3   ? -4.896  17.609  5.800   0.00 20.00 ? 87  LYS A HZ1  1 
ATOM   32   H  HZ2  . LYS A 1 3   ? -6.322  18.515  5.676   0.00 20.00 ? 87  LYS A HZ2  1 
ATOM   33   H  HZ3  . LYS A 1 3   ? -6.258  17.136  6.671   0.00 20.00 ? 87  LYS A HZ3  1 
ATOM   34   N  N    . TRP A 1 4   ? -5.313  14.231  0.984   1.00 21.93 ? 88  TRP A N    1 
ATOM   35   C  CA   . TRP A 1 4   ? -6.407  14.141  0.089   1.00 21.10 ? 88  TRP A CA   1 
ATOM   36   C  C    . TRP A 1 4   ? -7.403  15.109  0.717   1.00 21.59 ? 88  TRP A C    1 
ATOM   37   O  O    . TRP A 1 4   ? -7.452  15.240  1.941   1.00 21.59 ? 88  TRP A O    1 
ATOM   38   C  CB   . TRP A 1 4   ? -6.921  12.710  0.100   1.00 19.60 ? 88  TRP A CB   1 
ATOM   39   C  CG   . TRP A 1 4   ? -5.997  11.715  -0.539  1.00 18.96 ? 88  TRP A CG   1 
ATOM   40   C  CD1  . TRP A 1 4   ? -5.224  10.776  0.097   1.00 18.40 ? 88  TRP A CD1  1 
ATOM   41   C  CD2  . TRP A 1 4   ? -5.795  11.515  -1.935  1.00 18.53 ? 88  TRP A CD2  1 
ATOM   42   N  NE1  . TRP A 1 4   ? -4.566  9.997   -0.825  1.00 17.85 ? 88  TRP A NE1  1 
ATOM   43   C  CE2  . TRP A 1 4   ? -4.886  10.418  -2.078  1.00 18.36 ? 88  TRP A CE2  1 
ATOM   44   C  CE3  . TRP A 1 4   ? -6.307  12.147  -3.083  1.00 19.02 ? 88  TRP A CE3  1 
ATOM   45   C  CZ2  . TRP A 1 4   ? -4.463  9.929   -3.336  1.00 18.69 ? 88  TRP A CZ2  1 
ATOM   46   C  CZ3  . TRP A 1 4   ? -5.888  11.657  -4.352  1.00 19.79 ? 88  TRP A CZ3  1 
ATOM   47   C  CH2  . TRP A 1 4   ? -4.959  10.544  -4.456  1.00 19.28 ? 88  TRP A CH2  1 
ATOM   48   H  H    . TRP A 1 4   ? -5.115  13.509  1.626   0.00 20.00 ? 88  TRP A H    1 
ATOM   49   H  HE1  . TRP A 1 4   ? -3.934  9.280   -0.615  0.00 20.00 ? 88  TRP A HE1  1 
ATOM   50   N  N    . GLU A 1 5   ? -8.114  15.862  -0.112  1.00 22.41 ? 89  GLU A N    1 
ATOM   51   C  CA   . GLU A 1 5   ? -9.142  16.781  0.374   1.00 22.96 ? 89  GLU A CA   1 
ATOM   52   C  C    . GLU A 1 5   ? -10.498 16.121  0.171   1.00 22.67 ? 89  GLU A C    1 
ATOM   53   O  O    . GLU A 1 5   ? -11.505 16.771  0.260   1.00 23.40 ? 89  GLU A O    1 
ATOM   54   C  CB   . GLU A 1 5   ? -9.112  18.093  -0.399  1.00 24.29 ? 89  GLU A CB   1 
ATOM   55   C  CG   . GLU A 1 5   ? -7.699  18.669  -0.580  1.00 27.13 ? 89  GLU A CG   1 
ATOM   56   C  CD   . GLU A 1 5   ? -6.986  19.022  0.758   1.00 28.48 ? 89  GLU A CD   1 
ATOM   57   O  OE1  . GLU A 1 5   ? -7.676  19.174  1.823   1.00 29.81 ? 89  GLU A OE1  1 
ATOM   58   O  OE2  . GLU A 1 5   ? -5.729  19.172  0.731   1.00 29.35 ? 89  GLU A OE2  1 
ATOM   59   H  H    . GLU A 1 5   ? -7.941  15.793  -1.082  0.00 20.00 ? 89  GLU A H    1 
ATOM   60   N  N    . ARG A 1 6   ? -10.525 14.853  -0.175  1.00 22.24 ? 90  ARG A N    1 
ATOM   61   C  CA   . ARG A 1 6   ? -11.769 14.133  -0.358  1.00 21.79 ? 90  ARG A CA   1 
ATOM   62   C  C    . ARG A 1 6   ? -11.652 12.900  0.556   1.00 20.92 ? 90  ARG A C    1 
ATOM   63   O  O    . ARG A 1 6   ? -10.556 12.345  0.728   1.00 21.03 ? 90  ARG A O    1 
ATOM   64   C  CB   . ARG A 1 6   ? -11.865 13.702  -1.796  1.00 23.14 ? 90  ARG A CB   1 
ATOM   65   C  CG   . ARG A 1 6   ? -13.283 13.671  -2.328  1.00 25.53 ? 90  ARG A CG   1 
ATOM   66   C  CD   . ARG A 1 6   ? -13.285 13.709  -3.878  1.00 26.95 ? 90  ARG A CD   1 
ATOM   67   N  NE   . ARG A 1 6   ? -12.578 12.572  -4.466  1.00 27.59 ? 90  ARG A NE   1 
ATOM   68   C  CZ   . ARG A 1 6   ? -11.376 12.654  -5.012  1.00 28.12 ? 90  ARG A CZ   1 
ATOM   69   N  NH1  . ARG A 1 6   ? -10.722 13.802  -5.038  1.00 28.43 ? 90  ARG A NH1  1 
ATOM   70   N  NH2  . ARG A 1 6   ? -10.857 11.596  -5.588  1.00 29.11 ? 90  ARG A NH2  1 
ATOM   71   H  H    . ARG A 1 6   ? -9.687  14.359  -0.297  0.00 20.00 ? 90  ARG A H    1 
ATOM   72   H  HE   . ARG A 1 6   ? -12.993 11.674  -4.415  0.00 20.00 ? 90  ARG A HE   1 
ATOM   73   H  HH11 . ARG A 1 6   ? -11.141 14.616  -4.645  0.00 20.00 ? 90  ARG A HH11 1 
ATOM   74   H  HH12 . ARG A 1 6   ? -9.812  13.852  -5.450  0.00 20.00 ? 90  ARG A HH12 1 
ATOM   75   H  HH21 . ARG A 1 6   ? -11.332 10.713  -5.548  0.00 20.00 ? 90  ARG A HH21 1 
ATOM   76   H  HH22 . ARG A 1 6   ? -9.928  11.637  -5.957  0.00 20.00 ? 90  ARG A HH22 1 
ATOM   77   N  N    . THR A 1 7   ? -12.759 12.457  1.132   1.00 19.46 ? 91  THR A N    1 
ATOM   78   C  CA   . THR A 1 7   ? -12.715 11.302  2.041   1.00 18.15 ? 91  THR A CA   1 
ATOM   79   C  C    . THR A 1 7   ? -13.006 9.913   1.400   1.00 16.52 ? 91  THR A C    1 
ATOM   80   O  O    . THR A 1 7   ? -12.409 8.892   1.803   1.00 15.90 ? 91  THR A O    1 
ATOM   81   C  CB   . THR A 1 7   ? -13.607 11.550  3.272   1.00 18.18 ? 91  THR A CB   1 
ATOM   82   O  OG1  . THR A 1 7   ? -14.969 11.709  2.862   1.00 18.62 ? 91  THR A OG1  1 
ATOM   83   C  CG2  . THR A 1 7   ? -13.158 12.788  3.976   1.00 18.48 ? 91  THR A CG2  1 
ATOM   84   H  H    . THR A 1 7   ? -13.615 12.890  0.976   0.00 20.00 ? 91  THR A H    1 
ATOM   85   H  HG1  . THR A 1 7   ? -15.242 10.873  2.425   0.00 20.00 ? 91  THR A HG1  1 
ATOM   86   N  N    . ASN A 1 8   ? -13.946 9.866   0.464   1.00 15.13 ? 92  ASN A N    1 
ATOM   87   C  CA   . ASN A 1 8   ? -14.222 8.605   -0.235  1.00 13.92 ? 92  ASN A CA   1 
ATOM   88   C  C    . ASN A 1 8   ? -13.333 8.607   -1.494  1.00 12.98 ? 92  ASN A C    1 
ATOM   89   O  O    . ASN A 1 8   ? -13.497 9.445   -2.399  1.00 12.58 ? 92  ASN A O    1 
ATOM   90   C  CB   . ASN A 1 8   ? -15.687 8.513   -0.604  1.00 14.49 ? 92  ASN A CB   1 
ATOM   91   C  CG   . ASN A 1 8   ? -16.064 7.207   -1.330  1.00 14.44 ? 92  ASN A CG   1 
ATOM   92   O  OD1  . ASN A 1 8   ? -17.143 7.178   -1.906  1.00 15.05 ? 92  ASN A OD1  1 
ATOM   93   N  ND2  . ASN A 1 8   ? -15.267 6.131   -1.212  1.00 13.39 ? 92  ASN A ND2  1 
ATOM   94   H  H    . ASN A 1 8   ? -14.376 10.672  0.138   0.00 20.00 ? 92  ASN A H    1 
ATOM   95   H  HD21 . ASN A 1 8   ? -15.511 5.277   -1.612  0.00 20.00 ? 92  ASN A HD21 1 
ATOM   96   H  HD22 . ASN A 1 8   ? -14.466 6.204   -0.624  0.00 20.00 ? 92  ASN A HD22 1 
ATOM   97   N  N    . LEU A 1 9   ? -12.324 7.722   -1.477  1.00 11.81 ? 93  LEU A N    1 
ATOM   98   C  CA   . LEU A 1 9   ? -11.364 7.602   -2.553  1.00 10.30 ? 93  LEU A CA   1 
ATOM   99   C  C    . LEU A 1 9   ? -11.555 6.304   -3.278  1.00 9.40  ? 93  LEU A C    1 
ATOM   100  O  O    . LEU A 1 9   ? -11.943 5.323   -2.662  1.00 10.07 ? 93  LEU A O    1 
ATOM   101  C  CB   . LEU A 1 9   ? -9.937  7.686   -1.981  1.00 10.20 ? 93  LEU A CB   1 
ATOM   102  C  CG   . LEU A 1 9   ? -9.561  8.982   -1.267  1.00 9.14  ? 93  LEU A CG   1 
ATOM   103  C  CD1  . LEU A 1 9   ? -8.244  8.784   -0.516  1.00 9.16  ? 93  LEU A CD1  1 
ATOM   104  C  CD2  . LEU A 1 9   ? -9.443  10.087  -2.235  1.00 8.81  ? 93  LEU A CD2  1 
ATOM   105  H  H    . LEU A 1 9   ? -12.282 7.081   -0.728  0.00 20.00 ? 93  LEU A H    1 
ATOM   106  N  N    . THR A 1 10  ? -11.345 6.314   -4.603  1.00 8.67  ? 94  THR A N    1 
ATOM   107  C  CA   . THR A 1 10  ? -11.446 5.090   -5.403  1.00 7.84  ? 94  THR A CA   1 
ATOM   108  C  C    . THR A 1 10  ? -10.062 4.465   -5.693  1.00 7.93  ? 94  THR A C    1 
ATOM   109  O  O    . THR A 1 10  ? -9.042  5.155   -5.695  1.00 7.36  ? 94  THR A O    1 
ATOM   110  C  CB   . THR A 1 10  ? -12.082 5.321   -6.740  1.00 8.60  ? 94  THR A CB   1 
ATOM   111  O  OG1  . THR A 1 10  ? -11.262 6.239   -7.473  1.00 7.70  ? 94  THR A OG1  1 
ATOM   112  C  CG2  . THR A 1 10  ? -13.610 5.851   -6.606  1.00 7.92  ? 94  THR A CG2  1 
ATOM   113  H  H    . THR A 1 10  ? -10.964 7.106   -4.987  0.00 20.00 ? 94  THR A H    1 
ATOM   114  H  HG1  . THR A 1 10  ? -11.262 7.047   -7.020  0.00 20.00 ? 94  THR A HG1  1 
ATOM   115  N  N    . TYR A 1 11  ? -10.034 3.174   -5.927  1.00 8.06  ? 95  TYR A N    1 
ATOM   116  C  CA   . TYR A 1 11  ? -8.772  2.542   -6.249  1.00 8.85  ? 95  TYR A CA   1 
ATOM   117  C  C    . TYR A 1 11  ? -9.072  1.551   -7.346  1.00 8.74  ? 95  TYR A C    1 
ATOM   118  O  O    . TYR A 1 11  ? -10.198 1.069   -7.450  1.00 8.07  ? 95  TYR A O    1 
ATOM   119  C  CB   . TYR A 1 11  ? -8.128  1.845   -5.015  1.00 9.53  ? 95  TYR A CB   1 
ATOM   120  C  CG   . TYR A 1 11  ? -8.849  0.626   -4.496  1.00 10.96 ? 95  TYR A CG   1 
ATOM   121  C  CD1  . TYR A 1 11  ? -8.516  -0.621  -4.947  1.00 11.38 ? 95  TYR A CD1  1 
ATOM   122  C  CD2  . TYR A 1 11  ? -9.787  0.726   -3.449  1.00 12.16 ? 95  TYR A CD2  1 
ATOM   123  C  CE1  . TYR A 1 11  ? -9.066  -1.739  -4.378  1.00 12.54 ? 95  TYR A CE1  1 
ATOM   124  C  CE2  . TYR A 1 11  ? -10.349 -0.410  -2.854  1.00 11.80 ? 95  TYR A CE2  1 
ATOM   125  C  CZ   . TYR A 1 11  ? -9.987  -1.646  -3.320  1.00 12.36 ? 95  TYR A CZ   1 
ATOM   126  O  OH   . TYR A 1 11  ? -10.481 -2.835  -2.779  1.00 11.19 ? 95  TYR A OH   1 
ATOM   127  H  H    . TYR A 1 11  ? -10.830 2.657   -5.800  0.00 20.00 ? 95  TYR A H    1 
ATOM   128  H  HH   . TYR A 1 11  ? -11.119 -2.639  -2.100  0.00 20.00 ? 95  TYR A HH   1 
ATOM   129  N  N    . ARG A 1 12  ? -8.049  1.195   -8.087  1.00 8.65  ? 96  ARG A N    1 
ATOM   130  C  CA   . ARG A 1 12  ? -8.117  0.228   -9.191  1.00 9.01  ? 96  ARG A CA   1 
ATOM   131  C  C    . ARG A 1 12  ? -6.812  -0.647  -9.278  1.00 9.10  ? 96  ARG A C    1 
ATOM   132  O  O    . ARG A 1 12  ? -5.637  -0.168  -9.183  1.00 9.61  ? 96  ARG A O    1 
ATOM   133  C  CB   . ARG A 1 12  ? -8.331  0.967   -10.507 1.00 8.92  ? 96  ARG A CB   1 
ATOM   134  C  CG   . ARG A 1 12  ? -8.392  0.020   -11.719 1.00 9.15  ? 96  ARG A CG   1 
ATOM   135  C  CD   . ARG A 1 12  ? -8.393  0.803   -13.052 1.00 9.79  ? 96  ARG A CD   1 
ATOM   136  N  NE   . ARG A 1 12  ? -8.222  -0.106  -14.204 1.00 10.31 ? 96  ARG A NE   1 
ATOM   137  C  CZ   . ARG A 1 12  ? -8.038  0.307   -15.461 1.00 10.76 ? 96  ARG A CZ   1 
ATOM   138  N  NH1  . ARG A 1 12  ? -8.014  1.599   -15.740 1.00 10.91 ? 96  ARG A NH1  1 
ATOM   139  N  NH2  . ARG A 1 12  ? -7.835  -0.573  -16.441 1.00 11.42 ? 96  ARG A NH2  1 
ATOM   140  H  H    . ARG A 1 12  ? -7.150  1.576   -7.808  0.00 20.00 ? 96  ARG A H    1 
ATOM   141  H  HE   . ARG A 1 12  ? -8.216  -1.077  -14.025 0.00 20.00 ? 96  ARG A HE   1 
ATOM   142  H  HH11 . ARG A 1 12  ? -8.148  2.275   -15.007 0.00 20.00 ? 96  ARG A HH11 1 
ATOM   143  H  HH12 . ARG A 1 12  ? -7.907  1.898   -16.674 0.00 20.00 ? 96  ARG A HH12 1 
ATOM   144  H  HH21 . ARG A 1 12  ? -7.816  -1.557  -16.214 0.00 20.00 ? 96  ARG A HH21 1 
ATOM   145  H  HH22 . ARG A 1 12  ? -7.729  -0.269  -17.373 0.00 20.00 ? 96  ARG A HH22 1 
ATOM   146  N  N    . ILE A 1 13  ? -7.026  -1.939  -9.335  1.00 8.85  ? 97  ILE A N    1 
ATOM   147  C  CA   . ILE A 1 13  ? -5.926  -2.903  -9.419  1.00 9.20  ? 97  ILE A CA   1 
ATOM   148  C  C    . ILE A 1 13  ? -5.815  -3.165  -10.918 1.00 9.41  ? 97  ILE A C    1 
ATOM   149  O  O    . ILE A 1 13  ? -6.601  -3.874  -11.525 1.00 8.53  ? 97  ILE A O    1 
ATOM   150  C  CB   . ILE A 1 13  ? -6.241  -4.229  -8.660  1.00 8.79  ? 97  ILE A CB   1 
ATOM   151  C  CG1  . ILE A 1 13  ? -6.474  -3.964  -7.148  1.00 8.65  ? 97  ILE A CG1  1 
ATOM   152  C  CG2  . ILE A 1 13  ? -5.111  -5.292  -8.869  1.00 9.20  ? 97  ILE A CG2  1 
ATOM   153  C  CD1  . ILE A 1 13  ? -7.200  -5.177  -6.414  1.00 7.44  ? 97  ILE A CD1  1 
ATOM   154  H  H    . ILE A 1 13  ? -7.922  -2.277  -9.252  0.00 20.00 ? 97  ILE A H    1 
ATOM   155  N  N    . ARG A 1 14  ? -4.849  -2.513  -11.523 1.00 10.55 ? 98  ARG A N    1 
ATOM   156  C  CA   . ARG A 1 14  ? -4.662  -2.615  -12.974 1.00 11.28 ? 98  ARG A CA   1 
ATOM   157  C  C    . ARG A 1 14  ? -4.189  -4.005  -13.487 1.00 11.77 ? 98  ARG A C    1 
ATOM   158  O  O    . ARG A 1 14  ? -4.510  -4.353  -14.637 1.00 11.09 ? 98  ARG A O    1 
ATOM   159  C  CB   . ARG A 1 14  ? -3.696  -1.515  -13.408 1.00 12.30 ? 98  ARG A CB   1 
ATOM   160  C  CG   . ARG A 1 14  ? -4.010  -0.163  -12.857 1.00 13.31 ? 98  ARG A CG   1 
ATOM   161  C  CD   . ARG A 1 14  ? -3.039  0.855   -13.446 1.00 14.72 ? 98  ARG A CD   1 
ATOM   162  N  NE   . ARG A 1 14  ? -3.223  0.961   -14.894 1.00 15.50 ? 98  ARG A NE   1 
ATOM   163  C  CZ   . ARG A 1 14  ? -4.089  1.767   -15.511 1.00 16.16 ? 98  ARG A CZ   1 
ATOM   164  N  NH1  . ARG A 1 14  ? -4.899  2.605   -14.861 1.00 16.31 ? 98  ARG A NH1  1 
ATOM   165  N  NH2  . ARG A 1 14  ? -4.219  1.669   -16.812 1.00 17.55 ? 98  ARG A NH2  1 
ATOM   166  H  H    . ARG A 1 14  ? -4.170  -2.053  -10.951 0.00 20.00 ? 98  ARG A H    1 
ATOM   167  H  HE   . ARG A 1 14  ? -2.674  0.370   -15.400 0.00 20.00 ? 98  ARG A HE   1 
ATOM   168  H  HH11 . ARG A 1 14  ? -4.867  2.654   -13.849 0.00 20.00 ? 98  ARG A HH11 1 
ATOM   169  H  HH12 . ARG A 1 14  ? -5.525  3.197   -15.350 0.00 20.00 ? 98  ARG A HH12 1 
ATOM   170  H  HH21 . ARG A 1 14  ? -3.680  0.998   -17.309 0.00 20.00 ? 98  ARG A HH21 1 
ATOM   171  H  HH22 . ARG A 1 14  ? -4.861  2.263   -17.286 0.00 20.00 ? 98  ARG A HH22 1 
ATOM   172  N  N    . ASN A 1 15  ? -3.275  -4.683  -12.731 1.00 11.89 ? 99  ASN A N    1 
ATOM   173  C  CA   . ASN A 1 15  ? -2.819  -6.030  -13.080 1.00 12.21 ? 99  ASN A CA   1 
ATOM   174  C  C    . ASN A 1 15  ? -2.599  -6.833  -11.824 1.00 12.28 ? 99  ASN A C    1 
ATOM   175  O  O    . ASN A 1 15  ? -2.865  -6.330  -10.738 1.00 12.12 ? 99  ASN A O    1 
ATOM   176  C  CB   . ASN A 1 15  ? -1.596  -6.050  -13.994 1.00 12.01 ? 99  ASN A CB   1 
ATOM   177  C  CG   . ASN A 1 15  ? -0.432  -5.261  -13.424 1.00 12.77 ? 99  ASN A CG   1 
ATOM   178  O  OD1  . ASN A 1 15  ? -0.363  -5.018  -12.205 1.00 13.64 ? 99  ASN A OD1  1 
ATOM   179  N  ND2  . ASN A 1 15  ? 0.486   -4.858  -14.288 1.00 11.51 ? 99  ASN A ND2  1 
ATOM   180  H  H    . ASN A 1 15  ? -3.019  -4.295  -11.830 0.00 20.00 ? 99  ASN A H    1 
ATOM   181  H  HD21 . ASN A 1 15  ? 1.338   -4.470  -13.876 0.00 20.00 ? 99  ASN A HD21 1 
ATOM   182  H  HD22 . ASN A 1 15  ? 0.414   -5.058  -15.206 0.00 20.00 ? 99  ASN A HD22 1 
ATOM   183  N  N    . TYR A 1 16  ? -2.252  -8.104  -12.004 1.00 13.36 ? 100 TYR A N    1 
ATOM   184  C  CA   . TYR A 1 16  ? -2.061  -9.044  -10.924 1.00 14.98 ? 100 TYR A CA   1 
ATOM   185  C  C    . TYR A 1 16  ? -0.722  -9.755  -10.912 1.00 15.62 ? 100 TYR A C    1 
ATOM   186  O  O    . TYR A 1 16  ? 0.016   -9.678  -11.875 1.00 16.43 ? 100 TYR A O    1 
ATOM   187  C  CB   . TYR A 1 16  ? -3.172  -10.113 -10.953 1.00 15.72 ? 100 TYR A CB   1 
ATOM   188  C  CG   . TYR A 1 16  ? -4.561  -9.547  -10.749 1.00 16.36 ? 100 TYR A CG   1 
ATOM   189  C  CD1  . TYR A 1 16  ? -5.267  -8.967  -11.802 1.00 16.08 ? 100 TYR A CD1  1 
ATOM   190  C  CD2  . TYR A 1 16  ? -5.157  -9.550  -9.487  1.00 16.55 ? 100 TYR A CD2  1 
ATOM   191  C  CE1  . TYR A 1 16  ? -6.543  -8.388  -11.594 1.00 16.66 ? 100 TYR A CE1  1 
ATOM   192  C  CE2  . TYR A 1 16  ? -6.439  -8.980  -9.269  1.00 16.21 ? 100 TYR A CE2  1 
ATOM   193  C  CZ   . TYR A 1 16  ? -7.093  -8.402  -10.323 1.00 16.27 ? 100 TYR A CZ   1 
ATOM   194  O  OH   . TYR A 1 16  ? -8.237  -7.751  -10.100 1.00 15.84 ? 100 TYR A OH   1 
ATOM   195  H  H    . TYR A 1 16  ? -2.143  -8.440  -12.899 0.00 20.00 ? 100 TYR A H    1 
ATOM   196  H  HH   . TYR A 1 16  ? -8.592  -7.393  -10.888 0.00 20.00 ? 100 TYR A HH   1 
ATOM   197  N  N    . THR A 1 17  ? -0.360  -10.363 -9.784  1.00 16.29 ? 101 THR A N    1 
ATOM   198  C  CA   . THR A 1 17  ? 0.880   -11.148 -9.679  1.00 16.53 ? 101 THR A CA   1 
ATOM   199  C  C    . THR A 1 17  ? 0.374   -12.589 -9.813  1.00 16.76 ? 101 THR A C    1 
ATOM   200  O  O    . THR A 1 17  ? -0.619  -12.941 -9.207  1.00 17.40 ? 101 THR A O    1 
ATOM   201  C  CB   . THR A 1 17  ? 1.634   -10.958 -8.328  1.00 16.40 ? 101 THR A CB   1 
ATOM   202  O  OG1  . THR A 1 17  ? 2.716   -11.904 -8.281  1.00 17.15 ? 101 THR A OG1  1 
ATOM   203  C  CG2  . THR A 1 17  ? 0.735   -11.235 -7.121  1.00 15.79 ? 101 THR A CG2  1 
ATOM   204  H  H    . THR A 1 17  ? -0.935  -10.299 -8.984  0.00 20.00 ? 101 THR A H    1 
ATOM   205  H  HG1  . THR A 1 17  ? 2.419   -12.784 -8.320  0.00 20.00 ? 101 THR A HG1  1 
ATOM   206  N  N    . PRO A 1 18  ? 1.028   -13.430 -10.648 1.00 17.36 ? 102 PRO A N    1 
ATOM   207  C  CA   . PRO A 1 18  ? 0.644   -14.828 -10.882 1.00 17.70 ? 102 PRO A CA   1 
ATOM   208  C  C    . PRO A 1 18  ? 0.780   -15.699 -9.690  1.00 17.96 ? 102 PRO A C    1 
ATOM   209  O  O    . PRO A 1 18  ? 0.248   -16.806 -9.667  1.00 17.85 ? 102 PRO A O    1 
ATOM   210  C  CB   . PRO A 1 18  ? 1.646   -15.300 -11.945 1.00 17.87 ? 102 PRO A CB   1 
ATOM   211  C  CG   . PRO A 1 18  ? 2.088   -14.094 -12.608 1.00 17.57 ? 102 PRO A CG   1 
ATOM   212  C  CD   . PRO A 1 18  ? 2.132   -13.033 -11.539 1.00 17.50 ? 102 PRO A CD   1 
ATOM   213  N  N    . GLN A 1 19  ? 1.565   -15.188 -8.754  1.00 18.78 ? 103 GLN A N    1 
ATOM   214  C  CA   . GLN A 1 19  ? 1.934   -15.812 -7.471  1.00 19.08 ? 103 GLN A CA   1 
ATOM   215  C  C    . GLN A 1 19  ? 0.726   -16.232 -6.658  1.00 18.43 ? 103 GLN A C    1 
ATOM   216  O  O    . GLN A 1 19  ? 0.725   -17.228 -5.918  1.00 18.50 ? 103 GLN A O    1 
ATOM   217  C  CB   . GLN A 1 19  ? 2.722   -14.792 -6.615  1.00 20.41 ? 103 GLN A CB   1 
ATOM   218  C  CG   . GLN A 1 19  ? 4.064   -15.222 -6.102  1.00 21.84 ? 103 GLN A CG   1 
ATOM   219  C  CD   . GLN A 1 19  ? 5.084   -14.944 -7.102  1.00 22.85 ? 103 GLN A CD   1 
ATOM   220  O  OE1  . GLN A 1 19  ? 5.406   -15.815 -7.902  1.00 24.34 ? 103 GLN A OE1  1 
ATOM   221  N  NE2  . GLN A 1 19  ? 5.566   -13.713 -7.136  1.00 23.17 ? 103 GLN A NE2  1 
ATOM   222  H  H    . GLN A 1 19  ? 1.998   -14.324 -8.912  0.00 20.00 ? 103 GLN A H    1 
ATOM   223  N  N    . LEU A 1 20  ? -0.260  -15.378 -6.694  1.00 17.48 ? 104 LEU A N    1 
ATOM   224  C  CA   . LEU A 1 20  ? -1.433  -15.626 -5.906  1.00 16.87 ? 104 LEU A CA   1 
ATOM   225  C  C    . LEU A 1 20  ? -2.664  -15.621 -6.803  1.00 16.39 ? 104 LEU A C    1 
ATOM   226  O  O    . LEU A 1 20  ? -2.609  -15.085 -7.908  1.00 15.85 ? 104 LEU A O    1 
ATOM   227  C  CB   . LEU A 1 20  ? -1.550  -14.486 -4.875  1.00 17.21 ? 104 LEU A CB   1 
ATOM   228  C  CG   . LEU A 1 20  ? -0.423  -14.281 -3.847  1.00 17.56 ? 104 LEU A CG   1 
ATOM   229  C  CD1  . LEU A 1 20  ? -0.569  -12.880 -3.159  1.00 17.71 ? 104 LEU A CD1  1 
ATOM   230  C  CD2  . LEU A 1 20  ? -0.546  -15.403 -2.796  1.00 17.31 ? 104 LEU A CD2  1 
ATOM   231  H  H    . LEU A 1 20  ? -0.212  -14.586 -7.231  0.00 20.00 ? 104 LEU A H    1 
ATOM   232  N  N    . SER A 1 21  ? -3.781  -16.166 -6.329  1.00 15.15 ? 105 SER A N    1 
ATOM   233  C  CA   . SER A 1 21  ? -5.003  -16.104 -7.143  1.00 15.31 ? 105 SER A CA   1 
ATOM   234  C  C    . SER A 1 21  ? -5.422  -14.627 -7.219  1.00 14.81 ? 105 SER A C    1 
ATOM   235  O  O    . SER A 1 21  ? -4.926  -13.802 -6.415  1.00 14.33 ? 105 SER A O    1 
ATOM   236  C  CB   . SER A 1 21  ? -6.146  -16.904 -6.481  1.00 15.43 ? 105 SER A CB   1 
ATOM   237  O  OG   . SER A 1 21  ? -6.772  -16.169 -5.424  1.00 16.73 ? 105 SER A OG   1 
ATOM   238  H  H    . SER A 1 21  ? -3.805  -16.465 -5.423  0.00 20.00 ? 105 SER A H    1 
ATOM   239  H  HG   . SER A 1 21  ? -7.189  -15.403 -5.823  0.00 20.00 ? 105 SER A HG   1 
ATOM   240  N  N    . GLU A 1 22  ? -6.428  -14.315 -8.059  1.00 14.32 ? 106 GLU A N    1 
ATOM   241  C  CA   . GLU A 1 22  ? -6.886  -12.928 -8.152  1.00 14.16 ? 106 GLU A CA   1 
ATOM   242  C  C    . GLU A 1 22  ? -7.633  -12.517 -6.917  1.00 13.13 ? 106 GLU A C    1 
ATOM   243  O  O    . GLU A 1 22  ? -7.574  -11.369 -6.495  1.00 13.38 ? 106 GLU A O    1 
ATOM   244  C  CB   . GLU A 1 22  ? -7.743  -12.644 -9.376  1.00 14.95 ? 106 GLU A CB   1 
ATOM   245  C  CG   . GLU A 1 22  ? -6.959  -12.711 -10.639 1.00 16.87 ? 106 GLU A CG   1 
ATOM   246  C  CD   . GLU A 1 22  ? -7.747  -12.291 -11.834 1.00 18.05 ? 106 GLU A CD   1 
ATOM   247  O  OE1  . GLU A 1 22  ? -8.960  -12.049 -11.661 1.00 19.39 ? 106 GLU A OE1  1 
ATOM   248  O  OE2  . GLU A 1 22  ? -7.157  -12.166 -12.942 1.00 18.83 ? 106 GLU A OE2  1 
ATOM   249  H  H    . GLU A 1 22  ? -6.756  -14.942 -8.700  0.00 20.00 ? 106 GLU A H    1 
ATOM   250  N  N    . ALA A 1 23  ? -8.287  -13.497 -6.320  1.00 12.66 ? 107 ALA A N    1 
ATOM   251  C  CA   . ALA A 1 23  ? -9.102  -13.299 -5.123  1.00 12.07 ? 107 ALA A CA   1 
ATOM   252  C  C    . ALA A 1 23  ? -8.222  -12.938 -3.958  1.00 11.09 ? 107 ALA A C    1 
ATOM   253  O  O    . ALA A 1 23  ? -8.458  -11.978 -3.273  1.00 10.64 ? 107 ALA A O    1 
ATOM   254  C  CB   . ALA A 1 23  ? -9.981  -14.559 -4.821  1.00 11.78 ? 107 ALA A CB   1 
ATOM   255  H  H    . ALA A 1 23  ? -8.288  -14.380 -6.716  0.00 20.00 ? 107 ALA A H    1 
ATOM   256  N  N    . GLU A 1 24  ? -7.149  -13.695 -3.806  1.00 11.56 ? 108 GLU A N    1 
ATOM   257  C  CA   . GLU A 1 24  ? -6.171  -13.444 -2.758  1.00 12.06 ? 108 GLU A CA   1 
ATOM   258  C  C    . GLU A 1 24  ? -5.465  -12.065 -2.867  1.00 11.75 ? 108 GLU A C    1 
ATOM   259  O  O    . GLU A 1 24  ? -5.217  -11.405 -1.830  1.00 11.13 ? 108 GLU A O    1 
ATOM   260  C  CB   . GLU A 1 24  ? -5.149  -14.545 -2.768  1.00 13.37 ? 108 GLU A CB   1 
ATOM   261  C  CG   . GLU A 1 24  ? -5.767  -15.910 -2.491  1.00 14.48 ? 108 GLU A CG   1 
ATOM   262  C  CD   . GLU A 1 24  ? -4.721  -17.015 -2.615  1.00 14.71 ? 108 GLU A CD   1 
ATOM   263  O  OE1  . GLU A 1 24  ? -4.018  -17.064 -3.654  1.00 14.30 ? 108 GLU A OE1  1 
ATOM   264  O  OE2  . GLU A 1 24  ? -4.584  -17.829 -1.680  1.00 15.19 ? 108 GLU A OE2  1 
ATOM   265  H  H    . GLU A 1 24  ? -6.966  -14.400 -4.456  0.00 20.00 ? 108 GLU A H    1 
ATOM   266  N  N    . VAL A 1 25  ? -5.122  -11.655 -4.115  1.00 11.32 ? 109 VAL A N    1 
ATOM   267  C  CA   . VAL A 1 25  ? -4.510  -10.352 -4.364  1.00 11.06 ? 109 VAL A CA   1 
ATOM   268  C  C    . VAL A 1 25  ? -5.527  -9.268  -3.979  1.00 11.88 ? 109 VAL A C    1 
ATOM   269  O  O    . VAL A 1 25  ? -5.168  -8.291  -3.291  1.00 12.00 ? 109 VAL A O    1 
ATOM   270  C  CB   . VAL A 1 25  ? -4.083  -10.142 -5.859  1.00 10.75 ? 109 VAL A CB   1 
ATOM   271  C  CG1  . VAL A 1 25  ? -3.681  -8.686  -6.089  1.00 8.80  ? 109 VAL A CG1  1 
ATOM   272  C  CG2  . VAL A 1 25  ? -2.916  -11.097 -6.196  1.00 9.96  ? 109 VAL A CG2  1 
ATOM   273  H  H    . VAL A 1 25  ? -5.281  -12.247 -4.858  0.00 20.00 ? 109 VAL A H    1 
ATOM   274  N  N    . GLU A 1 26  ? -6.793  -9.460  -4.385  1.00 12.02 ? 110 GLU A N    1 
ATOM   275  C  CA   . GLU A 1 26  ? -7.820  -8.497  -4.065  1.00 12.78 ? 110 GLU A CA   1 
ATOM   276  C  C    . GLU A 1 26  ? -8.151  -8.443  -2.562  1.00 11.47 ? 110 GLU A C    1 
ATOM   277  O  O    . GLU A 1 26  ? -8.426  -7.394  -2.039  1.00 11.19 ? 110 GLU A O    1 
ATOM   278  C  CB   . GLU A 1 26  ? -9.039  -8.764  -4.922  1.00 14.67 ? 110 GLU A CB   1 
ATOM   279  C  CG   . GLU A 1 26  ? -8.588  -8.624  -6.357  1.00 18.50 ? 110 GLU A CG   1 
ATOM   280  C  CD   . GLU A 1 26  ? -9.693  -8.405  -7.312  1.00 20.28 ? 110 GLU A CD   1 
ATOM   281  O  OE1  . GLU A 1 26  ? -10.264 -9.407  -7.791  1.00 21.53 ? 110 GLU A OE1  1 
ATOM   282  O  OE2  . GLU A 1 26  ? -9.961  -7.218  -7.598  1.00 22.34 ? 110 GLU A OE2  1 
ATOM   283  H  H    . GLU A 1 26  ? -7.014  -10.200 -4.998  0.00 20.00 ? 110 GLU A H    1 
ATOM   284  N  N    . ARG A 1 27  ? -8.171  -9.582  -1.904  1.00 11.08 ? 111 ARG A N    1 
ATOM   285  C  CA   . ARG A 1 27  ? -8.424  -9.627  -0.451  1.00 10.66 ? 111 ARG A CA   1 
ATOM   286  C  C    . ARG A 1 27  ? -7.221  -8.910  0.264   1.00 10.60 ? 111 ARG A C    1 
ATOM   287  O  O    . ARG A 1 27  ? -7.398  -8.099  1.229   1.00 11.58 ? 111 ARG A O    1 
ATOM   288  C  CB   . ARG A 1 27  ? -8.573  -11.103 0.000   1.00 10.19 ? 111 ARG A CB   1 
ATOM   289  C  CG   . ARG A 1 27  ? -8.684  -11.331 1.559   1.00 10.30 ? 111 ARG A CG   1 
ATOM   290  C  CD   . ARG A 1 27  ? -9.630  -10.371 2.170   1.00 11.07 ? 111 ARG A CD   1 
ATOM   291  N  NE   . ARG A 1 27  ? -10.996 -10.840 1.883   1.00 11.73 ? 111 ARG A NE   1 
ATOM   292  C  CZ   . ARG A 1 27  ? -12.108 -10.176 2.226   1.00 12.75 ? 111 ARG A CZ   1 
ATOM   293  N  NH1  . ARG A 1 27  ? -12.003 -9.008  2.862   1.00 12.61 ? 111 ARG A NH1  1 
ATOM   294  N  NH2  . ARG A 1 27  ? -13.329 -10.720 2.007   1.00 12.57 ? 111 ARG A NH2  1 
ATOM   295  H  H    . ARG A 1 27  ? -7.991  -10.407 -2.374  0.00 20.00 ? 111 ARG A H    1 
ATOM   296  H  HE   . ARG A 1 27  ? -11.087 -11.744 1.476   0.00 20.00 ? 111 ARG A HE   1 
ATOM   297  H  HH11 . ARG A 1 27  ? -11.093 -8.589  3.027   0.00 20.00 ? 111 ARG A HH11 1 
ATOM   298  H  HH12 . ARG A 1 27  ? -12.814 -8.484  3.039   0.00 20.00 ? 111 ARG A HH12 1 
ATOM   299  H  HH21 . ARG A 1 27  ? -13.370 -11.630 1.599   0.00 20.00 ? 111 ARG A HH21 1 
ATOM   300  H  HH22 . ARG A 1 27  ? -14.124 -10.200 2.242   0.00 20.00 ? 111 ARG A HH22 1 
ATOM   301  N  N    . ALA A 1 28  ? -5.995  -9.204  -0.157  1.00 9.87  ? 112 ALA A N    1 
ATOM   302  C  CA   . ALA A 1 28  ? -4.892  -8.499  0.458   1.00 9.45  ? 112 ALA A CA   1 
ATOM   303  C  C    . ALA A 1 28  ? -5.082  -6.997  0.412   1.00 9.14  ? 112 ALA A C    1 
ATOM   304  O  O    . ALA A 1 28  ? -5.094  -6.312  1.456   1.00 9.22  ? 112 ALA A O    1 
ATOM   305  C  CB   . ALA A 1 28  ? -3.555  -8.886  -0.171  1.00 9.34  ? 112 ALA A CB   1 
ATOM   306  H  H    . ALA A 1 28  ? -5.831  -9.841  -0.838  0.00 20.00 ? 112 ALA A H    1 
ATOM   307  N  N    . ILE A 1 29  ? -5.372  -6.500  -0.786  1.00 9.11  ? 113 ILE A N    1 
ATOM   308  C  CA   . ILE A 1 29  ? -5.510  -5.073  -1.003  1.00 8.77  ? 113 ILE A CA   1 
ATOM   309  C  C    . ILE A 1 29  ? -6.654  -4.453  -0.210  1.00 9.01  ? 113 ILE A C    1 
ATOM   310  O  O    . ILE A 1 29  ? -6.504  -3.390  0.397   1.00 8.61  ? 113 ILE A O    1 
ATOM   311  C  CB   . ILE A 1 29  ? -5.671  -4.777  -2.513  1.00 9.02  ? 113 ILE A CB   1 
ATOM   312  C  CG1  . ILE A 1 29  ? -4.472  -5.323  -3.294  1.00 9.58  ? 113 ILE A CG1  1 
ATOM   313  C  CG2  . ILE A 1 29  ? -5.963  -3.314  -2.765  1.00 8.77  ? 113 ILE A CG2  1 
ATOM   314  C  CD1  . ILE A 1 29  ? -3.160  -5.012  -2.744  1.00 10.08 ? 113 ILE A CD1  1 
ATOM   315  H  H    . ILE A 1 29  ? -5.498  -7.109  -1.532  0.00 20.00 ? 113 ILE A H    1 
ATOM   316  N  N    . LYS A 1 30  ? -7.817  -5.119  -0.257  1.00 9.25  ? 114 LYS A N    1 
ATOM   317  C  CA   . LYS A 1 30  ? -9.014  -4.696  0.467   1.00 9.43  ? 114 LYS A CA   1 
ATOM   318  C  C    . LYS A 1 30  ? -8.776  -4.508  1.974   1.00 8.48  ? 114 LYS A C    1 
ATOM   319  O  O    . LYS A 1 30  ? -9.005  -3.410  2.519   1.00 8.29  ? 114 LYS A O    1 
ATOM   320  C  CB   . LYS A 1 30  ? -10.090 -5.750  0.284   1.00 10.40 ? 114 LYS A CB   1 
ATOM   321  C  CG   . LYS A 1 30  ? -11.438 -5.309  0.812   1.00 12.13 ? 114 LYS A CG   1 
ATOM   322  C  CD   . LYS A 1 30  ? -12.370 -6.487  0.650   1.00 14.27 ? 114 LYS A CD   1 
ATOM   323  C  CE   . LYS A 1 30  ? -13.753 -6.018  0.302   1.00 16.61 ? 114 LYS A CE   1 
ATOM   324  N  NZ   . LYS A 1 30  ? -14.516 -5.682  1.522   1.00 18.03 ? 114 LYS A NZ   1 
ATOM   325  H  H    . LYS A 1 30  ? -7.869  -5.976  -0.742  0.00 20.00 ? 114 LYS A H    1 
ATOM   326  H  HZ1  . LYS A 1 30  ? -14.061 -4.945  2.082   0.00 20.00 ? 114 LYS A HZ1  1 
ATOM   327  H  HZ2  . LYS A 1 30  ? -15.477 -5.393  1.257   0.00 20.00 ? 114 LYS A HZ2  1 
ATOM   328  H  HZ3  . LYS A 1 30  ? -14.591 -6.557  2.111   0.00 20.00 ? 114 LYS A HZ3  1 
ATOM   329  N  N    . ASP A 1 31  ? -8.171  -5.538  2.605   1.00 8.37  ? 115 ASP A N    1 
ATOM   330  C  CA   . ASP A 1 31  ? -7.893  -5.558  4.044   1.00 8.40  ? 115 ASP A CA   1 
ATOM   331  C  C    . ASP A 1 31  ? -6.843  -4.521  4.418   1.00 8.56  ? 115 ASP A C    1 
ATOM   332  O  O    . ASP A 1 31  ? -6.963  -3.911  5.464   1.00 8.35  ? 115 ASP A O    1 
ATOM   333  C  CB   . ASP A 1 31  ? -7.474  -6.966  4.497   1.00 8.34  ? 115 ASP A CB   1 
ATOM   334  C  CG   . ASP A 1 31  ? -8.655  -7.944  4.583   1.00 7.88  ? 115 ASP A CG   1 
ATOM   335  O  OD1  . ASP A 1 31  ? -9.742  -7.652  4.087   1.00 8.55  ? 115 ASP A OD1  1 
ATOM   336  O  OD2  . ASP A 1 31  ? -8.536  -9.038  5.154   1.00 7.79  ? 115 ASP A OD2  1 
ATOM   337  H  H    . ASP A 1 31  ? -7.940  -6.343  2.087   0.00 20.00 ? 115 ASP A H    1 
ATOM   338  N  N    . ALA A 1 32  ? -5.925  -4.234  3.503   1.00 8.71  ? 116 ALA A N    1 
ATOM   339  C  CA   . ALA A 1 32  ? -4.889  -3.230  3.770   1.00 8.78  ? 116 ALA A CA   1 
ATOM   340  C  C    . ALA A 1 32  ? -5.526  -1.832  3.837   1.00 9.53  ? 116 ALA A C    1 
ATOM   341  O  O    . ALA A 1 32  ? -5.139  -0.975  4.688   1.00 9.33  ? 116 ALA A O    1 
ATOM   342  C  CB   . ALA A 1 32  ? -3.812  -3.291  2.711   1.00 8.58  ? 116 ALA A CB   1 
ATOM   343  H  H    . ALA A 1 32  ? -5.870  -4.746  2.698   0.00 20.00 ? 116 ALA A H    1 
ATOM   344  N  N    . PHE A 1 33  ? -6.517  -1.598  2.986   1.00 9.91  ? 117 PHE A N    1 
ATOM   345  C  CA   . PHE A 1 33  ? -7.198  -0.303  3.007   1.00 10.20 ? 117 PHE A CA   1 
ATOM   346  C  C    . PHE A 1 33  ? -8.091  -0.179  4.269   1.00 11.84 ? 117 PHE A C    1 
ATOM   347  O  O    . PHE A 1 33  ? -8.192  0.902   4.879   1.00 11.46 ? 117 PHE A O    1 
ATOM   348  C  CB   . PHE A 1 33  ? -8.039  -0.117  1.756   1.00 9.58  ? 117 PHE A CB   1 
ATOM   349  C  CG   . PHE A 1 33  ? -7.294  0.425   0.566   1.00 9.12  ? 117 PHE A CG   1 
ATOM   350  C  CD1  . PHE A 1 33  ? -6.670  1.667   0.631   1.00 8.88  ? 117 PHE A CD1  1 
ATOM   351  C  CD2  . PHE A 1 33  ? -7.291  -0.291  -0.645  1.00 8.63  ? 117 PHE A CD2  1 
ATOM   352  C  CE1  . PHE A 1 33  ? -6.053  2.189   -0.501  1.00 9.32  ? 117 PHE A CE1  1 
ATOM   353  C  CE2  . PHE A 1 33  ? -6.707  0.195   -1.761  1.00 7.99  ? 117 PHE A CE2  1 
ATOM   354  C  CZ   . PHE A 1 33  ? -6.080  1.432   -1.716  1.00 9.41  ? 117 PHE A CZ   1 
ATOM   355  H  H    . PHE A 1 33  ? -6.724  -2.276  2.294   0.00 20.00 ? 117 PHE A H    1 
ATOM   356  N  N    . GLU A 1 34  ? -8.786  -1.283  4.628   1.00 13.41 ? 118 GLU A N    1 
ATOM   357  C  CA   . GLU A 1 34  ? -9.629  -1.316  5.811   1.00 14.98 ? 118 GLU A CA   1 
ATOM   358  C  C    . GLU A 1 34  ? -8.863  -0.832  7.020   1.00 14.96 ? 118 GLU A C    1 
ATOM   359  O  O    . GLU A 1 34  ? -9.416  -0.065  7.799   1.00 15.40 ? 118 GLU A O    1 
ATOM   360  C  CB   . GLU A 1 34  ? -10.151 -2.725  6.066   1.00 17.13 ? 118 GLU A CB   1 
ATOM   361  C  CG   . GLU A 1 34  ? -11.087 -3.244  4.940   1.00 21.22 ? 118 GLU A CG   1 
ATOM   362  C  CD   . GLU A 1 34  ? -12.438 -2.523  4.864   1.00 23.63 ? 118 GLU A CD   1 
ATOM   363  O  OE1  . GLU A 1 34  ? -12.936 -1.978  5.918   1.00 25.39 ? 118 GLU A OE1  1 
ATOM   364  O  OE2  . GLU A 1 34  ? -12.985 -2.519  3.732   1.00 24.74 ? 118 GLU A OE2  1 
ATOM   365  H  H    . GLU A 1 34  ? -8.709  -2.085  4.044   0.00 20.00 ? 118 GLU A H    1 
ATOM   366  N  N    . LEU A 1 35  ? -7.634  -1.338  7.198   1.00 15.05 ? 119 LEU A N    1 
ATOM   367  C  CA   . LEU A 1 35  ? -6.712  -0.936  8.295   1.00 14.89 ? 119 LEU A CA   1 
ATOM   368  C  C    . LEU A 1 35  ? -6.702  0.588   8.498   1.00 14.21 ? 119 LEU A C    1 
ATOM   369  O  O    . LEU A 1 35  ? -6.862  1.090   9.598   1.00 13.89 ? 119 LEU A O    1 
ATOM   370  C  CB   . LEU A 1 35  ? -5.259  -1.316  7.965   1.00 15.36 ? 119 LEU A CB   1 
ATOM   371  C  CG   . LEU A 1 35  ? -4.788  -2.743  8.179   1.00 16.30 ? 119 LEU A CG   1 
ATOM   372  C  CD1  . LEU A 1 35  ? -3.311  -2.705  8.035   1.00 16.70 ? 119 LEU A CD1  1 
ATOM   373  C  CD2  . LEU A 1 35  ? -5.069  -3.201  9.557   1.00 17.07 ? 119 LEU A CD2  1 
ATOM   374  H  H    . LEU A 1 35  ? -7.296  -2.005  6.529   0.00 20.00 ? 119 LEU A H    1 
ATOM   375  N  N    . TRP A 1 36  ? -6.430  1.318   7.434   1.00 13.40 ? 120 TRP A N    1 
ATOM   376  C  CA   . TRP A 1 36  ? -6.387  2.771   7.492   1.00 13.25 ? 120 TRP A CA   1 
ATOM   377  C  C    . TRP A 1 36  ? -7.789  3.411   7.653   1.00 12.54 ? 120 TRP A C    1 
ATOM   378  O  O    . TRP A 1 36  ? -7.945  4.465   8.292   1.00 12.61 ? 120 TRP A O    1 
ATOM   379  C  CB   . TRP A 1 36  ? -5.736  3.291   6.226   1.00 13.28 ? 120 TRP A CB   1 
ATOM   380  C  CG   . TRP A 1 36  ? -4.386  2.830   6.095   1.00 13.45 ? 120 TRP A CG   1 
ATOM   381  C  CD1  . TRP A 1 36  ? -3.907  1.892   5.214   1.00 12.94 ? 120 TRP A CD1  1 
ATOM   382  C  CD2  . TRP A 1 36  ? -3.269  3.315   6.829   1.00 12.95 ? 120 TRP A CD2  1 
ATOM   383  N  NE1  . TRP A 1 36  ? -2.559  1.789   5.340   1.00 12.62 ? 120 TRP A NE1  1 
ATOM   384  C  CE2  . TRP A 1 36  ? -2.133  2.637   6.332   1.00 12.73 ? 120 TRP A CE2  1 
ATOM   385  C  CE3  . TRP A 1 36  ? -3.114  4.239   7.872   1.00 12.78 ? 120 TRP A CE3  1 
ATOM   386  C  CZ2  . TRP A 1 36  ? -0.856  2.863   6.828   1.00 12.67 ? 120 TRP A CZ2  1 
ATOM   387  C  CZ3  . TRP A 1 36  ? -1.805  4.460   8.386   1.00 13.16 ? 120 TRP A CZ3  1 
ATOM   388  C  CH2  . TRP A 1 36  ? -0.704  3.767   7.851   1.00 12.54 ? 120 TRP A CH2  1 
ATOM   389  H  H    . TRP A 1 36  ? -6.336  0.879   6.546   0.00 20.00 ? 120 TRP A H    1 
ATOM   390  H  HE1  . TRP A 1 36  ? -1.968  1.214   4.793   0.00 20.00 ? 120 TRP A HE1  1 
ATOM   391  N  N    . SER A 1 37  ? -8.779  2.766   7.043   1.00 12.01 ? 121 SER A N    1 
ATOM   392  C  CA   . SER A 1 37  ? -10.159 3.190   7.120   1.00 11.25 ? 121 SER A CA   1 
ATOM   393  C  C    . SER A 1 37  ? -10.665 3.220   8.570   1.00 10.27 ? 121 SER A C    1 
ATOM   394  O  O    . SER A 1 37  ? -11.327 4.152   8.929   1.00 10.22 ? 121 SER A O    1 
ATOM   395  C  CB   . SER A 1 37  ? -11.029 2.206   6.369   1.00 11.89 ? 121 SER A CB   1 
ATOM   396  O  OG   . SER A 1 37  ? -12.110 2.919   5.791   1.00 14.54 ? 121 SER A OG   1 
ATOM   397  H  H    . SER A 1 37  ? -8.567  1.991   6.493   0.00 20.00 ? 121 SER A H    1 
ATOM   398  H  HG   . SER A 1 37  ? -11.818 3.801   5.454   0.00 20.00 ? 121 SER A HG   1 
ATOM   399  N  N    . VAL A 1 38  ? -10.381 2.217   9.394   1.00 9.41  ? 122 VAL A N    1 
ATOM   400  C  CA   . VAL A 1 38  ? -10.890 2.226   10.778  1.00 9.42  ? 122 VAL A CA   1 
ATOM   401  C  C    . VAL A 1 38  ? -10.250 3.250   11.742  1.00 9.52  ? 122 VAL A C    1 
ATOM   402  O  O    . VAL A 1 38  ? -10.651 3.363   12.902  1.00 9.76  ? 122 VAL A O    1 
ATOM   403  C  CB   . VAL A 1 38  ? -10.755 0.843   11.432  1.00 9.57  ? 122 VAL A CB   1 
ATOM   404  C  CG1  . VAL A 1 38  ? -11.547 -0.180  10.668  1.00 9.56  ? 122 VAL A CG1  1 
ATOM   405  C  CG2  . VAL A 1 38  ? -9.308  0.444   11.553  1.00 9.03  ? 122 VAL A CG2  1 
ATOM   406  H  H    . VAL A 1 38  ? -9.901  1.472   9.034   0.00 20.00 ? 122 VAL A H    1 
ATOM   407  N  N    . ALA A 1 39  ? -9.185  3.912   11.313  1.00 9.44  ? 123 ALA A N    1 
ATOM   408  C  CA   . ALA A 1 39  ? -8.499  4.891   12.167  1.00 9.03  ? 123 ALA A CA   1 
ATOM   409  C  C    . ALA A 1 39  ? -8.637  6.293   11.611  1.00 8.86  ? 123 ALA A C    1 
ATOM   410  O  O    . ALA A 1 39  ? -8.031  7.249   12.178  1.00 8.61  ? 123 ALA A O    1 
ATOM   411  C  CB   . ALA A 1 39  ? -7.042  4.539   12.244  1.00 8.79  ? 123 ALA A CB   1 
ATOM   412  H  H    . ALA A 1 39  ? -8.808  3.690   10.415  0.00 20.00 ? 123 ALA A H    1 
ATOM   413  N  N    . SER A 1 40  ? -9.475  6.449   10.557  1.00 8.22  ? 124 SER A N    1 
ATOM   414  C  CA   . SER A 1 40  ? -9.621  7.754   9.892   1.00 7.60  ? 124 SER A CA   1 
ATOM   415  C  C    . SER A 1 40  ? -11.006 8.015   9.327   1.00 7.89  ? 124 SER A C    1 
ATOM   416  O  O    . SER A 1 40  ? -11.899 7.229   9.507   1.00 8.15  ? 124 SER A O    1 
ATOM   417  C  CB   . SER A 1 40  ? -8.634  7.849   8.724   1.00 7.41  ? 124 SER A CB   1 
ATOM   418  O  OG   . SER A 1 40  ? -8.966  6.922   7.683   1.00 6.56  ? 124 SER A OG   1 
ATOM   419  H  H    . SER A 1 40  ? -9.988  5.683   10.207  0.00 20.00 ? 124 SER A H    1 
ATOM   420  H  HG   . SER A 1 40  ? -9.723  7.147   7.281   0.00 20.00 ? 124 SER A HG   1 
ATOM   421  N  N    . PRO A 1 41  ? -11.221 9.183   8.718   1.00 9.02  ? 125 PRO A N    1 
ATOM   422  C  CA   . PRO A 1 41  ? -12.592 9.356   8.163   1.00 9.42  ? 125 PRO A CA   1 
ATOM   423  C  C    . PRO A 1 41  ? -12.612 8.860   6.664   1.00 9.91  ? 125 PRO A C    1 
ATOM   424  O  O    . PRO A 1 41  ? -13.597 9.045   5.928   1.00 10.46 ? 125 PRO A O    1 
ATOM   425  C  CB   . PRO A 1 41  ? -12.826 10.869  8.295   1.00 8.76  ? 125 PRO A CB   1 
ATOM   426  C  CG   . PRO A 1 41  ? -11.389 11.429  8.078   1.00 9.43  ? 125 PRO A CG   1 
ATOM   427  C  CD   . PRO A 1 41  ? -10.489 10.454  8.842   1.00 8.46  ? 125 PRO A CD   1 
ATOM   428  N  N    . LEU A 1 42  ? -11.540 8.196   6.215   1.00 10.25 ? 126 LEU A N    1 
ATOM   429  C  CA   . LEU A 1 42  ? -11.478 7.749   4.814   1.00 10.48 ? 126 LEU A CA   1 
ATOM   430  C  C    . LEU A 1 42  ? -12.306 6.524   4.475   1.00 10.23 ? 126 LEU A C    1 
ATOM   431  O  O    . LEU A 1 42  ? -12.302 5.533   5.209   1.00 10.63 ? 126 LEU A O    1 
ATOM   432  C  CB   . LEU A 1 42  ? -10.024 7.511   4.418   1.00 10.38 ? 126 LEU A CB   1 
ATOM   433  C  CG   . LEU A 1 42  ? -9.119  8.724   4.659   1.00 10.94 ? 126 LEU A CG   1 
ATOM   434  C  CD1  . LEU A 1 42  ? -7.635  8.321   4.675   1.00 10.65 ? 126 LEU A CD1  1 
ATOM   435  C  CD2  . LEU A 1 42  ? -9.468  9.781   3.567   1.00 12.29 ? 126 LEU A CD2  1 
ATOM   436  H  H    . LEU A 1 42  ? -10.812 7.957   6.786   0.00 20.00 ? 126 LEU A H    1 
ATOM   437  N  N    . ILE A 1 43  ? -12.913 6.540   3.302   1.00 9.97  ? 127 ILE A N    1 
ATOM   438  C  CA   . ILE A 1 43  ? -13.733 5.412   2.796   1.00 9.67  ? 127 ILE A CA   1 
ATOM   439  C  C    . ILE A 1 43  ? -13.168 5.062   1.408   1.00 9.63  ? 127 ILE A C    1 
ATOM   440  O  O    . ILE A 1 43  ? -12.935 5.936   0.588   1.00 9.82  ? 127 ILE A O    1 
ATOM   441  C  CB   . ILE A 1 43  ? -15.266 5.752   2.691   1.00 10.19 ? 127 ILE A CB   1 
ATOM   442  C  CG1  . ILE A 1 43  ? -15.807 6.095   4.083   1.00 10.37 ? 127 ILE A CG1  1 
ATOM   443  C  CG2  . ILE A 1 43  ? -16.078 4.511   2.178   1.00 9.49  ? 127 ILE A CG2  1 
ATOM   444  C  CD1  . ILE A 1 43  ? -17.125 6.816   4.081   1.00 10.55 ? 127 ILE A CD1  1 
ATOM   445  H  H    . ILE A 1 43  ? -12.802 7.317   2.740   0.00 20.00 ? 127 ILE A H    1 
ATOM   446  N  N    . PHE A 1 44  ? -12.858 3.804   1.185   1.00 9.91  ? 128 PHE A N    1 
ATOM   447  C  CA   . PHE A 1 44  ? -12.276 3.349   -0.088  1.00 10.26 ? 128 PHE A CA   1 
ATOM   448  C  C    . PHE A 1 44  ? -13.227 2.491   -0.917  1.00 10.40 ? 128 PHE A C    1 
ATOM   449  O  O    . PHE A 1 44  ? -13.882 1.578   -0.402  1.00 10.44 ? 128 PHE A O    1 
ATOM   450  C  CB   . PHE A 1 44  ? -10.978 2.600   0.214   1.00 9.05  ? 128 PHE A CB   1 
ATOM   451  C  CG   . PHE A 1 44  ? -10.012 3.427   0.972   1.00 9.16  ? 128 PHE A CG   1 
ATOM   452  C  CD1  . PHE A 1 44  ? -9.157  4.318   0.294   1.00 8.99  ? 128 PHE A CD1  1 
ATOM   453  C  CD2  . PHE A 1 44  ? -9.896  3.291   2.367   1.00 9.47  ? 128 PHE A CD2  1 
ATOM   454  C  CE1  . PHE A 1 44  ? -8.149  5.078   0.999   1.00 9.25  ? 128 PHE A CE1  1 
ATOM   455  C  CE2  . PHE A 1 44  ? -8.887  4.049   3.080   1.00 9.34  ? 128 PHE A CE2  1 
ATOM   456  C  CZ   . PHE A 1 44  ? -8.027  4.925   2.405   1.00 9.28  ? 128 PHE A CZ   1 
ATOM   457  H  H    . PHE A 1 44  ? -13.019 3.128   1.913   0.00 20.00 ? 128 PHE A H    1 
ATOM   458  N  N    . THR A 1 45  ? -13.289 2.794   -2.209  1.00 10.86 ? 129 THR A N    1 
ATOM   459  C  CA   . THR A 1 45  ? -14.181 2.057   -3.094  1.00 11.72 ? 129 THR A CA   1 
ATOM   460  C  C    . THR A 1 45  ? -13.427 1.493   -4.291  1.00 12.11 ? 129 THR A C    1 
ATOM   461  O  O    . THR A 1 45  ? -12.762 2.250   -4.983  1.00 11.47 ? 129 THR A O    1 
ATOM   462  C  CB   . THR A 1 45  ? -15.284 3.009   -3.610  1.00 11.85 ? 129 THR A CB   1 
ATOM   463  O  OG1  . THR A 1 45  ? -15.923 3.650   -2.491  1.00 12.43 ? 129 THR A OG1  1 
ATOM   464  C  CG2  . THR A 1 45  ? -16.282 2.227   -4.380  1.00 12.65 ? 129 THR A CG2  1 
ATOM   465  H  H    . THR A 1 45  ? -12.767 3.545   -2.523  0.00 20.00 ? 129 THR A H    1 
ATOM   466  H  HG1  . THR A 1 45  ? -16.273 2.997   -1.886  0.00 20.00 ? 129 THR A HG1  1 
ATOM   467  N  N    . ARG A 1 46  ? -13.538 0.195   -4.535  1.00 12.99 ? 130 ARG A N    1 
ATOM   468  C  CA   . ARG A 1 46  ? -12.860 -0.417  -5.656  1.00 14.51 ? 130 ARG A CA   1 
ATOM   469  C  C    . ARG A 1 46  ? -13.589 -0.221  -6.974  1.00 15.20 ? 130 ARG A C    1 
ATOM   470  O  O    . ARG A 1 46  ? -14.828 -0.277  -7.006  1.00 15.60 ? 130 ARG A O    1 
ATOM   471  C  CB   . ARG A 1 46  ? -12.689 -1.921  -5.404  1.00 15.29 ? 130 ARG A CB   1 
ATOM   472  C  CG   . ARG A 1 46  ? -12.064 -2.713  -6.563  1.00 17.34 ? 130 ARG A CG   1 
ATOM   473  C  CD   . ARG A 1 46  ? -12.080 -4.206  -6.266  1.00 18.47 ? 130 ARG A CD   1 
ATOM   474  N  NE   . ARG A 1 46  ? -11.629 -5.033  -7.385  1.00 20.52 ? 130 ARG A NE   1 
ATOM   475  C  CZ   . ARG A 1 46  ? -12.338 -5.281  -8.495  1.00 21.61 ? 130 ARG A CZ   1 
ATOM   476  N  NH1  . ARG A 1 46  ? -13.557 -4.753  -8.645  1.00 22.63 ? 130 ARG A NH1  1 
ATOM   477  N  NH2  . ARG A 1 46  ? -11.851 -6.102  -9.436  1.00 22.27 ? 130 ARG A NH2  1 
ATOM   478  H  H    . ARG A 1 46  ? -14.031 -0.410  -3.916  0.00 20.00 ? 130 ARG A H    1 
ATOM   479  H  HE   . ARG A 1 46  ? -10.807 -5.499  -7.311  0.00 20.00 ? 130 ARG A HE   1 
ATOM   480  H  HH11 . ARG A 1 46  ? -13.942 -4.149  -7.947  0.00 20.00 ? 130 ARG A HH11 1 
ATOM   481  H  HH12 . ARG A 1 46  ? -14.069 -4.882  -9.506  0.00 20.00 ? 130 ARG A HH12 1 
ATOM   482  H  HH21 . ARG A 1 46  ? -10.960 -6.513  -9.311  0.00 20.00 ? 130 ARG A HH21 1 
ATOM   483  H  HH22 . ARG A 1 46  ? -12.391 -6.263  -10.262 0.00 20.00 ? 130 ARG A HH22 1 
ATOM   484  N  N    . ILE A 1 47  ? -12.858 0.173   -8.026  1.00 15.28 ? 131 ILE A N    1 
ATOM   485  C  CA   . ILE A 1 47  ? -13.470 0.236   -9.348  1.00 15.67 ? 131 ILE A CA   1 
ATOM   486  C  C    . ILE A 1 47  ? -12.748 -0.786  -10.248 1.00 16.35 ? 131 ILE A C    1 
ATOM   487  O  O    . ILE A 1 47  ? -11.581 -1.043  -10.065 1.00 15.39 ? 131 ILE A O    1 
ATOM   488  C  CB   . ILE A 1 47  ? -13.552 1.647   -9.949  1.00 15.94 ? 131 ILE A CB   1 
ATOM   489  C  CG1  . ILE A 1 47  ? -12.194 2.174   -10.345 1.00 15.51 ? 131 ILE A CG1  1 
ATOM   490  C  CG2  . ILE A 1 47  ? -14.294 2.596   -8.982  1.00 15.60 ? 131 ILE A CG2  1 
ATOM   491  C  CD1  . ILE A 1 47  ? -12.190 3.649   -10.735 1.00 16.02 ? 131 ILE A CD1  1 
ATOM   492  H  H    . ILE A 1 47  ? -11.905 0.358   -7.911  0.00 20.00 ? 131 ILE A H    1 
ATOM   493  N  N    . SER A 1 48  ? -13.467 -1.457  -11.148 1.00 17.07 ? 132 SER A N    1 
ATOM   494  C  CA   . SER A 1 48  ? -12.848 -2.480  -11.994 1.00 17.88 ? 132 SER A CA   1 
ATOM   495  C  C    . SER A 1 48  ? -12.142 -1.945  -13.211 1.00 18.74 ? 132 SER A C    1 
ATOM   496  O  O    . SER A 1 48  ? -11.305 -2.627  -13.757 1.00 19.46 ? 132 SER A O    1 
ATOM   497  C  CB   . SER A 1 48  ? -13.871 -3.531  -12.444 1.00 17.81 ? 132 SER A CB   1 
ATOM   498  O  OG   . SER A 1 48  ? -14.646 -4.026  -11.369 1.00 17.69 ? 132 SER A OG   1 
ATOM   499  H  H    . SER A 1 48  ? -14.425 -1.285  -11.211 0.00 20.00 ? 132 SER A H    1 
ATOM   500  H  HG   . SER A 1 48  ? -15.254 -4.710  -11.684 0.00 20.00 ? 132 SER A HG   1 
ATOM   501  N  N    . GLN A 1 49  ? -12.482 -0.735  -13.632 1.00 19.64 ? 133 GLN A N    1 
ATOM   502  C  CA   . GLN A 1 49  ? -11.884 -0.104  -14.794 1.00 20.93 ? 133 GLN A CA   1 
ATOM   503  C  C    . GLN A 1 49  ? -12.167 1.377   -14.684 1.00 21.06 ? 133 GLN A C    1 
ATOM   504  O  O    . GLN A 1 49  ? -12.984 1.769   -13.900 1.00 21.22 ? 133 GLN A O    1 
ATOM   505  C  CB   . GLN A 1 49  ? -12.496 -0.647  -16.073 1.00 21.92 ? 133 GLN A CB   1 
ATOM   506  C  CG   . GLN A 1 49  ? -11.519 -1.398  -17.010 1.00 24.43 ? 133 GLN A CG   1 
ATOM   507  C  CD   . GLN A 1 49  ? -11.737 -2.911  -17.015 1.00 25.73 ? 133 GLN A CD   1 
ATOM   508  O  OE1  . GLN A 1 49  ? -12.719 -3.378  -17.549 1.00 27.32 ? 133 GLN A OE1  1 
ATOM   509  N  NE2  . GLN A 1 49  ? -10.827 -3.679  -16.427 1.00 26.40 ? 133 GLN A NE2  1 
ATOM   510  H  H    . GLN A 1 49  ? -13.133 -0.207  -13.117 0.00 20.00 ? 133 GLN A H    1 
ATOM   511  N  N    . GLY A 1 50  ? -11.446 2.223   -15.399 1.00 21.50 ? 134 GLY A N    1 
ATOM   512  C  CA   . GLY A 1 50  ? -11.707 3.653   -15.266 1.00 22.15 ? 134 GLY A CA   1 
ATOM   513  C  C    . GLY A 1 50  ? -10.589 4.377   -14.524 1.00 22.51 ? 134 GLY A C    1 
ATOM   514  O  O    . GLY A 1 50  ? -9.541  3.766   -14.208 1.00 22.30 ? 134 GLY A O    1 
ATOM   515  H  H    . GLY A 1 50  ? -10.707 1.916   -15.955 0.00 20.00 ? 134 GLY A H    1 
ATOM   516  N  N    . GLU A 1 51  ? -10.760 5.682   -14.346 1.00 22.56 ? 135 GLU A N    1 
ATOM   517  C  CA   . GLU A 1 51  ? -9.775  6.480   -13.629 1.00 23.16 ? 135 GLU A CA   1 
ATOM   518  C  C    . GLU A 1 51  ? -10.092 6.394   -12.155 1.00 21.81 ? 135 GLU A C    1 
ATOM   519  O  O    . GLU A 1 51  ? -11.201 6.689   -11.739 1.00 22.56 ? 135 GLU A O    1 
ATOM   520  C  CB   . GLU A 1 51  ? -9.808  7.936   -14.075 1.00 25.39 ? 135 GLU A CB   1 
ATOM   521  C  CG   . GLU A 1 51  ? -9.151  8.129   -15.431 1.00 28.94 ? 135 GLU A CG   1 
ATOM   522  C  CD   . GLU A 1 51  ? -7.790  7.381   -15.537 1.00 30.85 ? 135 GLU A CD   1 
ATOM   523  O  OE1  . GLU A 1 51  ? -6.766  7.841   -14.952 1.00 31.62 ? 135 GLU A OE1  1 
ATOM   524  O  OE2  . GLU A 1 51  ? -7.757  6.309   -16.200 1.00 32.25 ? 135 GLU A OE2  1 
ATOM   525  H  H    . GLU A 1 51  ? -11.583 6.123   -14.687 0.00 20.00 ? 135 GLU A H    1 
ATOM   526  N  N    . ALA A 1 52  ? -9.146  5.901   -11.371 1.00 19.70 ? 136 ALA A N    1 
ATOM   527  C  CA   . ALA A 1 52  ? -9.328  5.761   -9.935  1.00 17.34 ? 136 ALA A CA   1 
ATOM   528  C  C    . ALA A 1 52  ? -8.314  6.706   -9.329  1.00 16.03 ? 136 ALA A C    1 
ATOM   529  O  O    . ALA A 1 52  ? -7.363  7.098   -10.043 1.00 15.88 ? 136 ALA A O    1 
ATOM   530  C  CB   . ALA A 1 52  ? -9.039  4.340   -9.536  1.00 17.11 ? 136 ALA A CB   1 
ATOM   531  H  H    . ALA A 1 52  ? -8.283  5.684   -11.761 0.00 20.00 ? 136 ALA A H    1 
ATOM   532  N  N    . ASP A 1 53  ? -8.524  7.150   -8.081  1.00 13.59 ? 137 ASP A N    1 
ATOM   533  C  CA   . ASP A 1 53  ? -7.560  8.030   -7.456  1.00 11.74 ? 137 ASP A CA   1 
ATOM   534  C  C    . ASP A 1 53  ? -6.179  7.297   -7.317  1.00 11.15 ? 137 ASP A C    1 
ATOM   535  O  O    . ASP A 1 53  ? -5.103  7.815   -7.672  1.00 10.77 ? 137 ASP A O    1 
ATOM   536  C  CB   . ASP A 1 53  ? -8.076  8.455   -6.060  1.00 11.26 ? 137 ASP A CB   1 
ATOM   537  C  CG   . ASP A 1 53  ? -9.293  9.354   -6.147  1.00 11.62 ? 137 ASP A CG   1 
ATOM   538  O  OD1  . ASP A 1 53  ? -9.257  10.279  -6.948  1.00 10.78 ? 137 ASP A OD1  1 
ATOM   539  O  OD2  . ASP A 1 53  ? -10.310 9.118   -5.465  1.00 11.24 ? 137 ASP A OD2  1 
ATOM   540  H  H    . ASP A 1 53  ? -9.359  6.882   -7.652  0.00 20.00 ? 137 ASP A H    1 
ATOM   541  N  N    . ILE A 1 54  ? -6.250  6.101   -6.771  1.00 9.84  ? 138 ILE A N    1 
ATOM   542  C  CA   . ILE A 1 54  ? -5.083  5.284   -6.506  1.00 9.18  ? 138 ILE A CA   1 
ATOM   543  C  C    . ILE A 1 54  ? -5.003  4.042   -7.379  1.00 8.47  ? 138 ILE A C    1 
ATOM   544  O  O    . ILE A 1 54  ? -5.778  3.088   -7.243  1.00 8.81  ? 138 ILE A O    1 
ATOM   545  C  CB   . ILE A 1 54  ? -5.123  4.848   -5.041  1.00 9.23  ? 138 ILE A CB   1 
ATOM   546  C  CG1  . ILE A 1 54  ? -5.168  6.082   -4.125  1.00 9.15  ? 138 ILE A CG1  1 
ATOM   547  C  CG2  . ILE A 1 54  ? -3.956  3.938   -4.734  1.00 8.87  ? 138 ILE A CG2  1 
ATOM   548  C  CD1  . ILE A 1 54  ? -5.503  5.743   -2.685  1.00 9.91  ? 138 ILE A CD1  1 
ATOM   549  H  H    . ILE A 1 54  ? -7.174  5.766   -6.552  0.00 20.00 ? 138 ILE A H    1 
ATOM   550  N  N    . ASN A 1 55  ? -4.167  4.106   -8.362  1.00 7.98  ? 139 ASN A N    1 
ATOM   551  C  CA   . ASN A 1 55  ? -3.932  2.946   -9.181  1.00 8.03  ? 139 ASN A CA   1 
ATOM   552  C  C    . ASN A 1 55  ? -2.895  1.985   -8.491  1.00 8.21  ? 139 ASN A C    1 
ATOM   553  O  O    . ASN A 1 55  ? -1.824  2.434   -7.919  1.00 7.73  ? 139 ASN A O    1 
ATOM   554  C  CB   . ASN A 1 55  ? -3.330  3.381   -10.481 1.00 8.70  ? 139 ASN A CB   1 
ATOM   555  C  CG   . ASN A 1 55  ? -4.327  3.940   -11.379 1.00 10.44 ? 139 ASN A CG   1 
ATOM   556  O  OD1  . ASN A 1 55  ? -5.090  3.208   -12.011 1.00 11.23 ? 139 ASN A OD1  1 
ATOM   557  N  ND2  . ASN A 1 55  ? -4.384  5.255   -11.437 1.00 10.90 ? 139 ASN A ND2  1 
ATOM   558  H  H    . ASN A 1 55  ? -3.516  4.816   -8.346  0.00 20.00 ? 139 ASN A H    1 
ATOM   559  H  HD21 . ASN A 1 55  ? -5.062  5.599   -12.050 0.00 20.00 ? 139 ASN A HD21 1 
ATOM   560  H  HD22 . ASN A 1 55  ? -3.755  5.776   -10.935 0.00 20.00 ? 139 ASN A HD22 1 
ATOM   561  N  N    . ILE A 1 56  ? -3.161  0.702   -8.636  1.00 7.22  ? 140 ILE A N    1 
ATOM   562  C  CA   . ILE A 1 56  ? -2.270  -0.333  -8.085  1.00 8.38  ? 140 ILE A CA   1 
ATOM   563  C  C    . ILE A 1 56  ? -1.813  -1.240  -9.211  1.00 7.94  ? 140 ILE A C    1 
ATOM   564  O  O    . ILE A 1 56  ? -2.626  -1.801  -9.945  1.00 6.97  ? 140 ILE A O    1 
ATOM   565  C  CB   . ILE A 1 56  ? -2.940  -1.230  -6.926  1.00 8.38  ? 140 ILE A CB   1 
ATOM   566  C  CG1  . ILE A 1 56  ? -3.373  -0.333  -5.748  1.00 9.90  ? 140 ILE A CG1  1 
ATOM   567  C  CG2  . ILE A 1 56  ? -2.035  -2.426  -6.495  1.00 8.11  ? 140 ILE A CG2  1 
ATOM   568  C  CD1  . ILE A 1 56  ? -4.848  -0.554  -5.359  1.00 11.36 ? 140 ILE A CD1  1 
ATOM   569  H  H    . ILE A 1 56  ? -3.985  0.407   -8.995  0.00 20.00 ? 140 ILE A H    1 
ATOM   570  N  N    . ALA A 1 57  ? -0.492  -1.433  -9.283  1.00 8.52  ? 141 ALA A N    1 
ATOM   571  C  CA   . ALA A 1 57  ? 0.059   -2.280  -10.317 1.00 8.89  ? 141 ALA A CA   1 
ATOM   572  C  C    . ALA A 1 57  ? 1.348   -2.970  -9.900  1.00 9.17  ? 141 ALA A C    1 
ATOM   573  O  O    . ALA A 1 57  ? 2.076   -2.446  -9.040  1.00 9.07  ? 141 ALA A O    1 
ATOM   574  C  CB   . ALA A 1 57  ? 0.307   -1.452  -11.565 1.00 8.44  ? 141 ALA A CB   1 
ATOM   575  H  H    . ALA A 1 57  ? 0.088   -0.954  -8.614  0.00 20.00 ? 141 ALA A H    1 
ATOM   576  N  N    . PHE A 1 58  ? 1.576   -4.140  -10.500 1.00 8.58  ? 142 PHE A N    1 
ATOM   577  C  CA   . PHE A 1 58  ? 2.773   -4.945  -10.330 1.00 8.74  ? 142 PHE A CA   1 
ATOM   578  C  C    . PHE A 1 58  ? 3.627   -4.664  -11.572 1.00 9.30  ? 142 PHE A C    1 
ATOM   579  O  O    . PHE A 1 58  ? 3.183   -4.975  -12.685 1.00 8.40  ? 142 PHE A O    1 
ATOM   580  C  CB   . PHE A 1 58  ? 2.404   -6.437  -10.216 1.00 8.59  ? 142 PHE A CB   1 
ATOM   581  C  CG   . PHE A 1 58  ? 1.659   -6.767  -8.927  1.00 9.25  ? 142 PHE A CG   1 
ATOM   582  C  CD1  . PHE A 1 58  ? 0.286   -6.581  -8.849  1.00 9.20  ? 142 PHE A CD1  1 
ATOM   583  C  CD2  . PHE A 1 58  ? 2.334   -7.252  -7.798  1.00 9.15  ? 142 PHE A CD2  1 
ATOM   584  C  CE1  . PHE A 1 58  ? -0.404  -6.887  -7.676  1.00 8.88  ? 142 PHE A CE1  1 
ATOM   585  C  CE2  . PHE A 1 58  ? 1.658   -7.548  -6.651  1.00 8.63  ? 142 PHE A CE2  1 
ATOM   586  C  CZ   . PHE A 1 58  ? 0.271   -7.359  -6.603  1.00 9.15  ? 142 PHE A CZ   1 
ATOM   587  H  H    . PHE A 1 58  ? 0.879   -4.494  -11.049 0.00 20.00 ? 142 PHE A H    1 
ATOM   588  N  N    . TYR A 1 59  ? 4.800   -4.018  -11.364 1.00 9.34  ? 143 TYR A N    1 
ATOM   589  C  CA   . TYR A 1 59  ? 5.729   -3.705  -12.460 1.00 10.90 ? 143 TYR A CA   1 
ATOM   590  C  C    . TYR A 1 59  ? 7.147   -4.243  -12.263 1.00 12.32 ? 143 TYR A C    1 
ATOM   591  O  O    . TYR A 1 59  ? 7.652   -4.475  -11.129 1.00 12.57 ? 143 TYR A O    1 
ATOM   592  C  CB   . TYR A 1 59  ? 5.829   -2.201  -12.726 1.00 9.64  ? 143 TYR A CB   1 
ATOM   593  C  CG   . TYR A 1 59  ? 4.559   -1.537  -13.219 1.00 9.38  ? 143 TYR A CG   1 
ATOM   594  C  CD1  . TYR A 1 59  ? 3.852   -2.051  -14.304 1.00 9.20  ? 143 TYR A CD1  1 
ATOM   595  C  CD2  . TYR A 1 59  ? 4.062   -0.394  -12.576 1.00 8.68  ? 143 TYR A CD2  1 
ATOM   596  C  CE1  . TYR A 1 59  ? 2.677   -1.431  -14.723 1.00 8.72  ? 143 TYR A CE1  1 
ATOM   597  C  CE2  . TYR A 1 59  ? 2.900   0.241   -12.979 1.00 8.91  ? 143 TYR A CE2  1 
ATOM   598  C  CZ   . TYR A 1 59  ? 2.196   -0.275  -14.052 1.00 9.18  ? 143 TYR A CZ   1 
ATOM   599  O  OH   . TYR A 1 59  ? 1.002   0.349   -14.418 1.00 9.59  ? 143 TYR A OH   1 
ATOM   600  H  H    . TYR A 1 59  ? 5.030   -3.804  -10.415 0.00 20.00 ? 143 TYR A H    1 
ATOM   601  H  HH   . TYR A 1 59  ? 0.843   1.017   -13.772 0.00 20.00 ? 143 TYR A HH   1 
ATOM   602  N  N    . GLN A 1 60  ? 7.820   -4.387  -13.390 1.00 13.69 ? 144 GLN A N    1 
ATOM   603  C  CA   . GLN A 1 60  ? 9.193   -4.882  -13.447 1.00 14.84 ? 144 GLN A CA   1 
ATOM   604  C  C    . GLN A 1 60  ? 10.207  -3.773  -13.830 1.00 14.21 ? 144 GLN A C    1 
ATOM   605  O  O    . GLN A 1 60  ? 9.894   -2.956  -14.685 1.00 13.63 ? 144 GLN A O    1 
ATOM   606  C  CB   . GLN A 1 60  ? 9.249   -5.949  -14.509 1.00 17.14 ? 144 GLN A CB   1 
ATOM   607  C  CG   . GLN A 1 60  ? 8.786   -7.283  -14.053 1.00 21.24 ? 144 GLN A CG   1 
ATOM   608  C  CD   . GLN A 1 60  ? 9.651   -8.416  -14.627 1.00 23.66 ? 144 GLN A CD   1 
ATOM   609  O  OE1  . GLN A 1 60  ? 10.823  -8.211  -15.108 1.00 25.80 ? 144 GLN A OE1  1 
ATOM   610  N  NE2  . GLN A 1 60  ? 9.148   -9.651  -14.464 1.00 24.58 ? 144 GLN A NE2  1 
ATOM   611  H  H    . GLN A 1 60  ? 7.406   -4.103  -14.171 0.00 20.00 ? 144 GLN A H    1 
ATOM   612  N  N    . ARG A 1 61  ? 11.364  -3.733  -13.160 1.00 13.46 ? 145 ARG A N    1 
ATOM   613  C  CA   . ARG A 1 61  ? 12.453  -2.761  -13.429 1.00 13.13 ? 145 ARG A CA   1 
ATOM   614  C  C    . ARG A 1 61  ? 12.003  -1.381  -13.903 1.00 12.68 ? 145 ARG A C    1 
ATOM   615  O  O    . ARG A 1 61  ? 11.337  -0.674  -13.155 1.00 12.76 ? 145 ARG A O    1 
ATOM   616  C  CB   . ARG A 1 61  ? 13.408  -3.381  -14.435 1.00 13.97 ? 145 ARG A CB   1 
ATOM   617  C  CG   . ARG A 1 61  ? 13.803  -4.798  -14.102 1.00 14.63 ? 145 ARG A CG   1 
ATOM   618  C  CD   . ARG A 1 61  ? 14.924  -4.825  -13.060 1.00 15.73 ? 145 ARG A CD   1 
ATOM   619  N  NE   . ARG A 1 61  ? 15.225  -6.205  -12.708 1.00 16.92 ? 145 ARG A NE   1 
ATOM   620  C  CZ   . ARG A 1 61  ? 16.431  -6.642  -12.419 1.00 17.60 ? 145 ARG A CZ   1 
ATOM   621  N  NH1  . ARG A 1 61  ? 17.445  -5.775  -12.440 1.00 18.59 ? 145 ARG A NH1  1 
ATOM   622  N  NH2  . ARG A 1 61  ? 16.628  -7.914  -12.096 1.00 17.96 ? 145 ARG A NH2  1 
ATOM   623  H  H    . ARG A 1 61  ? 11.468  -4.367  -12.439 0.00 20.00 ? 145 ARG A H    1 
ATOM   624  H  HE   . ARG A 1 61  ? 14.502  -6.829  -12.616 0.00 20.00 ? 145 ARG A HE   1 
ATOM   625  H  HH11 . ARG A 1 61  ? 17.282  -4.809  -12.633 0.00 20.00 ? 145 ARG A HH11 1 
ATOM   626  H  HH12 . ARG A 1 61  ? 18.367  -6.075  -12.178 0.00 20.00 ? 145 ARG A HH12 1 
ATOM   627  H  HH21 . ARG A 1 61  ? 15.897  -8.568  -12.031 0.00 20.00 ? 145 ARG A HH21 1 
ATOM   628  H  HH22 . ARG A 1 61  ? 17.576  -8.206  -11.836 0.00 20.00 ? 145 ARG A HH22 1 
ATOM   629  N  N    . ASP A 1 62  ? 12.380  -0.960  -15.111 1.00 12.41 ? 146 ASP A N    1 
ATOM   630  C  CA   . ASP A 1 62  ? 11.922  0.346   -15.594 1.00 12.74 ? 146 ASP A CA   1 
ATOM   631  C  C    . ASP A 1 62  ? 10.404  0.230   -15.974 1.00 12.22 ? 146 ASP A C    1 
ATOM   632  O  O    . ASP A 1 62  ? 9.997   -0.600  -16.806 1.00 11.78 ? 146 ASP A O    1 
ATOM   633  C  CB   . ASP A 1 62  ? 12.675  0.802   -16.825 1.00 13.62 ? 146 ASP A CB   1 
ATOM   634  C  CG   . ASP A 1 62  ? 14.088  1.090   -16.563 1.00 15.33 ? 146 ASP A CG   1 
ATOM   635  O  OD1  . ASP A 1 62  ? 14.438  1.995   -15.757 1.00 15.87 ? 146 ASP A OD1  1 
ATOM   636  O  OD2  . ASP A 1 62  ? 14.827  0.398   -17.263 1.00 16.56 ? 146 ASP A OD2  1 
ATOM   637  H  H    . ASP A 1 62  ? 12.939  -1.486  -15.673 0.00 20.00 ? 146 ASP A H    1 
ATOM   638  N  N    . HIS A 1 63  ? 9.603   1.157   -15.487 1.00 12.24 ? 147 HIS A N    1 
ATOM   639  C  CA   . HIS A 1 63  ? 8.175   1.062   -15.738 1.00 12.58 ? 147 HIS A CA   1 
ATOM   640  C  C    . HIS A 1 63  ? 7.557   2.417   -15.898 1.00 13.45 ? 147 HIS A C    1 
ATOM   641  O  O    . HIS A 1 63  ? 6.471   2.700   -15.371 1.00 14.81 ? 147 HIS A O    1 
ATOM   642  C  CB   . HIS A 1 63  ? 7.494   0.247   -14.628 1.00 11.35 ? 147 HIS A CB   1 
ATOM   643  C  CG   . HIS A 1 63  ? 7.767   0.750   -13.243 1.00 11.07 ? 147 HIS A CG   1 
ATOM   644  N  ND1  . HIS A 1 63  ? 8.877   0.388   -12.497 1.00 10.28 ? 147 HIS A ND1  1 
ATOM   645  C  CD2  . HIS A 1 63  ? 7.042   1.577   -12.453 1.00 10.29 ? 147 HIS A CD2  1 
ATOM   646  C  CE1  . HIS A 1 63  ? 8.796   0.980   -11.307 1.00 10.57 ? 147 HIS A CE1  1 
ATOM   647  N  NE2  . HIS A 1 63  ? 7.685   1.711   -11.229 1.00 10.67 ? 147 HIS A NE2  1 
ATOM   648  H  H    . HIS A 1 63  ? 9.931   1.847   -14.906 0.00 20.00 ? 147 HIS A H    1 
ATOM   649  H  HD1  . HIS A 1 63  ? 9.623   -0.130  -12.837 0.00 20.00 ? 147 HIS A HD1  1 
ATOM   650  N  N    . GLY A 1 64  ? 8.304   3.303   -16.540 1.00 13.89 ? 148 GLY A N    1 
ATOM   651  C  CA   . GLY A 1 64  ? 7.776   4.610   -16.845 1.00 14.37 ? 148 GLY A CA   1 
ATOM   652  C  C    . GLY A 1 64  ? 7.755   5.774   -15.886 1.00 15.22 ? 148 GLY A C    1 
ATOM   653  O  O    . GLY A 1 64  ? 7.292   6.842   -16.322 1.00 15.42 ? 148 GLY A O    1 
ATOM   654  H  H    . GLY A 1 64  ? 9.186   3.111   -16.784 0.00 20.00 ? 148 GLY A H    1 
ATOM   655  N  N    . ASP A 1 65  ? 8.174   5.624   -14.628 1.00 15.36 ? 149 ASP A N    1 
ATOM   656  C  CA   . ASP A 1 65  ? 8.139   6.767   -13.708 1.00 16.07 ? 149 ASP A CA   1 
ATOM   657  C  C    . ASP A 1 65  ? 9.534   7.266   -13.147 1.00 17.24 ? 149 ASP A C    1 
ATOM   658  O  O    . ASP A 1 65  ? 9.597   7.961   -12.129 1.00 17.35 ? 149 ASP A O    1 
ATOM   659  C  CB   . ASP A 1 65  ? 7.155   6.436   -12.566 1.00 15.10 ? 149 ASP A CB   1 
ATOM   660  C  CG   . ASP A 1 65  ? 7.628   5.230   -11.666 1.00 14.35 ? 149 ASP A CG   1 
ATOM   661  O  OD1  . ASP A 1 65  ? 8.846   4.848   -11.777 1.00 14.21 ? 149 ASP A OD1  1 
ATOM   662  O  OD2  . ASP A 1 65  ? 6.752   4.720   -10.850 1.00 13.15 ? 149 ASP A OD2  1 
ATOM   663  H  H    . ASP A 1 65  ? 8.606   4.790   -14.361 0.00 20.00 ? 149 ASP A H    1 
ATOM   664  N  N    . ASN A 1 66  ? 10.644  6.815   -13.707 1.00 18.43 ? 150 ASN A N    1 
ATOM   665  C  CA   . ASN A 1 66  ? 11.941  7.291   -13.214 1.00 19.62 ? 150 ASN A CA   1 
ATOM   666  C  C    . ASN A 1 66  ? 12.377  6.702   -11.883 1.00 19.52 ? 150 ASN A C    1 
ATOM   667  O  O    . ASN A 1 66  ? 13.347  7.203   -11.279 1.00 19.87 ? 150 ASN A O    1 
ATOM   668  C  CB   . ASN A 1 66  ? 11.963  8.824   -13.103 1.00 21.28 ? 150 ASN A CB   1 
ATOM   669  C  CG   . ASN A 1 66  ? 12.211  9.500   -14.442 1.00 23.62 ? 150 ASN A CG   1 
ATOM   670  O  OD1  . ASN A 1 66  ? 12.695  8.843   -15.406 1.00 25.18 ? 150 ASN A OD1  1 
ATOM   671  N  ND2  . ASN A 1 66  ? 11.895  10.811  -14.536 1.00 24.31 ? 150 ASN A ND2  1 
ATOM   672  H  H    . ASN A 1 66  ? 10.617  6.189   -14.435 0.00 20.00 ? 150 ASN A H    1 
ATOM   673  H  HD21 . ASN A 1 66  ? 12.056  11.269  -15.384 0.00 20.00 ? 150 ASN A HD21 1 
ATOM   674  H  HD22 . ASN A 1 66  ? 11.526  11.251  -13.740 0.00 20.00 ? 150 ASN A HD22 1 
ATOM   675  N  N    . SER A 1 67  ? 11.678  5.678   -11.398 1.00 18.89 ? 151 SER A N    1 
ATOM   676  C  CA   . SER A 1 67  ? 12.087  5.008   -10.132 1.00 18.46 ? 151 SER A CA   1 
ATOM   677  C  C    . SER A 1 67  ? 11.943  3.499   -10.402 1.00 17.19 ? 151 SER A C    1 
ATOM   678  O  O    . SER A 1 67  ? 10.914  2.874   -10.096 1.00 17.34 ? 151 SER A O    1 
ATOM   679  C  CB   . SER A 1 67  ? 11.205  5.445   -8.956  1.00 19.16 ? 151 SER A CB   1 
ATOM   680  O  OG   . SER A 1 67  ? 11.180  6.851   -8.881  1.00 20.94 ? 151 SER A OG   1 
ATOM   681  H  H    . SER A 1 67  ? 10.914  5.340   -11.854 0.00 20.00 ? 151 SER A H    1 
ATOM   682  H  HG   . SER A 1 67  ? 10.806  7.207   -9.712  0.00 20.00 ? 151 SER A HG   1 
ATOM   683  N  N    . PRO A 1 68  ? 12.902  2.946   -11.154 1.00 16.27 ? 152 PRO A N    1 
ATOM   684  C  CA   . PRO A 1 68  ? 12.888  1.531   -11.510 1.00 15.23 ? 152 PRO A CA   1 
ATOM   685  C  C    . PRO A 1 68  ? 13.073  0.600   -10.324 1.00 14.25 ? 152 PRO A C    1 
ATOM   686  O  O    . PRO A 1 68  ? 13.579  1.022   -9.281  1.00 13.85 ? 152 PRO A O    1 
ATOM   687  C  CB   . PRO A 1 68  ? 14.022  1.432   -12.514 1.00 15.20 ? 152 PRO A CB   1 
ATOM   688  C  CG   . PRO A 1 68  ? 15.025  2.405   -11.928 1.00 15.79 ? 152 PRO A CG   1 
ATOM   689  C  CD   . PRO A 1 68  ? 14.168  3.586   -11.572 1.00 15.87 ? 152 PRO A CD   1 
ATOM   690  N  N    . PHE A 1 69  ? 12.396  -0.539  -10.415 1.00 12.78 ? 153 PHE A N    1 
ATOM   691  C  CA   . PHE A 1 69  ? 12.480  -1.548  -9.408  1.00 11.62 ? 153 PHE A CA   1 
ATOM   692  C  C    . PHE A 1 69  ? 13.831  -2.191  -9.609  1.00 11.04 ? 153 PHE A C    1 
ATOM   693  O  O    . PHE A 1 69  ? 14.460  -1.963  -10.622 1.00 10.70 ? 153 PHE A O    1 
ATOM   694  C  CB   . PHE A 1 69  ? 11.299  -2.517  -9.502  1.00 11.93 ? 153 PHE A CB   1 
ATOM   695  C  CG   . PHE A 1 69  ? 10.028  -1.953  -8.884  1.00 12.16 ? 153 PHE A CG   1 
ATOM   696  C  CD1  . PHE A 1 69  ? 10.075  -1.339  -7.596  1.00 12.13 ? 153 PHE A CD1  1 
ATOM   697  C  CD2  . PHE A 1 69  ? 8.833   -1.971  -9.578  1.00 11.94 ? 153 PHE A CD2  1 
ATOM   698  C  CE1  . PHE A 1 69  ? 8.977   -0.762  -7.031  1.00 12.33 ? 153 PHE A CE1  1 
ATOM   699  C  CE2  . PHE A 1 69  ? 7.701   -1.385  -9.009  1.00 11.71 ? 153 PHE A CE2  1 
ATOM   700  C  CZ   . PHE A 1 69  ? 7.766   -0.781  -7.749  1.00 11.62 ? 153 PHE A CZ   1 
ATOM   701  H  H    . PHE A 1 69  ? 11.778  -0.690  -11.202 0.00 20.00 ? 153 PHE A H    1 
ATOM   702  N  N    . ASP A 1 70  ? 14.169  -3.135  -8.765  1.00 10.60 ? 154 ASP A N    1 
ATOM   703  C  CA   . ASP A 1 70  ? 15.533  -3.660  -8.768  1.00 10.25 ? 154 ASP A CA   1 
ATOM   704  C  C    . ASP A 1 70  ? 15.730  -5.168  -8.784  1.00 10.29 ? 154 ASP A C    1 
ATOM   705  O  O    . ASP A 1 70  ? 16.791  -5.669  -8.402  1.00 9.79  ? 154 ASP A O    1 
ATOM   706  C  CB   . ASP A 1 70  ? 16.254  -3.051  -7.506  1.00 10.69 ? 154 ASP A CB   1 
ATOM   707  C  CG   . ASP A 1 70  ? 15.637  -3.487  -6.133  1.00 10.13 ? 154 ASP A CG   1 
ATOM   708  O  OD1  . ASP A 1 70  ? 14.555  -4.097  -6.032  1.00 9.95  ? 154 ASP A OD1  1 
ATOM   709  O  OD2  . ASP A 1 70  ? 16.247  -3.171  -5.097  1.00 10.29 ? 154 ASP A OD2  1 
ATOM   710  H  H    . ASP A 1 70  ? 13.549  -3.392  -8.098  0.00 20.00 ? 154 ASP A H    1 
ATOM   711  N  N    . GLY A 1 71  ? 14.703  -5.928  -9.194  1.00 10.26 ? 155 GLY A N    1 
ATOM   712  C  CA   . GLY A 1 71  ? 14.862  -7.379  -9.137  1.00 11.51 ? 155 GLY A CA   1 
ATOM   713  C  C    . GLY A 1 71  ? 14.497  -7.946  -7.731  1.00 11.73 ? 155 GLY A C    1 
ATOM   714  O  O    . GLY A 1 71  ? 14.154  -7.137  -6.824  1.00 12.60 ? 155 GLY A O    1 
ATOM   715  H  H    . GLY A 1 71  ? 13.836  -5.537  -9.473  0.00 20.00 ? 155 GLY A H    1 
ATOM   716  N  N    . PRO A 1 72  ? 14.612  -9.273  -7.471  1.00 11.63 ? 156 PRO A N    1 
ATOM   717  C  CA   . PRO A 1 72  ? 14.274  -9.900  -6.175  1.00 11.49 ? 156 PRO A CA   1 
ATOM   718  C  C    . PRO A 1 72  ? 14.871  -9.208  -5.015  1.00 12.05 ? 156 PRO A C    1 
ATOM   719  O  O    . PRO A 1 72  ? 15.978  -8.692  -5.143  1.00 12.66 ? 156 PRO A O    1 
ATOM   720  C  CB   . PRO A 1 72  ? 14.733  -11.355 -6.314  1.00 11.59 ? 156 PRO A CB   1 
ATOM   721  C  CG   . PRO A 1 72  ? 14.571  -11.581 -7.895  1.00 12.00 ? 156 PRO A CG   1 
ATOM   722  C  CD   . PRO A 1 72  ? 15.076  -10.272 -8.456  1.00 11.82 ? 156 PRO A CD   1 
ATOM   723  N  N    . ASN A 1 73  ? 14.072  -9.082  -3.951  1.00 12.05 ? 157 ASN A N    1 
ATOM   724  C  CA   . ASN A 1 73  ? 14.415  -8.421  -2.703  1.00 12.63 ? 157 ASN A CA   1 
ATOM   725  C  C    . ASN A 1 73  ? 14.687  -6.952  -2.877  1.00 12.19 ? 157 ASN A C    1 
ATOM   726  O  O    . ASN A 1 73  ? 14.214  -6.345  -3.844  1.00 12.15 ? 157 ASN A O    1 
ATOM   727  C  CB   . ASN A 1 73  ? 15.580  -9.148  -2.053  1.00 14.29 ? 157 ASN A CB   1 
ATOM   728  C  CG   . ASN A 1 73  ? 15.302  -10.609 -1.900  1.00 15.24 ? 157 ASN A CG   1 
ATOM   729  O  OD1  . ASN A 1 73  ? 14.353  -11.013 -1.227  1.00 16.92 ? 157 ASN A OD1  1 
ATOM   730  N  ND2  . ASN A 1 73  ? 16.074  -11.422 -2.584  1.00 16.34 ? 157 ASN A ND2  1 
ATOM   731  H  H    . ASN A 1 73  ? 13.207  -9.468  -4.009  0.00 20.00 ? 157 ASN A H    1 
ATOM   732  H  HD21 . ASN A 1 73  ? 15.916  -12.381 -2.495  0.00 20.00 ? 157 ASN A HD21 1 
ATOM   733  H  HD22 . ASN A 1 73  ? 16.764  -11.018 -3.145  0.00 20.00 ? 157 ASN A HD22 1 
ATOM   734  N  N    . GLY A 1 74  ? 15.378  -6.348  -1.920  1.00 12.27 ? 158 GLY A N    1 
ATOM   735  C  CA   . GLY A 1 74  ? 15.701  -4.936  -2.017  1.00 11.10 ? 158 GLY A CA   1 
ATOM   736  C  C    . GLY A 1 74  ? 14.464  -4.070  -1.919  1.00 10.62 ? 158 GLY A C    1 
ATOM   737  O  O    . GLY A 1 74  ? 13.736  -4.138  -0.918  1.00 10.14 ? 158 GLY A O    1 
ATOM   738  H  H    . GLY A 1 74  ? 15.693  -6.877  -1.135  0.00 20.00 ? 158 GLY A H    1 
ATOM   739  N  N    . ILE A 1 75  ? 14.299  -3.172  -2.898  1.00 9.65  ? 159 ILE A N    1 
ATOM   740  C  CA   . ILE A 1 75  ? 13.112  -2.320  -2.987  1.00 9.31  ? 159 ILE A CA   1 
ATOM   741  C  C    . ILE A 1 75  ? 11.873  -3.238  -3.303  1.00 9.35  ? 159 ILE A C    1 
ATOM   742  O  O    . ILE A 1 75  ? 11.857  -3.963  -4.339  1.00 10.39 ? 159 ILE A O    1 
ATOM   743  C  CB   . ILE A 1 75  ? 13.271  -1.318  -4.116  1.00 9.79  ? 159 ILE A CB   1 
ATOM   744  C  CG1  . ILE A 1 75  ? 14.528  -0.470  -3.831  1.00 10.04 ? 159 ILE A CG1  1 
ATOM   745  C  CG2  . ILE A 1 75  ? 11.853  -0.502  -4.388  1.00 8.48  ? 159 ILE A CG2  1 
ATOM   746  C  CD1  . ILE A 1 75  ? 14.897  0.421   -4.922  1.00 10.99 ? 159 ILE A CD1  1 
ATOM   747  H  H    . ILE A 1 75  ? 14.958  -3.119  -3.566  0.00 20.00 ? 159 ILE A H    1 
ATOM   748  N  N    . LEU A 1 76  ? 10.867  -3.244  -2.452  1.00 8.54  ? 160 LEU A N    1 
ATOM   749  C  CA   . LEU A 1 76  ? 9.731   -4.127  -2.694  1.00 8.02  ? 160 LEU A CA   1 
ATOM   750  C  C    . LEU A 1 76  ? 8.617   -3.399  -3.406  1.00 7.81  ? 160 LEU A C    1 
ATOM   751  O  O    . LEU A 1 76  ? 7.826   -4.022  -4.110  1.00 8.86  ? 160 LEU A O    1 
ATOM   752  C  CB   . LEU A 1 76  ? 9.220   -4.661  -1.338  1.00 7.71  ? 160 LEU A CB   1 
ATOM   753  C  CG   . LEU A 1 76  ? 10.287  -5.389  -0.464  1.00 7.57  ? 160 LEU A CG   1 
ATOM   754  C  CD1  . LEU A 1 76  ? 9.660   -6.006  0.804   1.00 7.55  ? 160 LEU A CD1  1 
ATOM   755  C  CD2  . LEU A 1 76  ? 10.937  -6.479  -1.261  1.00 6.00  ? 160 LEU A CD2  1 
ATOM   756  H  H    . LEU A 1 76  ? 10.879  -2.645  -1.680  0.00 20.00 ? 160 LEU A H    1 
ATOM   757  N  N    . ALA A 1 77  ? 8.517   -2.102  -3.186  1.00 8.00  ? 161 ALA A N    1 
ATOM   758  C  CA   . ALA A 1 77  ? 7.413   -1.279  -3.743  1.00 8.44  ? 161 ALA A CA   1 
ATOM   759  C  C    . ALA A 1 77  ? 7.630   0.154   -3.372  1.00 8.43  ? 161 ALA A C    1 
ATOM   760  O  O    . ALA A 1 77  ? 8.529   0.464   -2.553  1.00 8.19  ? 161 ALA A O    1 
ATOM   761  C  CB   . ALA A 1 77  ? 6.000   -1.730  -3.135  1.00 7.61  ? 161 ALA A CB   1 
ATOM   762  H  H    . ALA A 1 77  ? 9.111   -1.677  -2.543  0.00 20.00 ? 161 ALA A H    1 
ATOM   763  N  N    . HIS A 1 78  ? 6.798   1.025   -3.967  1.00 8.48  ? 162 HIS A N    1 
ATOM   764  C  CA   . HIS A 1 78  ? 6.840   2.435   -3.688  1.00 9.61  ? 162 HIS A CA   1 
ATOM   765  C  C    . HIS A 1 78  ? 5.506   3.041   -4.046  1.00 10.22 ? 162 HIS A C    1 
ATOM   766  O  O    . HIS A 1 78  ? 4.806   2.482   -4.893  1.00 9.66  ? 162 HIS A O    1 
ATOM   767  C  CB   . HIS A 1 78  ? 8.002   3.165   -4.387  1.00 10.82 ? 162 HIS A CB   1 
ATOM   768  C  CG   . HIS A 1 78  ? 8.018   3.042   -5.879  1.00 11.53 ? 162 HIS A CG   1 
ATOM   769  N  ND1  . HIS A 1 78  ? 9.166   2.800   -6.605  1.00 12.10 ? 162 HIS A ND1  1 
ATOM   770  C  CD2  . HIS A 1 78  ? 7.036   3.261   -6.798  1.00 11.70 ? 162 HIS A CD2  1 
ATOM   771  C  CE1  . HIS A 1 78  ? 8.865   2.895   -7.905  1.00 12.59 ? 162 HIS A CE1  1 
ATOM   772  N  NE2  . HIS A 1 78  ? 7.571   3.179   -8.064  1.00 12.53 ? 162 HIS A NE2  1 
ATOM   773  H  H    . HIS A 1 78  ? 6.160   0.636   -4.633  0.00 20.00 ? 162 HIS A H    1 
ATOM   774  H  HD1  . HIS A 1 78  ? 10.067  2.622   -6.206  0.00 20.00 ? 162 HIS A HD1  1 
ATOM   775  N  N    . ALA A 1 79  ? 5.169   4.160   -3.398  1.00 10.80 ? 163 ALA A N    1 
ATOM   776  C  CA   . ALA A 1 79  ? 3.874   4.839   -3.586  1.00 12.24 ? 163 ALA A CA   1 
ATOM   777  C  C    . ALA A 1 79  ? 4.107   6.318   -3.668  1.00 13.23 ? 163 ALA A C    1 
ATOM   778  O  O    . ALA A 1 79  ? 5.152   6.788   -3.212  1.00 14.06 ? 163 ALA A O    1 
ATOM   779  C  CB   . ALA A 1 79  ? 2.884   4.514   -2.384  1.00 11.71 ? 163 ALA A CB   1 
ATOM   780  H  H    . ALA A 1 79  ? 5.786   4.516   -2.741  0.00 20.00 ? 163 ALA A H    1 
ATOM   781  N  N    . PHE A 1 80  ? 3.194   7.053   -4.310  1.00 13.95 ? 164 PHE A N    1 
ATOM   782  C  CA   . PHE A 1 80  ? 3.360   8.495   -4.455  1.00 14.36 ? 164 PHE A CA   1 
ATOM   783  C  C    . PHE A 1 80  ? 2.437   9.208   -3.514  1.00 14.60 ? 164 PHE A C    1 
ATOM   784  O  O    . PHE A 1 80  ? 1.389   8.690   -3.231  1.00 14.57 ? 164 PHE A O    1 
ATOM   785  C  CB   . PHE A 1 80  ? 3.092   8.934   -5.883  1.00 15.07 ? 164 PHE A CB   1 
ATOM   786  C  CG   . PHE A 1 80  ? 3.906   8.203   -6.880  1.00 16.50 ? 164 PHE A CG   1 
ATOM   787  C  CD1  . PHE A 1 80  ? 3.617   6.867   -7.189  1.00 17.26 ? 164 PHE A CD1  1 
ATOM   788  C  CD2  . PHE A 1 80  ? 5.049   8.798   -7.427  1.00 17.46 ? 164 PHE A CD2  1 
ATOM   789  C  CE1  . PHE A 1 80  ? 4.462   6.103   -8.023  1.00 18.08 ? 164 PHE A CE1  1 
ATOM   790  C  CE2  . PHE A 1 80  ? 5.943   8.045   -8.283  1.00 18.16 ? 164 PHE A CE2  1 
ATOM   791  C  CZ   . PHE A 1 80  ? 5.649   6.686   -8.582  1.00 17.67 ? 164 PHE A CZ   1 
ATOM   792  H  H    . PHE A 1 80  ? 2.446   6.570   -4.682  0.00 20.00 ? 164 PHE A H    1 
ATOM   793  N  N    . GLN A 1 81  ? 2.829   10.358  -3.009  1.00 14.92 ? 165 GLN A N    1 
ATOM   794  C  CA   . GLN A 1 81  ? 2.001   11.122  -2.049  1.00 16.51 ? 165 GLN A CA   1 
ATOM   795  C  C    . GLN A 1 81  ? 0.684   11.618  -2.704  1.00 16.31 ? 165 GLN A C    1 
ATOM   796  O  O    . GLN A 1 81  ? 0.531   11.572  -3.954  1.00 15.83 ? 165 GLN A O    1 
ATOM   797  C  CB   . GLN A 1 81  ? 2.792   12.334  -1.531  1.00 18.13 ? 165 GLN A CB   1 
ATOM   798  C  CG   . GLN A 1 81  ? 3.166   13.230  -2.672  1.00 21.47 ? 165 GLN A CG   1 
ATOM   799  C  CD   . GLN A 1 81  ? 3.871   14.512  -2.270  1.00 23.31 ? 165 GLN A CD   1 
ATOM   800  O  OE1  . GLN A 1 81  ? 4.491   14.605  -1.193  1.00 24.48 ? 165 GLN A OE1  1 
ATOM   801  N  NE2  . GLN A 1 81  ? 3.789   15.526  -3.151  1.00 24.64 ? 165 GLN A NE2  1 
ATOM   802  H  H    . GLN A 1 81  ? 3.709   10.675  -3.210  0.00 20.00 ? 165 GLN A H    1 
ATOM   803  N  N    . PRO A 1 82  ? -0.301  11.990  -1.879  1.00 16.02 ? 166 PRO A N    1 
ATOM   804  C  CA   . PRO A 1 82  ? -1.583  12.474  -2.418  1.00 16.14 ? 166 PRO A CA   1 
ATOM   805  C  C    . PRO A 1 82  ? -1.406  13.539  -3.519  1.00 16.42 ? 166 PRO A C    1 
ATOM   806  O  O    . PRO A 1 82  ? -0.502  14.383  -3.440  1.00 15.97 ? 166 PRO A O    1 
ATOM   807  C  CB   . PRO A 1 82  ? -2.253  13.050  -1.189  1.00 16.02 ? 166 PRO A CB   1 
ATOM   808  C  CG   . PRO A 1 82  ? -1.783  12.108  -0.102  1.00 15.62 ? 166 PRO A CG   1 
ATOM   809  C  CD   . PRO A 1 82  ? -0.335  11.963  -0.398  1.00 16.02 ? 166 PRO A CD   1 
ATOM   810  N  N    . GLY A 1 83  ? -2.189  13.398  -4.584  1.00 16.81 ? 167 GLY A N    1 
ATOM   811  C  CA   . GLY A 1 83  ? -2.168  14.337  -5.692  1.00 17.27 ? 167 GLY A CA   1 
ATOM   812  C  C    . GLY A 1 83  ? -2.911  13.768  -6.887  1.00 17.49 ? 167 GLY A C    1 
ATOM   813  O  O    . GLY A 1 83  ? -3.481  12.673  -6.829  1.00 17.23 ? 167 GLY A O    1 
ATOM   814  H  H    . GLY A 1 83  ? -2.804  12.621  -4.662  0.00 20.00 ? 167 GLY A H    1 
ATOM   815  N  N    . GLN A 1 84  ? -2.988  14.567  -7.949  1.00 18.40 ? 168 GLN A N    1 
ATOM   816  C  CA   . GLN A 1 84  ? -3.611  14.131  -9.209  1.00 18.97 ? 168 GLN A CA   1 
ATOM   817  C  C    . GLN A 1 84  ? -2.641  13.247  -10.050 1.00 17.87 ? 168 GLN A C    1 
ATOM   818  O  O    . GLN A 1 84  ? -1.409  13.168  -9.790  1.00 17.59 ? 168 GLN A O    1 
ATOM   819  C  CB   . GLN A 1 84  ? -4.025  15.334  -10.050 1.00 21.06 ? 168 GLN A CB   1 
ATOM   820  C  CG   . GLN A 1 84  ? -5.516  15.582  -10.102 1.00 24.22 ? 168 GLN A CG   1 
ATOM   821  C  CD   . GLN A 1 84  ? -6.370  14.282  -10.187 1.00 26.26 ? 168 GLN A CD   1 
ATOM   822  O  OE1  . GLN A 1 84  ? -6.133  13.374  -11.047 1.00 26.86 ? 168 GLN A OE1  1 
ATOM   823  N  NE2  . GLN A 1 84  ? -7.333  14.161  -9.228  1.00 27.79 ? 168 GLN A NE2  1 
ATOM   824  H  H    . GLN A 1 84  ? -2.537  15.443  -7.919  0.00 20.00 ? 168 GLN A H    1 
ATOM   825  N  N    . GLY A 1 85  ? -3.202  12.552  -11.046 1.00 17.32 ? 169 GLY A N    1 
ATOM   826  C  CA   . GLY A 1 85  ? -2.381  11.684  -11.900 1.00 15.69 ? 169 GLY A CA   1 
ATOM   827  C  C    . GLY A 1 85  ? -1.669  10.593  -11.117 1.00 14.89 ? 169 GLY A C    1 
ATOM   828  O  O    . GLY A 1 85  ? -2.341  9.826   -10.401 1.00 14.98 ? 169 GLY A O    1 
ATOM   829  H  H    . GLY A 1 85  ? -4.157  12.636  -11.193 0.00 20.00 ? 169 GLY A H    1 
ATOM   830  N  N    . ILE A 1 86  ? -0.320  10.547  -11.186 1.00 14.01 ? 170 ILE A N    1 
ATOM   831  C  CA   . ILE A 1 86  ? 0.504   9.542   -10.515 1.00 12.73 ? 170 ILE A CA   1 
ATOM   832  C  C    . ILE A 1 86  ? 0.314   9.601   -8.985  1.00 11.76 ? 170 ILE A C    1 
ATOM   833  O  O    . ILE A 1 86  ? 0.432   8.587   -8.316  1.00 11.72 ? 170 ILE A O    1 
ATOM   834  C  CB   . ILE A 1 86  ? 1.982   9.765   -10.912 1.00 13.55 ? 170 ILE A CB   1 
ATOM   835  C  CG1  . ILE A 1 86  ? 2.889   8.597   -10.529 1.00 14.23 ? 170 ILE A CG1  1 
ATOM   836  C  CG2  . ILE A 1 86  ? 2.479   11.070  -10.318 1.00 13.40 ? 170 ILE A CG2  1 
ATOM   837  C  CD1  . ILE A 1 86  ? 2.986   7.498   -11.535 1.00 15.70 ? 170 ILE A CD1  1 
ATOM   838  H  H    . ILE A 1 86  ? 0.106   11.207  -11.732 0.00 20.00 ? 170 ILE A H    1 
ATOM   839  N  N    . GLY A 1 87  ? -0.091  10.759  -8.453  1.00 10.90 ? 171 GLY A N    1 
ATOM   840  C  CA   . GLY A 1 87  ? -0.296  10.929  -7.013  1.00 9.78  ? 171 GLY A CA   1 
ATOM   841  C  C    . GLY A 1 87  ? -1.124  9.806   -6.448  1.00 9.49  ? 171 GLY A C    1 
ATOM   842  O  O    . GLY A 1 87  ? -2.072  9.357   -7.135  1.00 9.47  ? 171 GLY A O    1 
ATOM   843  H  H    . GLY A 1 87  ? -0.295  11.506  -9.020  0.00 20.00 ? 171 GLY A H    1 
ATOM   844  N  N    . GLY A 1 88  ? -0.705  9.336   -5.248  1.00 9.02  ? 172 GLY A N    1 
ATOM   845  C  CA   . GLY A 1 88  ? -1.300  8.265   -4.491  1.00 7.65  ? 172 GLY A CA   1 
ATOM   846  C  C    . GLY A 1 88  ? -1.155  6.902   -5.103  1.00 7.54  ? 172 GLY A C    1 
ATOM   847  O  O    . GLY A 1 88  ? -1.456  5.939   -4.426  1.00 7.46  ? 172 GLY A O    1 
ATOM   848  H  H    . GLY A 1 88  ? 0.045   9.742   -4.853  0.00 20.00 ? 172 GLY A H    1 
ATOM   849  N  N    . ASP A 1 89  ? -0.715  6.786   -6.360  1.00 6.30  ? 173 ASP A N    1 
ATOM   850  C  CA   . ASP A 1 89  ? -0.631  5.462   -6.941  1.00 6.58  ? 173 ASP A CA   1 
ATOM   851  C  C    . ASP A 1 89  ? 0.411   4.572   -6.252  1.00 6.97  ? 173 ASP A C    1 
ATOM   852  O  O    . ASP A 1 89  ? 1.444   5.091   -5.734  1.00 7.07  ? 173 ASP A O    1 
ATOM   853  C  CB   . ASP A 1 89  ? -0.282  5.558   -8.416  1.00 7.52  ? 173 ASP A CB   1 
ATOM   854  C  CG   . ASP A 1 89  ? -1.340  6.316   -9.222  1.00 9.34  ? 173 ASP A CG   1 
ATOM   855  O  OD1  . ASP A 1 89  ? -2.352  6.771   -8.653  1.00 10.23 ? 173 ASP A OD1  1 
ATOM   856  O  OD2  . ASP A 1 89  ? -1.235  6.450   -10.472 1.00 10.47 ? 173 ASP A OD2  1 
ATOM   857  H  H    . ASP A 1 89  ? -0.396  7.539   -6.811  0.00 20.00 ? 173 ASP A H    1 
ATOM   858  N  N    . ALA A 1 90  ? 0.208   3.271   -6.320  1.00 6.70  ? 174 ALA A N    1 
ATOM   859  C  CA   . ALA A 1 90  ? 1.156   2.332   -5.687  1.00 7.67  ? 174 ALA A CA   1 
ATOM   860  C  C    . ALA A 1 90  ? 1.662   1.245   -6.612  1.00 7.52  ? 174 ALA A C    1 
ATOM   861  O  O    . ALA A 1 90  ? 0.883   0.559   -7.323  1.00 7.68  ? 174 ALA A O    1 
ATOM   862  C  CB   . ALA A 1 90  ? 0.606   1.716   -4.354  1.00 7.19  ? 174 ALA A CB   1 
ATOM   863  H  H    . ALA A 1 90  ? -0.544  2.928   -6.771  0.00 20.00 ? 174 ALA A H    1 
ATOM   864  N  N    . HIS A 1 91  ? 2.998   1.112   -6.637  1.00 7.15  ? 175 HIS A N    1 
ATOM   865  C  CA   . HIS A 1 91  ? 3.629   0.114   -7.500  1.00 7.32  ? 175 HIS A CA   1 
ATOM   866  C  C    . HIS A 1 91  ? 4.353   -0.973  -6.705  1.00 7.75  ? 175 HIS A C    1 
ATOM   867  O  O    . HIS A 1 91  ? 5.150   -0.661  -5.818  1.00 8.36  ? 175 HIS A O    1 
ATOM   868  C  CB   . HIS A 1 91  ? 4.634   0.741   -8.515  1.00 7.39  ? 175 HIS A CB   1 
ATOM   869  C  CG   . HIS A 1 91  ? 4.016   1.766   -9.424  1.00 7.00  ? 175 HIS A CG   1 
ATOM   870  N  ND1  . HIS A 1 91  ? 4.768   2.692   -10.099 1.00 7.07  ? 175 HIS A ND1  1 
ATOM   871  C  CD2  . HIS A 1 91  ? 2.690   2.030   -9.625  1.00 7.26  ? 175 HIS A CD2  1 
ATOM   872  C  CE1  . HIS A 1 91  ? 3.898   3.510   -10.686 1.00 6.99  ? 175 HIS A CE1  1 
ATOM   873  N  NE2  . HIS A 1 91  ? 2.629   3.134   -10.421 1.00 7.09  ? 175 HIS A NE2  1 
ATOM   874  H  H    . HIS A 1 91  ? 3.540   1.678   -6.063  0.00 20.00 ? 175 HIS A H    1 
ATOM   875  H  HE2  . HIS A 1 91  ? 1.819   3.544   -10.711 0.00 20.00 ? 175 HIS A HE2  1 
ATOM   876  N  N    . PHE A 1 92  ? 4.201   -2.203  -7.135  1.00 7.62  ? 176 PHE A N    1 
ATOM   877  C  CA   . PHE A 1 92  ? 4.801   -3.317  -6.436  1.00 8.53  ? 176 PHE A CA   1 
ATOM   878  C  C    . PHE A 1 92  ? 5.791   -3.986  -7.392  1.00 9.17  ? 176 PHE A C    1 
ATOM   879  O  O    . PHE A 1 92  ? 5.503   -4.183  -8.602  1.00 8.82  ? 176 PHE A O    1 
ATOM   880  C  CB   . PHE A 1 92  ? 3.688   -4.321  -5.967  1.00 8.00  ? 176 PHE A CB   1 
ATOM   881  C  CG   . PHE A 1 92  ? 2.786   -3.777  -4.910  1.00 8.58  ? 176 PHE A CG   1 
ATOM   882  C  CD1  . PHE A 1 92  ? 1.740   -2.936  -5.271  1.00 7.87  ? 176 PHE A CD1  1 
ATOM   883  C  CD2  . PHE A 1 92  ? 2.998   -4.065  -3.550  1.00 8.80  ? 176 PHE A CD2  1 
ATOM   884  C  CE1  . PHE A 1 92  ? 0.903   -2.377  -4.315  1.00 7.93  ? 176 PHE A CE1  1 
ATOM   885  C  CE2  . PHE A 1 92  ? 2.153   -3.509  -2.564  1.00 8.88  ? 176 PHE A CE2  1 
ATOM   886  C  CZ   . PHE A 1 92  ? 1.085   -2.652  -2.964  1.00 7.80  ? 176 PHE A CZ   1 
ATOM   887  H  H    . PHE A 1 92  ? 3.546   -2.388  -7.853  0.00 20.00 ? 176 PHE A H    1 
ATOM   888  N  N    . ASP A 1 93  ? 6.903   -4.446  -6.825  1.00 9.68  ? 177 ASP A N    1 
ATOM   889  C  CA   . ASP A 1 93  ? 7.892   -5.116  -7.628  1.00 10.68 ? 177 ASP A CA   1 
ATOM   890  C  C    . ASP A 1 93  ? 7.308   -6.489  -8.058  1.00 10.41 ? 177 ASP A C    1 
ATOM   891  O  O    . ASP A 1 93  ? 7.047   -7.399  -7.248  1.00 10.26 ? 177 ASP A O    1 
ATOM   892  C  CB   . ASP A 1 93  ? 9.229   -5.198  -6.836  1.00 11.78 ? 177 ASP A CB   1 
ATOM   893  C  CG   . ASP A 1 93  ? 10.488  -5.535  -7.715  1.00 12.25 ? 177 ASP A CG   1 
ATOM   894  O  OD1  . ASP A 1 93  ? 10.315  -6.273  -8.715  1.00 12.59 ? 177 ASP A OD1  1 
ATOM   895  O  OD2  . ASP A 1 93  ? 11.652  -5.130  -7.355  1.00 12.10 ? 177 ASP A OD2  1 
ATOM   896  H  H    . ASP A 1 93  ? 7.063   -4.297  -5.869  0.00 20.00 ? 177 ASP A H    1 
ATOM   897  N  N    . ALA A 1 94  ? 7.114   -6.633  -9.354  1.00 10.19 ? 178 ALA A N    1 
ATOM   898  C  CA   . ALA A 1 94  ? 6.609   -7.885  -9.925  1.00 10.17 ? 178 ALA A CA   1 
ATOM   899  C  C    . ALA A 1 94  ? 7.618   -9.040  -9.754  1.00 10.44 ? 178 ALA A C    1 
ATOM   900  O  O    . ALA A 1 94  ? 7.233   -10.195 -9.801  1.00 9.89  ? 178 ALA A O    1 
ATOM   901  C  CB   . ALA A 1 94  ? 6.321   -7.712  -11.451 1.00 10.20 ? 178 ALA A CB   1 
ATOM   902  H  H    . ALA A 1 94  ? 7.267   -5.859  -9.944  0.00 20.00 ? 178 ALA A H    1 
ATOM   903  N  N    . GLU A 1 95  ? 8.899   -8.736  -9.591  1.00 10.49 ? 179 GLU A N    1 
ATOM   904  C  CA   . GLU A 1 95  ? 9.873   -9.807  -9.448  1.00 11.64 ? 179 GLU A CA   1 
ATOM   905  C  C    . GLU A 1 95  ? 10.008  -10.432 -8.052  1.00 12.29 ? 179 GLU A C    1 
ATOM   906  O  O    . GLU A 1 95  ? 10.876  -11.308 -7.844  1.00 13.06 ? 179 GLU A O    1 
ATOM   907  C  CB   . GLU A 1 95  ? 11.235  -9.340  -9.943  1.00 12.43 ? 179 GLU A CB   1 
ATOM   908  C  CG   . GLU A 1 95  ? 11.305  -9.231  -11.487 1.00 12.92 ? 179 GLU A CG   1 
ATOM   909  C  CD   . GLU A 1 95  ? 12.705  -8.920  -11.951 1.00 13.21 ? 179 GLU A CD   1 
ATOM   910  O  OE1  . GLU A 1 95  ? 13.550  -9.822  -12.154 1.00 14.53 ? 179 GLU A OE1  1 
ATOM   911  O  OE2  . GLU A 1 95  ? 13.002  -7.740  -12.061 1.00 13.52 ? 179 GLU A OE2  1 
ATOM   912  H  H    . GLU A 1 95  ? 9.177   -7.801  -9.515  0.00 20.00 ? 179 GLU A H    1 
ATOM   913  N  N    . GLU A 1 96  ? 9.229   -9.954  -7.083  1.00 12.10 ? 180 GLU A N    1 
ATOM   914  C  CA   . GLU A 1 96  ? 9.290   -10.537 -5.759  1.00 11.85 ? 180 GLU A CA   1 
ATOM   915  C  C    . GLU A 1 96  ? 8.341   -11.736 -5.699  1.00 12.65 ? 180 GLU A C    1 
ATOM   916  O  O    . GLU A 1 96  ? 7.422   -11.929 -6.487  1.00 12.26 ? 180 GLU A O    1 
ATOM   917  C  CB   . GLU A 1 96  ? 8.854   -9.501  -4.678  1.00 10.45 ? 180 GLU A CB   1 
ATOM   918  C  CG   . GLU A 1 96  ? 9.429   -8.120  -4.845  1.00 7.86  ? 180 GLU A CG   1 
ATOM   919  C  CD   . GLU A 1 96  ? 10.844  -8.123  -4.591  1.00 7.61  ? 180 GLU A CD   1 
ATOM   920  O  OE1  . GLU A 1 96  ? 11.365  -9.140  -4.099  1.00 6.67  ? 180 GLU A OE1  1 
ATOM   921  O  OE2  . GLU A 1 96  ? 11.457  -7.113  -4.958  1.00 7.31  ? 180 GLU A OE2  1 
ATOM   922  H  H    . GLU A 1 96  ? 8.480   -9.288  -7.294  0.00 20.00 ? 180 GLU A H    1 
ATOM   923  N  N    . THR A 1 97  ? 8.604   -12.580 -4.726  1.00 13.94 ? 181 THR A N    1 
ATOM   924  C  CA   . THR A 1 97  ? 7.732   -13.717 -4.440  1.00 14.33 ? 181 THR A CA   1 
ATOM   925  C  C    . THR A 1 97  ? 6.711   -13.068 -3.503  1.00 13.81 ? 181 THR A C    1 
ATOM   926  O  O    . THR A 1 97  ? 7.130   -12.478 -2.464  1.00 14.23 ? 181 THR A O    1 
ATOM   927  C  CB   . THR A 1 97  ? 8.497   -14.767 -3.656  1.00 15.36 ? 181 THR A CB   1 
ATOM   928  O  OG1  . THR A 1 97  ? 9.581   -15.257 -4.483  1.00 16.66 ? 181 THR A OG1  1 
ATOM   929  C  CG2  . THR A 1 97  ? 7.538   -15.924 -3.361  1.00 17.14 ? 181 THR A CG2  1 
ATOM   930  H  H    . THR A 1 97  ? 9.391   -12.422 -4.180  0.00 20.00 ? 181 THR A H    1 
ATOM   931  H  HG1  . THR A 1 97  ? 10.019  -15.947 -4.059  0.00 20.00 ? 181 THR A HG1  1 
ATOM   932  N  N    . TRP A 1 98  ? 5.441   -13.058 -3.909  1.00 11.92 ? 182 TRP A N    1 
ATOM   933  C  CA   . TRP A 1 98  ? 4.428   -12.457 -3.113  1.00 10.38 ? 182 TRP A CA   1 
ATOM   934  C  C    . TRP A 1 98  ? 3.667   -13.595 -2.485  1.00 10.63 ? 182 TRP A C    1 
ATOM   935  O  O    . TRP A 1 98  ? 3.360   -14.603 -3.165  1.00 10.30 ? 182 TRP A O    1 
ATOM   936  C  CB   . TRP A 1 98  ? 3.581   -11.521 -3.964  1.00 8.41  ? 182 TRP A CB   1 
ATOM   937  C  CG   . TRP A 1 98  ? 4.384   -10.339 -4.453  1.00 6.88  ? 182 TRP A CG   1 
ATOM   938  C  CD1  . TRP A 1 98  ? 4.855   -10.128 -5.730  1.00 6.72  ? 182 TRP A CD1  1 
ATOM   939  C  CD2  . TRP A 1 98  ? 4.783   -9.197  -3.699  1.00 6.22  ? 182 TRP A CD2  1 
ATOM   940  N  NE1  . TRP A 1 98  ? 5.521   -8.926  -5.815  1.00 6.01  ? 182 TRP A NE1  1 
ATOM   941  C  CE2  . TRP A 1 98  ? 5.506   -8.336  -4.588  1.00 6.15  ? 182 TRP A CE2  1 
ATOM   942  C  CE3  . TRP A 1 98  ? 4.615   -8.810  -2.355  1.00 6.00  ? 182 TRP A CE3  1 
ATOM   943  C  CZ2  . TRP A 1 98  ? 6.032   -7.124  -4.199  1.00 6.00  ? 182 TRP A CZ2  1 
ATOM   944  C  CZ3  . TRP A 1 98  ? 5.147   -7.594  -1.966  1.00 6.00  ? 182 TRP A CZ3  1 
ATOM   945  C  CH2  . TRP A 1 98  ? 5.854   -6.762  -2.890  1.00 6.00  ? 182 TRP A CH2  1 
ATOM   946  H  H    . TRP A 1 98  ? 5.195   -13.403 -4.798  0.00 20.00 ? 182 TRP A H    1 
ATOM   947  H  HE1  . TRP A 1 98  ? 5.806   -8.517  -6.644  0.00 20.00 ? 182 TRP A HE1  1 
ATOM   948  N  N    . THR A 1 99  ? 3.491   -13.480 -1.164  1.00 10.82 ? 183 THR A N    1 
ATOM   949  C  CA   . THR A 1 99  ? 2.777   -14.481 -0.382  1.00 11.75 ? 183 THR A CA   1 
ATOM   950  C  C    . THR A 1 99  ? 1.591   -13.983 0.403   1.00 12.10 ? 183 THR A C    1 
ATOM   951  O  O    . THR A 1 99  ? 1.387   -12.777 0.597   1.00 11.73 ? 183 THR A O    1 
ATOM   952  C  CB   . THR A 1 99  ? 3.647   -15.169 0.634   1.00 12.11 ? 183 THR A CB   1 
ATOM   953  O  OG1  . THR A 1 99  ? 3.875   -14.269 1.733   1.00 12.58 ? 183 THR A OG1  1 
ATOM   954  C  CG2  . THR A 1 99  ? 4.947   -15.548 -0.005  1.00 11.90 ? 183 THR A CG2  1 
ATOM   955  H  H    . THR A 1 99  ? 3.813   -12.689 -0.723  0.00 20.00 ? 183 THR A H    1 
ATOM   956  H  HG1  . THR A 1 99  ? 3.073   -14.003 2.157   0.00 20.00 ? 183 THR A HG1  1 
ATOM   957  N  N    . ASN A 1 100 ? 0.884   -14.980 0.949   1.00 12.69 ? 184 ASN A N    1 
ATOM   958  C  CA   . ASN A 1 100 ? -0.327  -14.872 1.768   1.00 12.75 ? 184 ASN A CA   1 
ATOM   959  C  C    . ASN A 1 100 ? 0.118   -15.358 3.161   1.00 12.16 ? 184 ASN A C    1 
ATOM   960  O  O    . ASN A 1 100 ? -0.650  -15.407 4.105   1.00 12.99 ? 184 ASN A O    1 
ATOM   961  C  CB   . ASN A 1 100 ? -1.303  -15.960 1.235   1.00 13.71 ? 184 ASN A CB   1 
ATOM   962  C  CG   . ASN A 1 100 ? -2.571  -15.423 0.870   1.00 14.30 ? 184 ASN A CG   1 
ATOM   963  O  OD1  . ASN A 1 100 ? -3.546  -16.103 0.853   1.00 14.67 ? 184 ASN A OD1  1 
ATOM   964  N  ND2  . ASN A 1 100 ? -2.585  -14.160 0.576   1.00 16.64 ? 184 ASN A ND2  1 
ATOM   965  H  H    . ASN A 1 100 ? 1.250   -15.883 0.846   0.00 20.00 ? 184 ASN A H    1 
ATOM   966  H  HD21 . ASN A 1 100 ? -3.440  -13.781 0.322   0.00 20.00 ? 184 ASN A HD21 1 
ATOM   967  H  HD22 . ASN A 1 100 ? -1.798  -13.635 0.618   0.00 20.00 ? 184 ASN A HD22 1 
ATOM   968  N  N    . THR A 1 101 ? 1.380   -15.739 3.273   1.00 11.64 ? 185 THR A N    1 
ATOM   969  C  CA   . THR A 1 101 ? 1.878   -16.359 4.480   1.00 10.73 ? 185 THR A CA   1 
ATOM   970  C  C    . THR A 1 101 ? 3.011   -15.643 5.285   1.00 10.24 ? 185 THR A C    1 
ATOM   971  O  O    . THR A 1 101 ? 3.297   -14.430 5.119   1.00 10.06 ? 185 THR A O    1 
ATOM   972  C  CB   . THR A 1 101 ? 2.421   -17.738 4.072   1.00 10.55 ? 185 THR A CB   1 
ATOM   973  O  OG1  . THR A 1 101 ? 3.626   -17.508 3.352   1.00 10.41 ? 185 THR A OG1  1 
ATOM   974  C  CG2  . THR A 1 101 ? 1.492   -18.499 3.156   1.00 9.49  ? 185 THR A CG2  1 
ATOM   975  H  H    . THR A 1 101 ? 2.024   -15.511 2.593   0.00 20.00 ? 185 THR A H    1 
ATOM   976  H  HG1  . THR A 1 101 ? 3.525   -16.759 2.745   0.00 20.00 ? 185 THR A HG1  1 
ATOM   977  N  N    . SER A 1 102 ? 3.694   -16.416 6.126   1.00 9.84  ? 186 SER A N    1 
ATOM   978  C  CA   . SER A 1 102 ? 4.804   -15.825 6.897   1.00 9.74  ? 186 SER A CA   1 
ATOM   979  C  C    . SER A 1 102 ? 6.040   -15.707 6.024   1.00 10.17 ? 186 SER A C    1 
ATOM   980  O  O    . SER A 1 102 ? 7.035   -15.048 6.426   1.00 10.09 ? 186 SER A O    1 
ATOM   981  C  CB   . SER A 1 102 ? 5.158   -16.601 8.164   1.00 8.91  ? 186 SER A CB   1 
ATOM   982  O  OG   . SER A 1 102 ? 5.496   -17.923 7.837   1.00 6.74  ? 186 SER A OG   1 
ATOM   983  H  H    . SER A 1 102 ? 3.483   -17.344 6.260   0.00 20.00 ? 186 SER A H    1 
ATOM   984  H  HG   . SER A 1 102 ? 6.151   -17.915 7.202   0.00 20.00 ? 186 SER A HG   1 
ATOM   985  N  N    . ALA A 1 103 ? 6.016   -16.399 4.883   1.00 10.13 ? 187 ALA A N    1 
ATOM   986  C  CA   . ALA A 1 103 ? 7.142   -16.384 3.952   1.00 10.40 ? 187 ALA A CA   1 
ATOM   987  C  C    . ALA A 1 103 ? 7.296   -15.055 3.241   1.00 10.94 ? 187 ALA A C    1 
ATOM   988  O  O    . ALA A 1 103 ? 6.310   -14.396 2.880   1.00 10.79 ? 187 ALA A O    1 
ATOM   989  C  CB   . ALA A 1 103 ? 6.998   -17.511 2.932   1.00 10.92 ? 187 ALA A CB   1 
ATOM   990  H  H    . ALA A 1 103 ? 5.169   -16.860 4.601   0.00 20.00 ? 187 ALA A H    1 
ATOM   991  N  N    . ASN A 1 104 ? 8.541   -14.588 3.123   1.00 11.26 ? 188 ASN A N    1 
ATOM   992  C  CA   . ASN A 1 104 ? 8.801   -13.318 2.422   1.00 11.56 ? 188 ASN A CA   1 
ATOM   993  C  C    . ASN A 1 104 ? 8.237   -13.470 0.961   1.00 11.43 ? 188 ASN A C    1 
ATOM   994  O  O    . ASN A 1 104 ? 8.412   -14.505 0.309   1.00 11.21 ? 188 ASN A O    1 
ATOM   995  C  CB   . ASN A 1 104 ? 10.367  -13.116 2.372   1.00 12.12 ? 188 ASN A CB   1 
ATOM   996  C  CG   . ASN A 1 104 ? 10.929  -12.567 3.672   1.00 12.98 ? 188 ASN A CG   1 
ATOM   997  O  OD1  . ASN A 1 104 ? 10.242  -12.409 4.661   1.00 14.57 ? 188 ASN A OD1  1 
ATOM   998  N  ND2  . ASN A 1 104 ? 12.207  -12.259 3.667   1.00 13.69 ? 188 ASN A ND2  1 
ATOM   999  H  H    . ASN A 1 104 ? 9.266   -15.175 3.372   0.00 20.00 ? 188 ASN A H    1 
ATOM   1000 H  HD21 . ASN A 1 104 ? 12.548  -11.916 4.564   0.00 20.00 ? 188 ASN A HD21 1 
ATOM   1001 H  HD22 . ASN A 1 104 ? 12.755  -12.421 2.919   0.00 20.00 ? 188 ASN A HD22 1 
ATOM   1002 N  N    . TYR A 1 105 ? 7.415   -12.490 0.445   1.00 11.33 ? 189 TYR A N    1 
ATOM   1003 C  CA   . TYR A 1 105 ? 6.997   -11.233 1.050   1.00 11.15 ? 189 TYR A CA   1 
ATOM   1004 C  C    . TYR A 1 105 ? 5.439   -11.171 1.107   1.00 10.86 ? 189 TYR A C    1 
ATOM   1005 O  O    . TYR A 1 105 ? 4.734   -11.303 0.068   1.00 10.59 ? 189 TYR A O    1 
ATOM   1006 C  CB   . TYR A 1 105 ? 7.484   -10.078 0.169   1.00 11.72 ? 189 TYR A CB   1 
ATOM   1007 C  CG   . TYR A 1 105 ? 8.954   -9.859  0.339   1.00 12.80 ? 189 TYR A CG   1 
ATOM   1008 C  CD1  . TYR A 1 105 ? 9.430   -9.377  1.553   1.00 13.02 ? 189 TYR A CD1  1 
ATOM   1009 C  CD2  . TYR A 1 105 ? 9.880   -10.191 -0.647  1.00 12.63 ? 189 TYR A CD2  1 
ATOM   1010 C  CE1  . TYR A 1 105 ? 10.773  -9.229  1.823   1.00 12.20 ? 189 TYR A CE1  1 
ATOM   1011 C  CE2  . TYR A 1 105 ? 11.236  -10.054 -0.410  1.00 12.26 ? 189 TYR A CE2  1 
ATOM   1012 C  CZ   . TYR A 1 105 ? 11.712  -9.576  0.840   1.00 13.37 ? 189 TYR A CZ   1 
ATOM   1013 O  OH   . TYR A 1 105 ? 13.102  -9.469  1.115   1.00 12.50 ? 189 TYR A OH   1 
ATOM   1014 H  H    . TYR A 1 105 ? 7.132   -12.705 -0.468  0.00 20.00 ? 189 TYR A H    1 
ATOM   1015 H  HH   . TYR A 1 105 ? 13.121  -9.159  1.968   0.00 20.00 ? 189 TYR A HH   1 
ATOM   1016 N  N    . ASN A 1 106 ? 4.946   -10.929 2.315   1.00 9.74  ? 190 ASN A N    1 
ATOM   1017 C  CA   . ASN A 1 106 ? 3.516   -10.840 2.587   1.00 9.03  ? 190 ASN A CA   1 
ATOM   1018 C  C    . ASN A 1 106 ? 2.950   -9.589  1.910   1.00 8.31  ? 190 ASN A C    1 
ATOM   1019 O  O    . ASN A 1 106 ? 3.313   -8.449  2.258   1.00 8.24  ? 190 ASN A O    1 
ATOM   1020 C  CB   . ASN A 1 106 ? 3.240   -10.823 4.115   1.00 8.60  ? 190 ASN A CB   1 
ATOM   1021 C  CG   . ASN A 1 106 ? 1.769   -11.015 4.433   1.00 7.88  ? 190 ASN A CG   1 
ATOM   1022 O  OD1  . ASN A 1 106 ? 0.947   -10.107 4.325   1.00 8.87  ? 190 ASN A OD1  1 
ATOM   1023 N  ND2  . ASN A 1 106 ? 1.419   -12.216 4.779   1.00 7.55  ? 190 ASN A ND2  1 
ATOM   1024 H  H    . ASN A 1 106 ? 5.547   -10.772 3.046   0.00 20.00 ? 190 ASN A H    1 
ATOM   1025 H  HD21 . ASN A 1 106 ? 0.500   -12.326 5.027   0.00 20.00 ? 190 ASN A HD21 1 
ATOM   1026 H  HD22 . ASN A 1 106 ? 2.128   -12.872 4.774   0.00 20.00 ? 190 ASN A HD22 1 
ATOM   1027 N  N    . LEU A 1 107 ? 2.081   -9.828  0.932   1.00 8.13  ? 191 LEU A N    1 
ATOM   1028 C  CA   . LEU A 1 107 ? 1.404   -8.765  0.123   1.00 7.41  ? 191 LEU A CA   1 
ATOM   1029 C  C    . LEU A 1 107 ? 0.501   -7.791  0.929   1.00 6.77  ? 191 LEU A C    1 
ATOM   1030 O  O    . LEU A 1 107 ? 0.451   -6.580  0.665   1.00 6.22  ? 191 LEU A O    1 
ATOM   1031 C  CB   . LEU A 1 107 ? 0.589   -9.377  -1.037  1.00 6.41  ? 191 LEU A CB   1 
ATOM   1032 C  CG   . LEU A 1 107 ? -0.001  -8.281  -1.949  1.00 6.11  ? 191 LEU A CG   1 
ATOM   1033 C  CD1  . LEU A 1 107 ? 1.015   -7.400  -2.649  1.00 6.02  ? 191 LEU A CD1  1 
ATOM   1034 C  CD2  . LEU A 1 107 ? -0.878  -8.939  -2.938  1.00 6.00  ? 191 LEU A CD2  1 
ATOM   1035 H  H    . LEU A 1 107 ? 1.845   -10.774 0.735   0.00 20.00 ? 191 LEU A H    1 
ATOM   1036 N  N    . PHE A 1 108 ? -0.211  -8.335  1.906   1.00 6.98  ? 192 PHE A N    1 
ATOM   1037 C  CA   . PHE A 1 108 ? -1.061  -7.510  2.770   1.00 6.45  ? 192 PHE A CA   1 
ATOM   1038 C  C    . PHE A 1 108 ? -0.170  -6.502  3.575   1.00 6.19  ? 192 PHE A C    1 
ATOM   1039 O  O    . PHE A 1 108 ? -0.446  -5.317  3.636   1.00 6.00  ? 192 PHE A O    1 
ATOM   1040 C  CB   . PHE A 1 108 ? -1.770  -8.425  3.757   1.00 6.64  ? 192 PHE A CB   1 
ATOM   1041 C  CG   . PHE A 1 108 ? -2.301  -7.700  4.963   1.00 6.12  ? 192 PHE A CG   1 
ATOM   1042 C  CD1  . PHE A 1 108 ? -3.373  -6.778  4.863   1.00 6.00  ? 192 PHE A CD1  1 
ATOM   1043 C  CD2  . PHE A 1 108 ? -1.742  -7.974  6.194   1.00 6.00  ? 192 PHE A CD2  1 
ATOM   1044 C  CE1  . PHE A 1 108 ? -3.882  -6.141  6.016   1.00 6.02  ? 192 PHE A CE1  1 
ATOM   1045 C  CE2  . PHE A 1 108 ? -2.197  -7.384  7.306   1.00 6.00  ? 192 PHE A CE2  1 
ATOM   1046 C  CZ   . PHE A 1 108 ? -3.281  -6.454  7.233   1.00 6.76  ? 192 PHE A CZ   1 
ATOM   1047 H  H    . PHE A 1 108 ? -0.221  -9.293  2.005   0.00 20.00 ? 192 PHE A H    1 
ATOM   1048 N  N    . LEU A 1 109 ? 0.879   -6.980  4.214   1.00 6.23  ? 193 LEU A N    1 
ATOM   1049 C  CA   . LEU A 1 109 ? 1.799   -6.072  4.994   1.00 6.29  ? 193 LEU A CA   1 
ATOM   1050 C  C    . LEU A 1 109 ? 2.493   -5.025  4.152   1.00 6.00  ? 193 LEU A C    1 
ATOM   1051 O  O    . LEU A 1 109 ? 2.533   -3.878  4.548   1.00 6.20  ? 193 LEU A O    1 
ATOM   1052 C  CB   . LEU A 1 109 ? 2.849   -6.851  5.769   1.00 6.13  ? 193 LEU A CB   1 
ATOM   1053 C  CG   . LEU A 1 109 ? 2.269   -7.694  6.922   1.00 6.00  ? 193 LEU A CG   1 
ATOM   1054 C  CD1  . LEU A 1 109 ? 3.279   -8.591  7.586   1.00 6.00  ? 193 LEU A CD1  1 
ATOM   1055 C  CD2  . LEU A 1 109 ? 1.660   -6.747  7.905   1.00 6.69  ? 193 LEU A CD2  1 
ATOM   1056 H  H    . LEU A 1 109 ? 1.021   -7.949  4.204   0.00 20.00 ? 193 LEU A H    1 
ATOM   1057 N  N    . VAL A 1 110 ? 3.008   -5.408  2.982   1.00 6.00  ? 194 VAL A N    1 
ATOM   1058 C  CA   . VAL A 1 110 ? 3.621   -4.432  2.102   1.00 6.00  ? 194 VAL A CA   1 
ATOM   1059 C  C    . VAL A 1 110 ? 2.595   -3.405  1.579   1.00 6.00  ? 194 VAL A C    1 
ATOM   1060 O  O    . VAL A 1 110 ? 2.884   -2.205  1.534   1.00 6.00  ? 194 VAL A O    1 
ATOM   1061 C  CB   . VAL A 1 110 ? 4.323   -5.121  0.890   1.00 6.00  ? 194 VAL A CB   1 
ATOM   1062 C  CG1  . VAL A 1 110 ? 4.958   -4.030  -0.065  1.00 6.00  ? 194 VAL A CG1  1 
ATOM   1063 C  CG2  . VAL A 1 110 ? 5.422   -6.079  1.427   1.00 6.01  ? 194 VAL A CG2  1 
ATOM   1064 H  H    . VAL A 1 110 ? 2.995   -6.343  2.729   0.00 20.00 ? 194 VAL A H    1 
ATOM   1065 N  N    . ALA A 1 111 ? 1.383   -3.890  1.211   1.00 6.53  ? 195 ALA A N    1 
ATOM   1066 C  CA   . ALA A 1 111 ? 0.317   -3.042  0.667   1.00 6.00  ? 195 ALA A CA   1 
ATOM   1067 C  C    . ALA A 1 111 ? -0.058  -2.016  1.727   1.00 6.00  ? 195 ALA A C    1 
ATOM   1068 O  O    . ALA A 1 111 ? -0.050  -0.835  1.434   1.00 6.00  ? 195 ALA A O    1 
ATOM   1069 C  CB   . ALA A 1 111 ? -0.908  -3.933  0.215   1.00 6.00  ? 195 ALA A CB   1 
ATOM   1070 H  H    . ALA A 1 111 ? 1.248   -4.876  1.160   0.00 20.00 ? 195 ALA A H    1 
ATOM   1071 N  N    . ALA A 1 112 ? -0.295  -2.484  2.960   1.00 6.00  ? 196 ALA A N    1 
ATOM   1072 C  CA   . ALA A 1 112 ? -0.676  -1.648  4.116   1.00 6.00  ? 196 ALA A CA   1 
ATOM   1073 C  C    . ALA A 1 112 ? 0.329   -0.547  4.281   1.00 6.03  ? 196 ALA A C    1 
ATOM   1074 O  O    . ALA A 1 112 ? -0.065  0.617   4.431   1.00 6.00  ? 196 ALA A O    1 
ATOM   1075 C  CB   . ALA A 1 112 ? -0.793  -2.516  5.415   1.00 6.00  ? 196 ALA A CB   1 
ATOM   1076 H  H    . ALA A 1 112 ? -0.201  -3.457  3.136   0.00 20.00 ? 196 ALA A H    1 
ATOM   1077 N  N    . HIS A 1 113 ? 1.624   -0.922  4.227   1.00 6.01  ? 197 HIS A N    1 
ATOM   1078 C  CA   . HIS A 1 113 ? 2.715   0.045   4.302   1.00 6.12  ? 197 HIS A CA   1 
ATOM   1079 C  C    . HIS A 1 113 ? 2.665   1.080   3.154   1.00 6.21  ? 197 HIS A C    1 
ATOM   1080 O  O    . HIS A 1 113 ? 2.862   2.290   3.415   1.00 6.00  ? 197 HIS A O    1 
ATOM   1081 C  CB   . HIS A 1 113 ? 4.093   -0.685  4.312   1.00 6.13  ? 197 HIS A CB   1 
ATOM   1082 C  CG   . HIS A 1 113 ? 5.268   0.244   4.253   1.00 6.00  ? 197 HIS A CG   1 
ATOM   1083 N  ND1  . HIS A 1 113 ? 6.031   0.590   5.335   1.00 6.00  ? 197 HIS A ND1  1 
ATOM   1084 C  CD2  . HIS A 1 113 ? 5.794   0.934   3.208   1.00 6.00  ? 197 HIS A CD2  1 
ATOM   1085 C  CE1  . HIS A 1 113 ? 6.966   1.460   4.938   1.00 6.14  ? 197 HIS A CE1  1 
ATOM   1086 N  NE2  . HIS A 1 113 ? 6.869   1.703   3.644   1.00 6.01  ? 197 HIS A NE2  1 
ATOM   1087 H  H    . HIS A 1 113 ? 1.845   -1.865  4.140   0.00 20.00 ? 197 HIS A H    1 
ATOM   1088 H  HD1  . HIS A 1 113 ? 5.897   0.300   6.296   0.00 20.00 ? 197 HIS A HD1  1 
ATOM   1089 N  N    . GLU A 1 114 ? 2.464   0.622   1.886   1.00 6.00  ? 198 GLU A N    1 
ATOM   1090 C  CA   . GLU A 1 114 ? 2.420   1.529   0.727   1.00 6.37  ? 198 GLU A CA   1 
ATOM   1091 C  C    . GLU A 1 114 ? 1.229   2.510   0.793   1.00 6.14  ? 198 GLU A C    1 
ATOM   1092 O  O    . GLU A 1 114 ? 1.398   3.691   0.509   1.00 6.00  ? 198 GLU A O    1 
ATOM   1093 C  CB   . GLU A 1 114 ? 2.396   0.758   -0.629  1.00 6.39  ? 198 GLU A CB   1 
ATOM   1094 C  CG   . GLU A 1 114 ? 3.619   -0.107  -0.853  1.00 6.62  ? 198 GLU A CG   1 
ATOM   1095 C  CD   . GLU A 1 114 ? 4.905   0.772   -0.704  1.00 6.98  ? 198 GLU A CD   1 
ATOM   1096 O  OE1  . GLU A 1 114 ? 4.839   1.915   -1.177  1.00 7.98  ? 198 GLU A OE1  1 
ATOM   1097 O  OE2  . GLU A 1 114 ? 5.929   0.367   -0.098  1.00 6.94  ? 198 GLU A OE2  1 
ATOM   1098 H  H    . GLU A 1 114 ? 2.488   -0.357  1.733   0.00 20.00 ? 198 GLU A H    1 
ATOM   1099 N  N    . PHE A 1 115 ? 0.044   2.011   1.186   1.00 6.45  ? 199 PHE A N    1 
ATOM   1100 C  CA   . PHE A 1 115 ? -1.170  2.856   1.335   1.00 6.00  ? 199 PHE A CA   1 
ATOM   1101 C  C    . PHE A 1 115 ? -0.936  3.981   2.389   1.00 6.38  ? 199 PHE A C    1 
ATOM   1102 O  O    . PHE A 1 115 ? -1.565  5.042   2.317   1.00 6.47  ? 199 PHE A O    1 
ATOM   1103 C  CB   . PHE A 1 115 ? -2.432  1.995   1.616   1.00 6.20  ? 199 PHE A CB   1 
ATOM   1104 C  CG   . PHE A 1 115 ? -2.719  1.001   0.518   1.00 6.00  ? 199 PHE A CG   1 
ATOM   1105 C  CD1  . PHE A 1 115 ? -2.177  1.185   -0.743  1.00 6.37  ? 199 PHE A CD1  1 
ATOM   1106 C  CD2  . PHE A 1 115 ? -3.470  -0.118  0.749   1.00 6.00  ? 199 PHE A CD2  1 
ATOM   1107 C  CE1  . PHE A 1 115 ? -2.363  0.256   -1.798  1.00 6.01  ? 199 PHE A CE1  1 
ATOM   1108 C  CE2  . PHE A 1 115 ? -3.663  -1.061  -0.279  1.00 6.81  ? 199 PHE A CE2  1 
ATOM   1109 C  CZ   . PHE A 1 115 ? -3.094  -0.857  -1.581  1.00 6.60  ? 199 PHE A CZ   1 
ATOM   1110 H  H    . PHE A 1 115 ? -0.021  1.016   1.416   0.00 20.00 ? 199 PHE A H    1 
ATOM   1111 N  N    . GLY A 1 116 ? -0.070  3.763   3.373   1.00 6.00  ? 200 GLY A N    1 
ATOM   1112 C  CA   . GLY A 1 116 ? 0.235   4.856   4.292   1.00 6.30  ? 200 GLY A CA   1 
ATOM   1113 C  C    . GLY A 1 116 ? 0.849   6.046   3.507   1.00 6.00  ? 200 GLY A C    1 
ATOM   1114 O  O    . GLY A 1 116 ? 0.569   7.238   3.740   1.00 6.00  ? 200 GLY A O    1 
ATOM   1115 H  H    . GLY A 1 116 ? 0.283   2.873   3.582   0.00 20.00 ? 200 GLY A H    1 
ATOM   1116 N  N    . HIS A 1 117 ? 1.699   5.708   2.585   1.00 6.00  ? 201 HIS A N    1 
ATOM   1117 C  CA   . HIS A 1 117 ? 2.389   6.739   1.774   1.00 6.59  ? 201 HIS A CA   1 
ATOM   1118 C  C    . HIS A 1 117 ? 1.395   7.395   0.882   1.00 6.05  ? 201 HIS A C    1 
ATOM   1119 O  O    . HIS A 1 117 ? 1.477   8.589   0.621   1.00 6.36  ? 201 HIS A O    1 
ATOM   1120 C  CB   . HIS A 1 117 ? 3.470   6.139   0.878   1.00 6.14  ? 201 HIS A CB   1 
ATOM   1121 C  CG   . HIS A 1 117 ? 4.699   5.686   1.589   1.00 6.00  ? 201 HIS A CG   1 
ATOM   1122 N  ND1  . HIS A 1 117 ? 5.483   6.495   2.383   1.00 6.00  ? 201 HIS A ND1  1 
ATOM   1123 C  CD2  . HIS A 1 117 ? 5.343   4.495   1.522   1.00 6.00  ? 201 HIS A CD2  1 
ATOM   1124 C  CE1  . HIS A 1 117 ? 6.564   5.784   2.760   1.00 6.30  ? 201 HIS A CE1  1 
ATOM   1125 N  NE2  . HIS A 1 117 ? 6.544   4.571   2.268   1.00 6.00  ? 201 HIS A NE2  1 
ATOM   1126 H  H    . HIS A 1 117 ? 2.014   4.787   2.567   0.00 20.00 ? 201 HIS A H    1 
ATOM   1127 H  HD1  . HIS A 1 117 ? 5.300   7.416   2.630   0.00 20.00 ? 201 HIS A HD1  1 
ATOM   1128 N  N    . SER A 1 118 ? 0.511   6.553   0.313   1.00 6.67  ? 202 SER A N    1 
ATOM   1129 C  CA   . SER A 1 118 ? -0.546  7.029   -0.593  1.00 6.86  ? 202 SER A CA   1 
ATOM   1130 C  C    . SER A 1 118 ? -1.460  8.040   0.064   1.00 7.10  ? 202 SER A C    1 
ATOM   1131 O  O    . SER A 1 118 ? -2.044  8.865   -0.618  1.00 6.70  ? 202 SER A O    1 
ATOM   1132 C  CB   . SER A 1 118 ? -1.425  5.876   -1.139  1.00 6.98  ? 202 SER A CB   1 
ATOM   1133 O  OG   . SER A 1 118 ? -0.693  4.897   -1.851  1.00 6.01  ? 202 SER A OG   1 
ATOM   1134 H  H    . SER A 1 118 ? 0.665   5.583   0.422   0.00 20.00 ? 202 SER A H    1 
ATOM   1135 H  HG   . SER A 1 118 ? -0.268  5.296   -2.590  0.00 20.00 ? 202 SER A HG   1 
ATOM   1136 N  N    . LEU A 1 119 ? -1.618  7.914   1.393   1.00 7.79  ? 203 LEU A N    1 
ATOM   1137 C  CA   . LEU A 1 119 ? -2.453  8.791   2.209   1.00 7.63  ? 203 LEU A CA   1 
ATOM   1138 C  C    . LEU A 1 119 ? -1.711  9.961   2.794   1.00 8.29  ? 203 LEU A C    1 
ATOM   1139 O  O    . LEU A 1 119 ? -2.309  10.852  3.461   1.00 8.53  ? 203 LEU A O    1 
ATOM   1140 C  CB   . LEU A 1 119 ? -3.090  7.967   3.306   1.00 7.84  ? 203 LEU A CB   1 
ATOM   1141 C  CG   . LEU A 1 119 ? -4.047  6.949   2.647   1.00 7.23  ? 203 LEU A CG   1 
ATOM   1142 C  CD1  . LEU A 1 119 ? -4.475  6.050   3.810   1.00 7.20  ? 203 LEU A CD1  1 
ATOM   1143 C  CD2  . LEU A 1 119 ? -5.360  7.566   1.979   1.00 6.75  ? 203 LEU A CD2  1 
ATOM   1144 H  H    . LEU A 1 119 ? -1.153  7.164   1.848   0.00 20.00 ? 203 LEU A H    1 
ATOM   1145 N  N    . GLY A 1 120 ? -0.396  9.955   2.594   1.00 8.61  ? 204 GLY A N    1 
ATOM   1146 C  CA   . GLY A 1 120 ? 0.386   11.065  3.083   1.00 9.01  ? 204 GLY A CA   1 
ATOM   1147 C  C    . GLY A 1 120 ? 1.331   10.860  4.253   1.00 10.08 ? 204 GLY A C    1 
ATOM   1148 O  O    . GLY A 1 120 ? 1.879   11.827  4.751   1.00 10.55 ? 204 GLY A O    1 
ATOM   1149 H  H    . GLY A 1 120 ? 0.055   9.189   2.159   0.00 20.00 ? 204 GLY A H    1 
ATOM   1150 N  N    . LEU A 1 121 ? 1.537   9.645   4.726   1.00 10.45 ? 205 LEU A N    1 
ATOM   1151 C  CA   . LEU A 1 121 ? 2.462   9.467   5.823   1.00 10.74 ? 205 LEU A CA   1 
ATOM   1152 C  C    . LEU A 1 121 ? 3.887   9.191   5.284   1.00 10.36 ? 205 LEU A C    1 
ATOM   1153 O  O    . LEU A 1 121 ? 4.064   8.646   4.171   1.00 10.05 ? 205 LEU A O    1 
ATOM   1154 C  CB   . LEU A 1 121 ? 2.033   8.267   6.673   1.00 12.20 ? 205 LEU A CB   1 
ATOM   1155 C  CG   . LEU A 1 121 ? 1.047   8.349   7.810   1.00 13.36 ? 205 LEU A CG   1 
ATOM   1156 C  CD1  . LEU A 1 121 ? -0.193  8.945   7.361   1.00 15.23 ? 205 LEU A CD1  1 
ATOM   1157 C  CD2  . LEU A 1 121 ? 0.775   6.947   8.260   1.00 15.12 ? 205 LEU A CD2  1 
ATOM   1158 H  H    . LEU A 1 121 ? 1.070   8.864   4.329   0.00 20.00 ? 205 LEU A H    1 
ATOM   1159 N  N    . ALA A 1 122 ? 4.893   9.596   6.067   1.00 9.38  ? 206 ALA A N    1 
ATOM   1160 C  CA   . ALA A 1 122 ? 6.293   9.328   5.747   1.00 9.09  ? 206 ALA A CA   1 
ATOM   1161 C  C    . ALA A 1 122 ? 6.757   8.133   6.617   1.00 9.21  ? 206 ALA A C    1 
ATOM   1162 O  O    . ALA A 1 122 ? 5.959   7.591   7.443   1.00 9.62  ? 206 ALA A O    1 
ATOM   1163 C  CB   . ALA A 1 122 ? 7.103   10.501  6.048   1.00 10.01 ? 206 ALA A CB   1 
ATOM   1164 H  H    . ALA A 1 122 ? 4.669   10.020  6.890   0.00 20.00 ? 206 ALA A H    1 
ATOM   1165 N  N    . HIS A 1 123 ? 7.995   7.684   6.440   1.00 8.70  ? 207 HIS A N    1 
ATOM   1166 C  CA   . HIS A 1 123 ? 8.477   6.566   7.231   1.00 8.41  ? 207 HIS A CA   1 
ATOM   1167 C  C    . HIS A 1 123 ? 8.593   6.991   8.696   1.00 9.11  ? 207 HIS A C    1 
ATOM   1168 O  O    . HIS A 1 123 ? 8.801   8.174   9.001   1.00 8.93  ? 207 HIS A O    1 
ATOM   1169 C  CB   . HIS A 1 123 ? 9.838   6.127   6.721   1.00 7.85  ? 207 HIS A CB   1 
ATOM   1170 C  CG   . HIS A 1 123 ? 9.792   5.297   5.477   1.00 7.20  ? 207 HIS A CG   1 
ATOM   1171 N  ND1  . HIS A 1 123 ? 10.788  5.303   4.520   1.00 6.93  ? 207 HIS A ND1  1 
ATOM   1172 C  CD2  . HIS A 1 123 ? 8.830   4.461   5.009   1.00 6.70  ? 207 HIS A CD2  1 
ATOM   1173 C  CE1  . HIS A 1 123 ? 10.425  4.514   3.503   1.00 6.31  ? 207 HIS A CE1  1 
ATOM   1174 N  NE2  . HIS A 1 123 ? 9.256   3.979   3.739   1.00 7.04  ? 207 HIS A NE2  1 
ATOM   1175 H  H    . HIS A 1 123 ? 8.550   8.039   5.741   0.00 20.00 ? 207 HIS A H    1 
ATOM   1176 H  HD1  . HIS A 1 123 ? 11.611  5.763   4.603   0.00 20.00 ? 207 HIS A HD1  1 
ATOM   1177 N  N    . SER A 1 124 ? 8.465   6.024   9.596   1.00 9.64  ? 208 SER A N    1 
ATOM   1178 C  CA   . SER A 1 124 ? 8.605   6.268   11.025  1.00 10.41 ? 208 SER A CA   1 
ATOM   1179 C  C    . SER A 1 124 ? 9.937   5.677   11.570  1.00 11.10 ? 208 SER A C    1 
ATOM   1180 O  O    . SER A 1 124 ? 10.428  4.673   11.089  1.00 10.54 ? 208 SER A O    1 
ATOM   1181 C  CB   . SER A 1 124 ? 7.495   5.574   11.764  1.00 10.22 ? 208 SER A CB   1 
ATOM   1182 O  OG   . SER A 1 124 ? 7.672   5.788   13.149  1.00 9.78  ? 208 SER A OG   1 
ATOM   1183 H  H    . SER A 1 124 ? 8.345   5.101   9.276   0.00 20.00 ? 208 SER A H    1 
ATOM   1184 H  HG   . SER A 1 124 ? 8.377   5.238   13.357  0.00 20.00 ? 208 SER A HG   1 
ATOM   1185 N  N    . SER A 1 125 ? 10.470  6.277   12.633  1.00 12.34 ? 209 SER A N    1 
ATOM   1186 C  CA   . SER A 1 125 ? 11.687  5.734   13.244  1.00 13.49 ? 209 SER A CA   1 
ATOM   1187 C  C    . SER A 1 125 ? 11.290  4.760   14.319  1.00 13.99 ? 209 SER A C    1 
ATOM   1188 O  O    . SER A 1 125 ? 12.154  4.102   14.880  1.00 14.45 ? 209 SER A O    1 
ATOM   1189 C  CB   . SER A 1 125 ? 12.556  6.804   13.870  1.00 13.80 ? 209 SER A CB   1 
ATOM   1190 O  OG   . SER A 1 125 ? 11.821  7.443   14.912  1.00 15.63 ? 209 SER A OG   1 
ATOM   1191 H  H    . SER A 1 125 ? 10.038  7.093   12.991  0.00 20.00 ? 209 SER A H    1 
ATOM   1192 H  HG   . SER A 1 125 ? 11.002  7.823   14.548  0.00 20.00 ? 209 SER A HG   1 
ATOM   1193 N  N    . ASP A 1 126 ? 9.995   4.663   14.622  1.00 14.39 ? 210 ASP A N    1 
ATOM   1194 C  CA   . ASP A 1 126 ? 9.505   3.701   15.617  1.00 14.70 ? 210 ASP A CA   1 
ATOM   1195 C  C    . ASP A 1 126 ? 9.505   2.299   14.975  1.00 14.71 ? 210 ASP A C    1 
ATOM   1196 O  O    . ASP A 1 126 ? 8.639   2.002   14.115  1.00 14.38 ? 210 ASP A O    1 
ATOM   1197 C  CB   . ASP A 1 126 ? 8.066   4.054   16.064  1.00 15.52 ? 210 ASP A CB   1 
ATOM   1198 C  CG   . ASP A 1 126 ? 7.518   3.103   17.164  1.00 16.45 ? 210 ASP A CG   1 
ATOM   1199 O  OD1  . ASP A 1 126 ? 8.042   1.984   17.414  1.00 17.37 ? 210 ASP A OD1  1 
ATOM   1200 O  OD2  . ASP A 1 126 ? 6.517   3.509   17.802  1.00 17.84 ? 210 ASP A OD2  1 
ATOM   1201 H  H    . ASP A 1 126 ? 9.315   5.158   14.169  0.00 20.00 ? 210 ASP A H    1 
ATOM   1202 N  N    . PRO A 1 127 ? 10.408  1.390   15.459  1.00 14.66 ? 211 PRO A N    1 
ATOM   1203 C  CA   . PRO A 1 127 ? 10.526  0.011   14.940  1.00 14.78 ? 211 PRO A CA   1 
ATOM   1204 C  C    . PRO A 1 127 ? 9.282   -0.853  15.071  1.00 14.49 ? 211 PRO A C    1 
ATOM   1205 O  O    . PRO A 1 127 ? 9.201   -1.904  14.428  1.00 14.35 ? 211 PRO A O    1 
ATOM   1206 C  CB   . PRO A 1 127 ? 11.700  -0.580  15.727  1.00 14.93 ? 211 PRO A CB   1 
ATOM   1207 C  CG   . PRO A 1 127 ? 11.657  0.163   17.000  1.00 15.53 ? 211 PRO A CG   1 
ATOM   1208 C  CD   . PRO A 1 127 ? 11.366  1.606   16.551  1.00 15.37 ? 211 PRO A CD   1 
ATOM   1209 N  N    . GLY A 1 128 ? 8.335   -0.429  15.903  1.00 14.06 ? 212 GLY A N    1 
ATOM   1210 C  CA   . GLY A 1 128 ? 7.097   -1.195  16.040  1.00 13.36 ? 212 GLY A CA   1 
ATOM   1211 C  C    . GLY A 1 128 ? 6.019   -0.689  15.100  1.00 12.68 ? 212 GLY A C    1 
ATOM   1212 O  O    . GLY A 1 128 ? 4.967   -1.318  14.993  1.00 12.96 ? 212 GLY A O    1 
ATOM   1213 H  H    . GLY A 1 128 ? 8.423   0.380   16.385  0.00 20.00 ? 212 GLY A H    1 
ATOM   1214 N  N    . ALA A 1 129 ? 6.298   0.418   14.407  1.00 11.75 ? 213 ALA A N    1 
ATOM   1215 C  CA   . ALA A 1 129 ? 5.369   0.995   13.456  1.00 11.62 ? 213 ALA A CA   1 
ATOM   1216 C  C    . ALA A 1 129 ? 5.371   0.357   12.051  1.00 11.07 ? 213 ALA A C    1 
ATOM   1217 O  O    . ALA A 1 129 ? 6.404   0.014   11.513  1.00 10.84 ? 213 ALA A O    1 
ATOM   1218 C  CB   . ALA A 1 129 ? 5.616   2.444   13.328  1.00 11.71 ? 213 ALA A CB   1 
ATOM   1219 H  H    . ALA A 1 129 ? 7.167   0.849   14.472  0.00 20.00 ? 213 ALA A H    1 
ATOM   1220 N  N    . LEU A 1 130 ? 4.212   0.343   11.416  1.00 10.52 ? 214 LEU A N    1 
ATOM   1221 C  CA   . LEU A 1 130 ? 4.037   -0.210  10.066  1.00 10.12 ? 214 LEU A CA   1 
ATOM   1222 C  C    . LEU A 1 130 ? 4.893   0.643   9.078   1.00 9.95  ? 214 LEU A C    1 
ATOM   1223 O  O    . LEU A 1 130 ? 5.478   0.136   8.104   1.00 10.25 ? 214 LEU A O    1 
ATOM   1224 C  CB   . LEU A 1 130 ? 2.531   -0.163  9.678   1.00 9.46  ? 214 LEU A CB   1 
ATOM   1225 C  CG   . LEU A 1 130 ? 2.089   -0.711  8.310   1.00 10.41 ? 214 LEU A CG   1 
ATOM   1226 C  CD1  . LEU A 1 130 ? 2.508   -2.150  8.062   1.00 9.47  ? 214 LEU A CD1  1 
ATOM   1227 C  CD2  . LEU A 1 130 ? 0.614   -0.581  8.173   1.00 10.65 ? 214 LEU A CD2  1 
ATOM   1228 H  H    . LEU A 1 130 ? 3.414   0.636   11.854  0.00 20.00 ? 214 LEU A H    1 
ATOM   1229 N  N    . MET A 1 131 ? 4.938   1.938   9.355   1.00 9.56  ? 215 MET A N    1 
ATOM   1230 C  CA   . MET A 1 131 ? 5.657   2.882   8.498   1.00 9.27  ? 215 MET A CA   1 
ATOM   1231 C  C    . MET A 1 131 ? 7.153   2.907   8.699   1.00 8.38  ? 215 MET A C    1 
ATOM   1232 O  O    . MET A 1 131 ? 7.873   3.693   8.068   1.00 7.70  ? 215 MET A O    1 
ATOM   1233 C  CB   . MET A 1 131 ? 5.070   4.285   8.540   1.00 9.13  ? 215 MET A CB   1 
ATOM   1234 C  CG   . MET A 1 131 ? 3.664   4.367   7.957   1.00 9.18  ? 215 MET A CG   1 
ATOM   1235 S  SD   . MET A 1 131 ? 3.463   3.583   6.334   1.00 9.40  ? 215 MET A SD   1 
ATOM   1236 C  CE   . MET A 1 131 ? 2.555   2.197   6.757   0.00 9.32  ? 215 MET A CE   1 
ATOM   1237 H  H    . MET A 1 131 ? 4.409   2.305   10.082  0.00 20.00 ? 215 MET A H    1 
ATOM   1238 N  N    . TYR A 1 132 ? 7.599   2.005   9.543   1.00 8.76  ? 216 TYR A N    1 
ATOM   1239 C  CA   . TYR A 1 132 ? 9.046   1.828   9.739   1.00 9.17  ? 216 TYR A CA   1 
ATOM   1240 C  C    . TYR A 1 132 ? 9.654   1.419   8.317   1.00 9.31  ? 216 TYR A C    1 
ATOM   1241 O  O    . TYR A 1 132 ? 9.061   0.624   7.548   1.00 8.38  ? 216 TYR A O    1 
ATOM   1242 C  CB   . TYR A 1 132 ? 9.331   0.769   10.839  1.00 9.52  ? 216 TYR A CB   1 
ATOM   1243 C  CG   . TYR A 1 132 ? 10.767  0.648   11.226  1.00 9.01  ? 216 TYR A CG   1 
ATOM   1244 C  CD1  . TYR A 1 132 ? 11.390  1.641   11.986  1.00 9.94  ? 216 TYR A CD1  1 
ATOM   1245 C  CD2  . TYR A 1 132 ? 11.478  -0.460  10.849  1.00 10.02 ? 216 TYR A CD2  1 
ATOM   1246 C  CE1  . TYR A 1 132 ? 12.729  1.522   12.372  1.00 10.35 ? 216 TYR A CE1  1 
ATOM   1247 C  CE2  . TYR A 1 132 ? 12.814  -0.618  11.209  1.00 10.27 ? 216 TYR A CE2  1 
ATOM   1248 C  CZ   . TYR A 1 132 ? 13.458  0.363   11.967  1.00 10.84 ? 216 TYR A CZ   1 
ATOM   1249 O  OH   . TYR A 1 132 ? 14.828  0.170   12.246  1.00 11.86 ? 216 TYR A OH   1 
ATOM   1250 H  H    . TYR A 1 132 ? 7.020   1.361   10.007  0.00 20.00 ? 216 TYR A H    1 
ATOM   1251 H  HH   . TYR A 1 132 ? 15.087  0.905   12.823  0.00 20.00 ? 216 TYR A HH   1 
ATOM   1252 N  N    . PRO A 1 133 ? 10.864  1.948   7.963   1.00 9.88  ? 217 PRO A N    1 
ATOM   1253 C  CA   . PRO A 1 133 ? 11.496  1.653   6.650   1.00 10.18 ? 217 PRO A CA   1 
ATOM   1254 C  C    . PRO A 1 133 ? 11.743  0.214   6.184   1.00 10.82 ? 217 PRO A C    1 
ATOM   1255 O  O    . PRO A 1 133 ? 11.643  -0.069  4.986   1.00 11.38 ? 217 PRO A O    1 
ATOM   1256 C  CB   . PRO A 1 133 ? 12.784  2.463   6.678   1.00 9.96  ? 217 PRO A CB   1 
ATOM   1257 C  CG   . PRO A 1 133 ? 12.495  3.597   7.726   1.00 8.84  ? 217 PRO A CG   1 
ATOM   1258 C  CD   . PRO A 1 133 ? 11.734  2.812   8.788   1.00 9.12  ? 217 PRO A CD   1 
ATOM   1259 N  N    . ASN A 1 134 ? 12.034  -0.712  7.095   1.00 10.87 ? 218 ASN A N    1 
ATOM   1260 C  CA   . ASN A 1 134 ? 12.295  -2.077  6.676   1.00 11.12 ? 218 ASN A CA   1 
ATOM   1261 C  C    . ASN A 1 134 ? 11.160  -3.059  6.991   1.00 11.00 ? 218 ASN A C    1 
ATOM   1262 O  O    . ASN A 1 134 ? 10.499  -2.931  8.025   1.00 11.65 ? 218 ASN A O    1 
ATOM   1263 C  CB   . ASN A 1 134 ? 13.621  -2.543  7.296   1.00 12.37 ? 218 ASN A CB   1 
ATOM   1264 C  CG   . ASN A 1 134 ? 14.830  -1.704  6.812   1.00 13.69 ? 218 ASN A CG   1 
ATOM   1265 O  OD1  . ASN A 1 134 ? 15.843  -1.580  7.512   1.00 14.50 ? 218 ASN A OD1  1 
ATOM   1266 N  ND2  . ASN A 1 134 ? 14.732  -1.141  5.602   1.00 14.72 ? 218 ASN A ND2  1 
ATOM   1267 H  H    . ASN A 1 134 ? 11.960  -0.486  8.048   0.00 20.00 ? 218 ASN A H    1 
ATOM   1268 H  HD21 . ASN A 1 134 ? 15.501  -0.689  5.283   0.00 20.00 ? 218 ASN A HD21 1 
ATOM   1269 H  HD22 . ASN A 1 134 ? 13.922  -1.311  5.074   0.00 20.00 ? 218 ASN A HD22 1 
ATOM   1270 N  N    . TYR A 1 135 ? 10.918  -4.004  6.086   1.00 10.32 ? 219 TYR A N    1 
ATOM   1271 C  CA   . TYR A 1 135 ? 9.894   -5.054  6.218   1.00 10.04 ? 219 TYR A CA   1 
ATOM   1272 C  C    . TYR A 1 135 ? 10.179  -6.032  7.410   1.00 10.97 ? 219 TYR A C    1 
ATOM   1273 O  O    . TYR A 1 135 ? 11.381  -6.438  7.685   1.00 11.84 ? 219 TYR A O    1 
ATOM   1274 C  CB   . TYR A 1 135 ? 9.918   -5.900  4.935   1.00 8.60  ? 219 TYR A CB   1 
ATOM   1275 C  CG   . TYR A 1 135 ? 9.013   -7.082  4.961   1.00 7.40  ? 219 TYR A CG   1 
ATOM   1276 C  CD1  . TYR A 1 135 ? 7.667   -6.960  4.624   1.00 7.64  ? 219 TYR A CD1  1 
ATOM   1277 C  CD2  . TYR A 1 135 ? 9.477   -8.330  5.331   1.00 7.19  ? 219 TYR A CD2  1 
ATOM   1278 C  CE1  . TYR A 1 135 ? 6.790   -8.056  4.646   1.00 6.54  ? 219 TYR A CE1  1 
ATOM   1279 C  CE2  . TYR A 1 135 ? 8.622   -9.434  5.370   1.00 7.28  ? 219 TYR A CE2  1 
ATOM   1280 C  CZ   . TYR A 1 135 ? 7.265   -9.297  5.019   1.00 6.97  ? 219 TYR A CZ   1 
ATOM   1281 O  OH   . TYR A 1 135 ? 6.443   -10.433 4.991   1.00 6.95  ? 219 TYR A OH   1 
ATOM   1282 H  H    . TYR A 1 135 ? 11.546  -4.038  5.324   0.00 20.00 ? 219 TYR A H    1 
ATOM   1283 H  HH   . TYR A 1 135 ? 6.860   -11.146 5.257   0.00 20.00 ? 219 TYR A HH   1 
ATOM   1284 N  N    . ALA A 1 136 ? 9.103   -6.476  8.050   1.00 10.90 ? 220 ALA A N    1 
ATOM   1285 C  CA   . ALA A 1 136 ? 9.174   -7.434  9.159   1.00 11.64 ? 220 ALA A CA   1 
ATOM   1286 C  C    . ALA A 1 136 ? 7.820   -8.073  9.165   1.00 12.07 ? 220 ALA A C    1 
ATOM   1287 O  O    . ALA A 1 136 ? 6.805   -7.373  8.943   1.00 12.30 ? 220 ALA A O    1 
ATOM   1288 C  CB   . ALA A 1 136 ? 9.392   -6.734  10.461  1.00 12.49 ? 220 ALA A CB   1 
ATOM   1289 H  H    . ALA A 1 136 ? 8.224   -6.120  7.811   0.00 20.00 ? 220 ALA A H    1 
ATOM   1290 N  N    . PHE A 1 137 ? 7.796   -9.388  9.230   1.00 12.34 ? 221 PHE A N    1 
ATOM   1291 C  CA   . PHE A 1 137 ? 6.516   -10.102 9.254   1.00 12.65 ? 221 PHE A CA   1 
ATOM   1292 C  C    . PHE A 1 137 ? 5.892   -9.960  10.662  1.00 13.24 ? 221 PHE A C    1 
ATOM   1293 O  O    . PHE A 1 137 ? 6.624   -9.898  11.645  1.00 12.70 ? 221 PHE A O    1 
ATOM   1294 C  CB   . PHE A 1 137 ? 6.718   -11.593 8.951   1.00 12.58 ? 221 PHE A CB   1 
ATOM   1295 C  CG   . PHE A 1 137 ? 5.430   -12.398 9.009   1.00 12.25 ? 221 PHE A CG   1 
ATOM   1296 C  CD1  . PHE A 1 137 ? 4.411   -12.183 8.046   1.00 11.96 ? 221 PHE A CD1  1 
ATOM   1297 C  CD2  . PHE A 1 137 ? 5.152   -13.250 10.070  1.00 11.68 ? 221 PHE A CD2  1 
ATOM   1298 C  CE1  . PHE A 1 137 ? 3.142   -12.784 8.123   1.00 10.24 ? 221 PHE A CE1  1 
ATOM   1299 C  CE2  . PHE A 1 137 ? 3.847   -13.856 10.136  1.00 11.85 ? 221 PHE A CE2  1 
ATOM   1300 C  CZ   . PHE A 1 137 ? 2.863   -13.599 9.141   1.00 10.69 ? 221 PHE A CZ   1 
ATOM   1301 H  H    . PHE A 1 137 ? 8.613   -9.894  9.259   0.00 20.00 ? 221 PHE A H    1 
ATOM   1302 N  N    . ARG A 1 138 ? 4.565   -9.788  10.742  1.00 13.74 ? 222 ARG A N    1 
ATOM   1303 C  CA   . ARG A 1 138 ? 3.845   -9.725  12.011  1.00 14.82 ? 222 ARG A CA   1 
ATOM   1304 C  C    . ARG A 1 138 ? 2.566   -10.465 11.717  1.00 15.19 ? 222 ARG A C    1 
ATOM   1305 O  O    . ARG A 1 138 ? 2.137   -10.491 10.575  1.00 15.41 ? 222 ARG A O    1 
ATOM   1306 C  CB   . ARG A 1 138 ? 3.487   -8.293  12.444  1.00 15.49 ? 222 ARG A CB   1 
ATOM   1307 C  CG   . ARG A 1 138 ? 4.157   -7.159  11.663  1.00 16.82 ? 222 ARG A CG   1 
ATOM   1308 C  CD   . ARG A 1 138 ? 5.053   -6.348  12.552  0.00 16.56 ? 222 ARG A CD   1 
ATOM   1309 N  NE   . ARG A 1 138 ? 5.776   -5.291  11.848  0.00 16.64 ? 222 ARG A NE   1 
ATOM   1310 C  CZ   . ARG A 1 138 ? 5.284   -4.085  11.583  0.00 16.61 ? 222 ARG A CZ   1 
ATOM   1311 N  NH1  . ARG A 1 138 ? 4.043   -3.769  11.935  0.00 16.58 ? 222 ARG A NH1  1 
ATOM   1312 N  NH2  . ARG A 1 138 ? 6.077   -3.150  11.078  0.00 16.58 ? 222 ARG A NH2  1 
ATOM   1313 H  H    . ARG A 1 138 ? 4.026   -9.727  9.908   0.00 20.00 ? 222 ARG A H    1 
ATOM   1314 H  HE   . ARG A 1 138 ? 6.677   -5.495  11.523  0.00 20.00 ? 222 ARG A HE   1 
ATOM   1315 H  HH11 . ARG A 1 138 ? 3.462   -4.439  12.390  0.00 20.00 ? 222 ARG A HH11 1 
ATOM   1316 H  HH12 . ARG A 1 138 ? 3.685   -2.855  11.732  0.00 20.00 ? 222 ARG A HH12 1 
ATOM   1317 H  HH21 . ARG A 1 138 ? 7.050   -3.347  10.937  0.00 20.00 ? 222 ARG A HH21 1 
ATOM   1318 H  HH22 . ARG A 1 138 ? 5.726   -2.233  10.908  0.00 20.00 ? 222 ARG A HH22 1 
ATOM   1319 N  N    . GLU A 1 139 ? 1.986   -11.126 12.696  1.00 15.36 ? 223 GLU A N    1 
ATOM   1320 C  CA   . GLU A 1 139 ? 0.748   -11.852 12.469  1.00 16.44 ? 223 GLU A CA   1 
ATOM   1321 C  C    . GLU A 1 139 ? -0.277  -11.034 11.739  1.00 17.18 ? 223 GLU A C    1 
ATOM   1322 O  O    . GLU A 1 139 ? -0.641  -9.947  12.191  1.00 17.20 ? 223 GLU A O    1 
ATOM   1323 C  CB   . GLU A 1 139 ? 0.152   -12.252 13.787  1.00 17.23 ? 223 GLU A CB   1 
ATOM   1324 C  CG   . GLU A 1 139 ? 0.991   -13.233 14.460  1.00 18.25 ? 223 GLU A CG   1 
ATOM   1325 C  CD   . GLU A 1 139 ? 1.349   -14.340 13.522  1.00 19.08 ? 223 GLU A CD   1 
ATOM   1326 O  OE1  . GLU A 1 139 ? 0.469   -14.741 12.724  1.00 20.83 ? 223 GLU A OE1  1 
ATOM   1327 O  OE2  . GLU A 1 139 ? 2.493   -14.819 13.549  1.00 18.73 ? 223 GLU A OE2  1 
ATOM   1328 H  H    . GLU A 1 139 ? 2.425   -11.113 13.569  0.00 20.00 ? 223 GLU A H    1 
ATOM   1329 N  N    . THR A 1 140 ? -0.837  -11.612 10.676  1.00 17.83 ? 224 THR A N    1 
ATOM   1330 C  CA   . THR A 1 140 ? -1.814  -10.883 9.868   1.00 18.54 ? 224 THR A CA   1 
ATOM   1331 C  C    . THR A 1 140 ? -3.268  -11.204 10.121  1.00 19.17 ? 224 THR A C    1 
ATOM   1332 O  O    . THR A 1 140 ? -4.160  -10.480 9.661   1.00 19.46 ? 224 THR A O    1 
ATOM   1333 C  CB   . THR A 1 140 ? -1.523  -11.050 8.335   1.00 18.06 ? 224 THR A CB   1 
ATOM   1334 O  OG1  . THR A 1 140 ? -1.653  -12.431 7.956   1.00 17.77 ? 224 THR A OG1  1 
ATOM   1335 C  CG2  . THR A 1 140 ? -0.133  -10.556 8.006   1.00 17.14 ? 224 THR A CG2  1 
ATOM   1336 H  H    . THR A 1 140 ? -0.568  -12.511 10.429  0.00 20.00 ? 224 THR A H    1 
ATOM   1337 H  HG1  . THR A 1 140 ? -2.542  -12.746 8.162   0.00 20.00 ? 224 THR A HG1  1 
ATOM   1338 N  N    . SER A 1 141 ? -3.558  -12.348 10.710  1.00 20.09 ? 225 SER A N    1 
ATOM   1339 C  CA   . SER A 1 141 ? -4.986  -12.627 10.943  1.00 21.41 ? 225 SER A CA   1 
ATOM   1340 C  C    . SER A 1 141 ? -5.402  -11.647 12.049  1.00 21.41 ? 225 SER A C    1 
ATOM   1341 O  O    . SER A 1 141 ? -4.656  -11.468 12.996  1.00 22.32 ? 225 SER A O    1 
ATOM   1342 C  CB   . SER A 1 141 ? -5.161  -14.074 11.388  1.00 21.70 ? 225 SER A CB   1 
ATOM   1343 O  OG   . SER A 1 141 ? -4.457  -14.307 12.609  1.00 22.90 ? 225 SER A OG   1 
ATOM   1344 H  H    . SER A 1 141 ? -2.882  -13.003 10.964  0.00 20.00 ? 225 SER A H    1 
ATOM   1345 H  HG   . SER A 1 141 ? -4.823  -13.733 13.327  0.00 20.00 ? 225 SER A HG   1 
ATOM   1346 N  N    . ASN A 1 142 ? -6.540  -10.983 11.941  1.00 21.69 ? 226 ASN A N    1 
ATOM   1347 C  CA   . ASN A 1 142 ? -6.923  -10.017 12.981  1.00 21.34 ? 226 ASN A CA   1 
ATOM   1348 C  C    . ASN A 1 142 ? -5.899  -8.905  13.201  1.00 20.51 ? 226 ASN A C    1 
ATOM   1349 O  O    . ASN A 1 142 ? -5.837  -8.322  14.307  1.00 19.88 ? 226 ASN A O    1 
ATOM   1350 C  CB   . ASN A 1 142 ? -7.135  -10.709 14.345  1.00 22.96 ? 226 ASN A CB   1 
ATOM   1351 C  CG   . ASN A 1 142 ? -8.102  -11.873 14.269  1.00 24.10 ? 226 ASN A CG   1 
ATOM   1352 O  OD1  . ASN A 1 142 ? -7.731  -13.031 14.441  1.00 25.32 ? 226 ASN A OD1  1 
ATOM   1353 N  ND2  . ASN A 1 142 ? -9.337  -11.574 13.957  1.00 25.03 ? 226 ASN A ND2  1 
ATOM   1354 H  H    . ASN A 1 142 ? -7.123  -11.123 11.157  0.00 20.00 ? 226 ASN A H    1 
ATOM   1355 H  HD21 . ASN A 1 142 ? -9.989  -12.320 13.869  0.00 20.00 ? 226 ASN A HD21 1 
ATOM   1356 H  HD22 . ASN A 1 142 ? -9.586  -10.643 13.752  0.00 20.00 ? 226 ASN A HD22 1 
ATOM   1357 N  N    . TYR A 1 143 ? -5.108  -8.593  12.172  1.00 19.43 ? 227 TYR A N    1 
ATOM   1358 C  CA   . TYR A 1 143 ? -4.102  -7.548  12.298  1.00 18.43 ? 227 TYR A CA   1 
ATOM   1359 C  C    . TYR A 1 143 ? -4.706  -6.169  12.538  1.00 17.94 ? 227 TYR A C    1 
ATOM   1360 O  O    . TYR A 1 143 ? -5.764  -5.858  12.000  1.00 18.27 ? 227 TYR A O    1 
ATOM   1361 C  CB   . TYR A 1 143 ? -3.257  -7.470  11.029  1.00 18.23 ? 227 TYR A CB   1 
ATOM   1362 C  CG   . TYR A 1 143 ? -2.181  -6.399  11.103  1.00 17.76 ? 227 TYR A CG   1 
ATOM   1363 C  CD1  . TYR A 1 143 ? -0.923  -6.665  11.699  1.00 17.81 ? 227 TYR A CD1  1 
ATOM   1364 C  CD2  . TYR A 1 143 ? -2.376  -5.171  10.510  1.00 17.79 ? 227 TYR A CD2  1 
ATOM   1365 C  CE1  . TYR A 1 143 ? 0.137   -5.710  11.684  1.00 17.49 ? 227 TYR A CE1  1 
ATOM   1366 C  CE2  . TYR A 1 143 ? -1.346  -4.215  10.489  1.00 17.80 ? 227 TYR A CE2  1 
ATOM   1367 C  CZ   . TYR A 1 143 ? -0.088  -4.488  11.076  1.00 17.73 ? 227 TYR A CZ   1 
ATOM   1368 O  OH   . TYR A 1 143 ? 0.896   -3.502  11.051  1.00 17.33 ? 227 TYR A OH   1 
ATOM   1369 H  H    . TYR A 1 143 ? -5.209  -9.060  11.303  0.00 20.00 ? 227 TYR A H    1 
ATOM   1370 H  HH   . TYR A 1 143 ? 1.638   -3.833  11.534  0.00 20.00 ? 227 TYR A HH   1 
ATOM   1371 N  N    . SER A 1 144 ? -4.085  -5.364  13.396  1.00 16.87 ? 228 SER A N    1 
ATOM   1372 C  CA   . SER A 1 144 ? -4.570  -3.996  13.588  1.00 16.07 ? 228 SER A CA   1 
ATOM   1373 C  C    . SER A 1 144 ? -3.382  -3.048  13.546  1.00 14.73 ? 228 SER A C    1 
ATOM   1374 O  O    . SER A 1 144 ? -2.278  -3.440  13.816  1.00 13.40 ? 228 SER A O    1 
ATOM   1375 C  CB   . SER A 1 144 ? -5.376  -3.838  14.877  1.00 16.64 ? 228 SER A CB   1 
ATOM   1376 O  OG   . SER A 1 144 ? -4.636  -4.309  15.968  1.00 18.84 ? 228 SER A OG   1 
ATOM   1377 H  H    . SER A 1 144 ? -3.327  -5.704  13.907  0.00 20.00 ? 228 SER A H    1 
ATOM   1378 H  HG   . SER A 1 144 ? -3.786  -3.783  16.011  0.00 20.00 ? 228 SER A HG   1 
ATOM   1379 N  N    . LEU A 1 145 ? -3.656  -1.808  13.191  1.00 13.72 ? 229 LEU A N    1 
ATOM   1380 C  CA   . LEU A 1 145 ? -2.665  -0.754  13.037  1.00 13.62 ? 229 LEU A CA   1 
ATOM   1381 C  C    . LEU A 1 145 ? -1.919  -0.384  14.330  1.00 13.80 ? 229 LEU A C    1 
ATOM   1382 O  O    . LEU A 1 145 ? -2.561  -0.129  15.376  1.00 13.66 ? 229 LEU A O    1 
ATOM   1383 C  CB   . LEU A 1 145 ? -3.402  0.485   12.520  1.00 13.57 ? 229 LEU A CB   1 
ATOM   1384 C  CG   . LEU A 1 145 ? -2.819  1.471   11.527  1.00 13.30 ? 229 LEU A CG   1 
ATOM   1385 C  CD1  . LEU A 1 145 ? -2.404  0.686   10.314  1.00 13.21 ? 229 LEU A CD1  1 
ATOM   1386 C  CD2  . LEU A 1 145 ? -3.832  2.512   11.187  1.00 12.30 ? 229 LEU A CD2  1 
ATOM   1387 H  H    . LEU A 1 145 ? -4.615  -1.582  13.025  0.00 20.00 ? 229 LEU A H    1 
ATOM   1388 N  N    . PRO A 1 146 ? -0.534  -0.371  14.281  1.00 13.83 ? 230 PRO A N    1 
ATOM   1389 C  CA   . PRO A 1 146 ? 0.223   -0.009  15.485  1.00 12.80 ? 230 PRO A CA   1 
ATOM   1390 C  C    . PRO A 1 146 ? -0.128  1.403   15.909  1.00 12.59 ? 230 PRO A C    1 
ATOM   1391 O  O    . PRO A 1 146 ? -0.469  2.250   15.093  1.00 11.66 ? 230 PRO A O    1 
ATOM   1392 C  CB   . PRO A 1 146 ? 1.661   -0.050  14.993  1.00 13.20 ? 230 PRO A CB   1 
ATOM   1393 C  CG   . PRO A 1 146 ? 1.581   -1.246  14.020  1.00 13.18 ? 230 PRO A CG   1 
ATOM   1394 C  CD   . PRO A 1 146 ? 0.381   -0.854  13.220  1.00 12.91 ? 230 PRO A CD   1 
ATOM   1395 N  N    . GLN A 1 147 ? 0.008   1.693   17.198  1.00 12.42 ? 231 GLN A N    1 
ATOM   1396 C  CA   . GLN A 1 147 ? -0.340  3.022   17.691  1.00 12.93 ? 231 GLN A CA   1 
ATOM   1397 C  C    . GLN A 1 147 ? 0.377   4.192   17.064  1.00 11.87 ? 231 GLN A C    1 
ATOM   1398 O  O    . GLN A 1 147 ? -0.238  5.246   16.827  1.00 11.89 ? 231 GLN A O    1 
ATOM   1399 C  CB   . GLN A 1 147 ? -0.260  3.081   19.227  1.00 14.42 ? 231 GLN A CB   1 
ATOM   1400 C  CG   . GLN A 1 147 ? -1.620  2.750   19.874  1.00 16.56 ? 231 GLN A CG   1 
ATOM   1401 C  CD   . GLN A 1 147 ? -2.495  3.984   19.991  1.00 17.83 ? 231 GLN A CD   1 
ATOM   1402 O  OE1  . GLN A 1 147 ? -3.674  4.026   19.552  1.00 17.39 ? 231 GLN A OE1  1 
ATOM   1403 N  NE2  . GLN A 1 147 ? -1.920  5.013   20.650  1.00 18.87 ? 231 GLN A NE2  1 
ATOM   1404 H  H    . GLN A 1 147 ? 0.394   1.046   17.785  0.00 20.00 ? 231 GLN A H    1 
ATOM   1405 N  N    . ASP A 1 148 ? 1.638   4.027   16.742  1.00 11.12 ? 232 ASP A N    1 
ATOM   1406 C  CA   . ASP A 1 148 ? 2.337   5.132   16.116  1.00 10.96 ? 232 ASP A CA   1 
ATOM   1407 C  C    . ASP A 1 148 ? 1.690   5.547   14.769  1.00 10.34 ? 232 ASP A C    1 
ATOM   1408 O  O    . ASP A 1 148 ? 1.522   6.748   14.505  1.00 9.85  ? 232 ASP A O    1 
ATOM   1409 C  CB   . ASP A 1 148 ? 3.769   4.747   15.878  1.00 12.03 ? 232 ASP A CB   1 
ATOM   1410 C  CG   . ASP A 1 148 ? 4.564   5.865   15.274  1.00 12.99 ? 232 ASP A CG   1 
ATOM   1411 O  OD1  . ASP A 1 148 ? 4.779   6.901   15.960  1.00 13.75 ? 232 ASP A OD1  1 
ATOM   1412 O  OD2  . ASP A 1 148 ? 4.962   5.714   14.095  1.00 12.76 ? 232 ASP A OD2  1 
ATOM   1413 H  H    . ASP A 1 148 ? 2.055   3.144   16.847  0.00 20.00 ? 232 ASP A H    1 
ATOM   1414 N  N    . ASP A 1 149 ? 1.254   4.548   13.971  1.00 9.52  ? 233 ASP A N    1 
ATOM   1415 C  CA   . ASP A 1 149 ? 0.638   4.815   12.651  1.00 8.70  ? 233 ASP A CA   1 
ATOM   1416 C  C    . ASP A 1 149 ? -0.740  5.479   12.812  1.00 8.52  ? 233 ASP A C    1 
ATOM   1417 O  O    . ASP A 1 149 ? -1.122  6.353   12.018  1.00 7.86  ? 233 ASP A O    1 
ATOM   1418 C  CB   . ASP A 1 149 ? 0.509   3.516   11.872  1.00 8.13  ? 233 ASP A CB   1 
ATOM   1419 C  CG   . ASP A 1 149 ? 1.798   2.799   11.758  1.00 8.20  ? 233 ASP A CG   1 
ATOM   1420 O  OD1  . ASP A 1 149 ? 2.555   3.284   10.950  1.00 7.88  ? 233 ASP A OD1  1 
ATOM   1421 O  OD2  . ASP A 1 149 ? 1.995   1.749   12.397  1.00 8.42  ? 233 ASP A OD2  1 
ATOM   1422 H  H    . ASP A 1 149 ? 1.322   3.621   14.260  0.00 20.00 ? 233 ASP A H    1 
ATOM   1423 N  N    . ILE A 1 150 ? -1.489  5.024   13.835  1.00 8.38  ? 234 ILE A N    1 
ATOM   1424 C  CA   . ILE A 1 150 ? -2.786  5.601   14.168  1.00 9.05  ? 234 ILE A CA   1 
ATOM   1425 C  C    . ILE A 1 150 ? -2.514  7.102   14.432  1.00 8.94  ? 234 ILE A C    1 
ATOM   1426 O  O    . ILE A 1 150 ? -3.231  8.001   13.898  1.00 8.97  ? 234 ILE A O    1 
ATOM   1427 C  CB   . ILE A 1 150 ? -3.423  4.909   15.449  1.00 9.22  ? 234 ILE A CB   1 
ATOM   1428 C  CG1  . ILE A 1 150 ? -4.032  3.562   15.061  1.00 9.07  ? 234 ILE A CG1  1 
ATOM   1429 C  CG2  . ILE A 1 150 ? -4.595  5.760   15.982  1.00 8.17  ? 234 ILE A CG2  1 
ATOM   1430 C  CD1  . ILE A 1 150 ? -4.554  2.759   16.274  1.00 9.91  ? 234 ILE A CD1  1 
ATOM   1431 H  H    . ILE A 1 150 ? -1.150  4.258   14.359  0.00 20.00 ? 234 ILE A H    1 
ATOM   1432 N  N    . ASP A 1 151 ? -1.543  7.380   15.291  1.00 8.76  ? 235 ASP A N    1 
ATOM   1433 C  CA   . ASP A 1 151 ? -1.188  8.760   15.582  1.00 9.13  ? 235 ASP A CA   1 
ATOM   1434 C  C    . ASP A 1 151 ? -0.859  9.496   14.264  1.00 9.33  ? 235 ASP A C    1 
ATOM   1435 O  O    . ASP A 1 151 ? -1.252  10.662  14.046  1.00 8.58  ? 235 ASP A O    1 
ATOM   1436 C  CB   . ASP A 1 151 ? 0.058   8.785   16.466  1.00 10.75 ? 235 ASP A CB   1 
ATOM   1437 C  CG   . ASP A 1 151 ? -0.230  8.367   17.952  1.00 11.72 ? 235 ASP A CG   1 
ATOM   1438 O  OD1  . ASP A 1 151 ? -1.477  8.308   18.283  1.00 11.49 ? 235 ASP A OD1  1 
ATOM   1439 O  OD2  . ASP A 1 151 ? 0.784   8.124   18.708  1.00 11.38 ? 235 ASP A OD2  1 
ATOM   1440 H  H    . ASP A 1 151 ? -1.028  6.647   15.691  0.00 20.00 ? 235 ASP A H    1 
ATOM   1441 N  N    . GLY A 1 152 ? -0.196  8.771   13.387  1.00 9.89  ? 236 GLY A N    1 
ATOM   1442 C  CA   . GLY A 1 152 ? 0.189   9.296   12.090  1.00 10.46 ? 236 GLY A CA   1 
ATOM   1443 C  C    . GLY A 1 152 ? -0.953  9.758   11.228  1.00 11.08 ? 236 GLY A C    1 
ATOM   1444 O  O    . GLY A 1 152 ? -0.882  10.919  10.830  1.00 10.59 ? 236 GLY A O    1 
ATOM   1445 H  H    . GLY A 1 152 ? 0.111   7.867   13.630  0.00 20.00 ? 236 GLY A H    1 
ATOM   1446 N  N    . ILE A 1 153 ? -1.968  8.900   10.939  1.00 11.51 ? 237 ILE A N    1 
ATOM   1447 C  CA   . ILE A 1 153 ? -3.109  9.324   10.085  1.00 12.65 ? 237 ILE A CA   1 
ATOM   1448 C  C    . ILE A 1 153 ? -4.018  10.277  10.791  1.00 12.75 ? 237 ILE A C    1 
ATOM   1449 O  O    . ILE A 1 153 ? -4.666  11.140  10.190  1.00 12.68 ? 237 ILE A O    1 
ATOM   1450 C  CB   . ILE A 1 153 ? -4.027  8.194   9.535   1.00 13.09 ? 237 ILE A CB   1 
ATOM   1451 C  CG1  . ILE A 1 153 ? -3.726  6.911   10.215  1.00 14.08 ? 237 ILE A CG1  1 
ATOM   1452 C  CG2  . ILE A 1 153 ? -4.026  8.120   7.998   1.00 13.07 ? 237 ILE A CG2  1 
ATOM   1453 C  CD1  . ILE A 1 153 ? -4.660  6.717   11.360  1.00 15.26 ? 237 ILE A CD1  1 
ATOM   1454 H  H    . ILE A 1 153 ? -1.860  7.966   11.256  0.00 20.00 ? 237 ILE A H    1 
ATOM   1455 N  N    . GLN A 1 154 ? -4.136  10.081  12.086  1.00 12.57 ? 238 GLN A N    1 
ATOM   1456 C  CA   . GLN A 1 154 ? -4.964  10.983  12.804  1.00 13.15 ? 238 GLN A CA   1 
ATOM   1457 C  C    . GLN A 1 154 ? -4.415  12.416  12.743  1.00 12.84 ? 238 GLN A C    1 
ATOM   1458 O  O    . GLN A 1 154 ? -5.149  13.378  12.599  1.00 13.07 ? 238 GLN A O    1 
ATOM   1459 C  CB   . GLN A 1 154 ? -5.226  10.463  14.216  1.00 13.82 ? 238 GLN A CB   1 
ATOM   1460 C  CG   . GLN A 1 154 ? -6.565  11.115  14.642  1.00 16.90 ? 238 GLN A CG   1 
ATOM   1461 C  CD   . GLN A 1 154 ? -7.705  10.200  14.949  1.00 16.65 ? 238 GLN A CD   1 
ATOM   1462 O  OE1  . GLN A 1 154 ? -8.178  10.236  16.071  1.00 19.52 ? 238 GLN A OE1  1 
ATOM   1463 N  NE2  . GLN A 1 154 ? -8.185  9.397   13.991  1.00 16.86 ? 238 GLN A NE2  1 
ATOM   1464 H  H    . GLN A 1 154 ? -3.642  9.398   12.571  0.00 20.00 ? 238 GLN A H    1 
ATOM   1465 N  N    . ALA A 1 155 ? -3.115  12.570  12.781  1.00 12.73 ? 239 ALA A N    1 
ATOM   1466 C  CA   . ALA A 1 155 ? -2.542  13.895  12.714  1.00 12.89 ? 239 ALA A CA   1 
ATOM   1467 C  C    . ALA A 1 155 ? -2.794  14.566  11.375  1.00 13.59 ? 239 ALA A C    1 
ATOM   1468 O  O    . ALA A 1 155 ? -2.655  15.797  11.272  1.00 13.52 ? 239 ALA A O    1 
ATOM   1469 C  CB   . ALA A 1 155 ? -1.051  13.819  12.942  1.00 12.35 ? 239 ALA A CB   1 
ATOM   1470 H  H    . ALA A 1 155 ? -2.535  11.765  12.745  0.00 20.00 ? 239 ALA A H    1 
ATOM   1471 N  N    . ILE A 1 156 ? -3.033  13.778  10.326  1.00 13.96 ? 240 ILE A N    1 
ATOM   1472 C  CA   . ILE A 1 156 ? -3.243  14.374  9.001   1.00 15.12 ? 240 ILE A CA   1 
ATOM   1473 C  C    . ILE A 1 156 ? -4.715  14.707  8.730   1.00 15.98 ? 240 ILE A C    1 
ATOM   1474 O  O    . ILE A 1 156 ? -5.041  15.805  8.276   1.00 15.68 ? 240 ILE A O    1 
ATOM   1475 C  CB   . ILE A 1 156 ? -2.719  13.448  7.898   1.00 14.60 ? 240 ILE A CB   1 
ATOM   1476 C  CG1  . ILE A 1 156 ? -1.239  13.321  8.037   1.00 14.91 ? 240 ILE A CG1  1 
ATOM   1477 C  CG2  . ILE A 1 156 ? -2.911  14.036  6.523   1.00 15.03 ? 240 ILE A CG2  1 
ATOM   1478 C  CD1  . ILE A 1 156 ? -0.731  12.247  7.152   1.00 15.49 ? 240 ILE A CD1  1 
ATOM   1479 H  H    . ILE A 1 156 ? -3.128  12.807  10.448  0.00 20.00 ? 240 ILE A H    1 
ATOM   1480 N  N    . TYR A 1 157 ? -5.581  13.722  8.972   1.00 17.20 ? 241 TYR A N    1 
ATOM   1481 C  CA   . TYR A 1 157 ? -7.017  13.817  8.764   1.00 18.79 ? 241 TYR A CA   1 
ATOM   1482 C  C    . TYR A 1 157 ? -7.647  13.890  10.156  1.00 20.24 ? 241 TYR A C    1 
ATOM   1483 O  O    . TYR A 1 157 ? -7.248  14.684  11.001  1.00 20.86 ? 241 TYR A O    1 
ATOM   1484 C  CB   . TYR A 1 157 ? -7.448  12.542  8.052   1.00 19.02 ? 241 TYR A CB   1 
ATOM   1485 C  CG   . TYR A 1 157 ? -6.768  12.335  6.729   1.00 19.32 ? 241 TYR A CG   1 
ATOM   1486 C  CD1  . TYR A 1 157 ? -7.227  12.988  5.571   1.00 19.64 ? 241 TYR A CD1  1 
ATOM   1487 C  CD2  . TYR A 1 157 ? -5.659  11.522  6.628   1.00 19.43 ? 241 TYR A CD2  1 
ATOM   1488 C  CE1  . TYR A 1 157 ? -6.601  12.842  4.348   1.00 19.69 ? 241 TYR A CE1  1 
ATOM   1489 C  CE2  . TYR A 1 157 ? -5.010  11.366  5.396   1.00 20.12 ? 241 TYR A CE2  1 
ATOM   1490 C  CZ   . TYR A 1 157 ? -5.499  12.045  4.265   1.00 20.15 ? 241 TYR A CZ   1 
ATOM   1491 O  OH   . TYR A 1 157 ? -4.847  12.009  3.069   1.00 20.92 ? 241 TYR A OH   1 
ATOM   1492 H  H    . TYR A 1 157 ? -5.222  12.858  9.315   0.00 20.00 ? 241 TYR A H    1 
ATOM   1493 H  HH   . TYR A 1 157 ? -3.949  11.552  3.241   0.00 20.00 ? 241 TYR A HH   1 
ATOM   1494 N  N    . GLY A 1 158 ? -8.632  13.050  10.416  1.00 21.66 ? 242 GLY A N    1 
ATOM   1495 C  CA   . GLY A 1 158 ? -9.233  13.071  11.727  1.00 22.49 ? 242 GLY A CA   1 
ATOM   1496 C  C    . GLY A 1 158 ? -9.547  11.655  12.089  1.00 23.15 ? 242 GLY A C    1 
ATOM   1497 H  H    . GLY A 1 158 ? -8.914  12.383  9.769   0.00 20.00 ? 242 GLY A H    1 
HETATM 1498 CA CA   . CA  B 2 .   ? -3.577  8.825   -8.676  1.00 9.81  ? 996 CA  A CA   1 
HETATM 1499 CA CA   . CA  C 2 .   ? 13.142  -5.689  -5.563  1.00 7.53  ? 997 CA  A CA   1 
HETATM 1500 ZN ZN   . ZN  D 3 .   ? 6.762   3.018   -9.974  1.00 10.70 ? 998 ZN  A ZN   1 
HETATM 1501 ZN ZN   . ZN  E 3 .   ? 7.982   2.974   2.584   1.00 8.06  ? 999 ZN  A ZN   1 
HETATM 1502 N  N    . 0DY F 4 .   ? 8.560   1.862   -0.061  1.00 12.70 ? 1   0DY A N    1 
HETATM 1503 O  OH   . 0DY F 4 .   ? 7.423   2.116   0.685   1.00 11.87 ? 1   0DY A OH   1 
HETATM 1504 C  C1   . 0DY F 4 .   ? 9.752   1.769   0.542   1.00 13.88 ? 1   0DY A C1   1 
HETATM 1505 O  O1   . 0DY F 4 .   ? 9.902   1.880   1.785   1.00 12.90 ? 1   0DY A O1   1 
HETATM 1506 C  CA   . 0DY F 4 .   ? 10.857  1.145   -0.327  1.00 14.42 ? 1   0DY A CA   1 
HETATM 1507 C  CB   . 0DY F 4 .   ? 12.220  1.898   -0.224  1.00 14.78 ? 1   0DY A CB   1 
HETATM 1508 C  CG   . 0DY F 4 .   ? 13.303  1.548   -1.237  0.00 14.84 ? 1   0DY A CG   1 
HETATM 1509 C  CD1  . 0DY F 4 .   ? 13.288  2.607   -2.317  0.00 14.91 ? 1   0DY A CD1  1 
HETATM 1510 C  CD2  . 0DY F 4 .   ? 14.640  1.506   -0.532  0.00 14.91 ? 1   0DY A CD2  1 
HETATM 1511 C  C    . 0DY F 4 .   ? 11.001  -0.305  0.086   1.00 14.95 ? 1   0DY A C    1 
HETATM 1512 O  O    . 0DY F 4 .   ? 10.598  -1.206  -0.650  1.00 14.61 ? 1   0DY A O    1 
HETATM 1513 N  N1   . 0DY F 4 .   ? 11.561  -0.552  1.258   1.00 16.07 ? 1   0DY A N1   1 
HETATM 1514 C  CA1  . 0DY F 4 .   ? 11.724  -1.936  1.665   1.00 16.97 ? 1   0DY A CA1  1 
HETATM 1515 C  C2   . 0DY F 4 .   ? 10.425  -2.484  2.285   1.00 17.75 ? 1   0DY A C2   1 
HETATM 1516 O  O2   . 0DY F 4 .   ? 10.385  -3.630  2.760   1.00 17.87 ? 1   0DY A O2   1 
HETATM 1517 C  CB1  . 0DY F 4 .   ? 12.898  -2.112  2.613   1.00 16.82 ? 1   0DY A CB1  1 
HETATM 1518 C  CG1  . 0DY F 4 .   ? 13.132  -3.580  2.975   1.00 17.54 ? 1   0DY A CG1  1 
HETATM 1519 O  OD1  . 0DY F 4 .   ? 13.210  -3.910  4.150   1.00 18.37 ? 1   0DY A OD1  1 
HETATM 1520 N  ND2  . 0DY F 4 .   ? 13.287  -4.460  1.965   1.00 16.18 ? 1   0DY A ND2  1 
HETATM 1521 N  N2   . 0DY F 4 .   ? 9.395   -1.634  2.349   1.00 17.94 ? 1   0DY A N2   1 
HETATM 1522 C  CB2  . 0DY F 4 .   ? 8.078   -2.007  2.851   1.00 18.63 ? 1   0DY A CB2  1 
HETATM 1523 C  CG2  . 0DY F 4 .   ? 7.663   -2.344  4.245   1.00 18.78 ? 1   0DY A CG2  1 
HETATM 1524 C  CD11 . 0DY F 4 .   ? 8.286   -1.723  5.357   1.00 18.44 ? 1   0DY A CD11 1 
HETATM 1525 C  CE1  . 0DY F 4 .   ? 7.827   -1.915  6.654   1.00 18.28 ? 1   0DY A CE1  1 
HETATM 1526 C  CD21 . 0DY F 4 .   ? 6.577   -3.194  4.466   1.00 19.14 ? 1   0DY A CD21 1 
HETATM 1527 C  CE2  . 0DY F 4 .   ? 6.115   -3.385  5.767   1.00 19.53 ? 1   0DY A CE2  1 
HETATM 1528 C  CZ   . 0DY F 4 .   ? 6.733   -2.761  6.864   1.00 19.36 ? 1   0DY A CZ   1 
HETATM 1529 N  NE2  . 0DY F 4 .   ? 5.032   -4.120  5.909   1.00 20.83 ? 1   0DY A NE2  1 
HETATM 1530 H  HN   . 0DY F 4 .   ? 8.485   1.417   -0.963  0.00 20.00 ? 1   0DY A HN   1 
HETATM 1531 H  HOH  . 0DY F 4 .   ? 6.655   2.094   0.026   0.00 20.00 ? 1   0DY A HOH  1 
HETATM 1532 H  H    . 0DY F 4 .   ? 11.820  0.154   1.833   0.00 20.00 ? 1   0DY A H    1 
HETATM 1533 H  HD24 . 0DY F 4 .   ? 13.450  -5.392  2.222   0.00 20.00 ? 1   0DY A HD24 1 
HETATM 1534 H  HD25 . 0DY F 4 .   ? 13.260  -4.155  1.046   0.00 20.00 ? 1   0DY A HD25 1 
HETATM 1535 H  HN1  . 0DY F 4 .   ? 9.502   -0.725  2.025   0.00 20.00 ? 1   0DY A HN1  1 
HETATM 1536 H  HE21 . 0DY F 4 .   ? 4.581   -4.465  5.120   0.00 20.00 ? 1   0DY A HE21 1 
HETATM 1537 H  HE22 . 0DY F 4 .   ? 4.696   -4.226  6.826   0.00 20.00 ? 1   0DY A HE22 1 
# 
